data_1UJS
#
_entry.id   1UJS
#
_entity_poly.entity_id   1
_entity_poly.type   'polypeptide(L)'
_entity_poly.pdbx_seq_one_letter_code
;GSSGSSGNAVNWGMREYKIYPYELLLVTTRGRNRLPKDVDRTRLERHLSQEEFYQVFGMTISEFDRLALWKRNELKKQAR
LFSGPSSG
;
_entity_poly.pdbx_strand_id   A
#
# COMPACT_ATOMS: atom_id res chain seq x y z
N GLY A 1 19.98 9.17 -18.17
CA GLY A 1 19.63 7.76 -18.14
C GLY A 1 18.61 7.40 -19.21
N SER A 2 18.25 6.12 -19.25
CA SER A 2 17.28 5.63 -20.22
C SER A 2 15.86 6.06 -19.84
N SER A 3 15.18 6.71 -20.79
CA SER A 3 13.82 7.19 -20.56
C SER A 3 12.84 6.01 -20.53
N GLY A 4 11.63 6.28 -20.02
CA GLY A 4 10.62 5.24 -19.94
C GLY A 4 9.36 5.71 -19.25
N SER A 5 8.21 5.34 -19.80
CA SER A 5 6.92 5.74 -19.22
C SER A 5 6.47 4.73 -18.19
N SER A 6 5.68 5.20 -17.21
CA SER A 6 5.17 4.34 -16.16
C SER A 6 3.78 4.78 -15.72
N GLY A 7 2.95 3.82 -15.34
CA GLY A 7 1.60 4.12 -14.91
C GLY A 7 0.70 2.90 -14.88
N ASN A 8 0.85 2.04 -15.88
CA ASN A 8 0.05 0.82 -15.98
C ASN A 8 -0.25 0.26 -14.58
N ALA A 9 0.82 -0.05 -13.84
CA ALA A 9 0.68 -0.59 -12.50
C ALA A 9 2.03 -0.65 -11.78
N VAL A 10 2.02 -1.20 -10.58
CA VAL A 10 3.25 -1.31 -9.79
C VAL A 10 4.22 -2.29 -10.43
N ASN A 11 3.70 -3.13 -11.33
CA ASN A 11 4.54 -4.11 -12.02
C ASN A 11 5.52 -4.76 -11.06
N TRP A 12 5.16 -4.79 -9.78
CA TRP A 12 6.01 -5.39 -8.76
C TRP A 12 6.49 -6.77 -9.19
N GLY A 13 7.31 -7.40 -8.33
CA GLY A 13 7.83 -8.72 -8.65
C GLY A 13 7.22 -9.79 -7.77
N MET A 14 7.07 -9.49 -6.48
CA MET A 14 6.50 -10.45 -5.54
C MET A 14 5.03 -10.72 -5.84
N ARG A 15 4.30 -9.66 -6.18
CA ARG A 15 2.88 -9.78 -6.50
C ARG A 15 2.42 -8.61 -7.35
N GLU A 16 1.15 -8.64 -7.76
CA GLU A 16 0.58 -7.58 -8.59
C GLU A 16 -0.41 -6.74 -7.79
N TYR A 17 0.05 -5.58 -7.32
CA TYR A 17 -0.81 -4.69 -6.54
C TYR A 17 -1.33 -3.56 -7.41
N LYS A 18 -2.60 -3.66 -7.79
CA LYS A 18 -3.23 -2.64 -8.62
C LYS A 18 -3.17 -1.27 -7.94
N ILE A 19 -3.13 -0.21 -8.74
CA ILE A 19 -3.07 1.15 -8.22
C ILE A 19 -4.44 1.59 -7.71
N TYR A 20 -4.57 1.69 -6.38
CA TYR A 20 -5.81 2.11 -5.76
C TYR A 20 -5.61 3.38 -4.93
N PRO A 21 -6.66 4.21 -4.88
CA PRO A 21 -6.63 5.47 -4.12
C PRO A 21 -6.60 5.24 -2.62
N TYR A 22 -5.82 6.05 -1.91
CA TYR A 22 -5.71 5.93 -0.46
C TYR A 22 -7.09 5.80 0.18
N GLU A 23 -8.00 6.70 -0.21
CA GLU A 23 -9.36 6.68 0.33
C GLU A 23 -9.88 5.25 0.46
N LEU A 24 -10.12 4.61 -0.68
CA LEU A 24 -10.62 3.24 -0.68
C LEU A 24 -9.58 2.27 -0.13
N LEU A 25 -8.32 2.69 -0.16
CA LEU A 25 -7.22 1.86 0.34
C LEU A 25 -7.09 1.99 1.85
N LEU A 26 -8.07 2.63 2.47
CA LEU A 26 -8.07 2.82 3.92
C LEU A 26 -8.36 1.51 4.64
N VAL A 27 -8.17 1.50 5.96
CA VAL A 27 -8.42 0.31 6.77
C VAL A 27 -9.24 0.65 8.00
N THR A 28 -10.23 1.52 7.82
CA THR A 28 -11.10 1.93 8.92
C THR A 28 -11.84 0.73 9.50
N THR A 29 -11.52 0.39 10.75
CA THR A 29 -12.17 -0.74 11.41
C THR A 29 -13.65 -0.80 11.08
N ARG A 30 -14.38 0.24 11.46
CA ARG A 30 -15.81 0.31 11.22
C ARG A 30 -16.17 1.57 10.43
N GLY A 31 -15.24 2.03 9.60
CA GLY A 31 -15.48 3.22 8.82
C GLY A 31 -16.04 2.91 7.44
N ARG A 32 -16.52 1.68 7.27
CA ARG A 32 -17.09 1.25 5.99
C ARG A 32 -16.05 1.36 4.88
N ASN A 33 -14.90 0.73 5.09
CA ASN A 33 -13.83 0.75 4.10
C ASN A 33 -14.31 0.23 2.76
N ARG A 34 -13.67 0.67 1.68
CA ARG A 34 -14.04 0.25 0.34
C ARG A 34 -12.90 -0.49 -0.33
N LEU A 35 -12.14 -1.24 0.46
CA LEU A 35 -11.01 -2.01 -0.05
C LEU A 35 -11.47 -3.06 -1.05
N PRO A 36 -10.82 -3.09 -2.23
CA PRO A 36 -11.16 -4.05 -3.28
C PRO A 36 -10.77 -5.48 -2.92
N LYS A 37 -10.92 -6.38 -3.88
CA LYS A 37 -10.59 -7.78 -3.66
C LYS A 37 -9.24 -8.13 -4.28
N ASP A 38 -8.49 -7.11 -4.67
CA ASP A 38 -7.18 -7.29 -5.27
C ASP A 38 -6.11 -6.53 -4.50
N VAL A 39 -6.45 -6.13 -3.27
CA VAL A 39 -5.51 -5.38 -2.43
C VAL A 39 -4.93 -6.28 -1.35
N ASP A 40 -3.73 -5.93 -0.88
CA ASP A 40 -3.06 -6.70 0.15
C ASP A 40 -3.10 -5.96 1.48
N ARG A 41 -3.87 -6.48 2.43
CA ARG A 41 -3.99 -5.86 3.75
C ARG A 41 -2.62 -5.64 4.37
N THR A 42 -1.61 -6.29 3.82
CA THR A 42 -0.25 -6.17 4.32
C THR A 42 0.58 -5.24 3.45
N ARG A 43 0.17 -5.08 2.19
CA ARG A 43 0.87 -4.22 1.26
C ARG A 43 -0.07 -3.20 0.64
N LEU A 44 -1.09 -2.81 1.40
CA LEU A 44 -2.06 -1.83 0.93
C LEU A 44 -1.39 -0.55 0.46
N GLU A 45 -0.34 -0.14 1.18
CA GLU A 45 0.40 1.06 0.83
C GLU A 45 1.03 0.93 -0.55
N ARG A 46 1.47 -0.28 -0.88
CA ARG A 46 2.09 -0.55 -2.18
C ARG A 46 1.11 -0.30 -3.32
N HIS A 47 -0.18 -0.27 -2.99
CA HIS A 47 -1.21 -0.05 -3.98
C HIS A 47 -1.39 1.44 -4.26
N LEU A 48 -0.65 2.27 -3.52
CA LEU A 48 -0.72 3.72 -3.70
C LEU A 48 0.32 4.20 -4.71
N SER A 49 -0.13 5.00 -5.66
CA SER A 49 0.77 5.53 -6.69
C SER A 49 1.84 6.42 -6.08
N GLN A 50 3.07 6.29 -6.57
CA GLN A 50 4.19 7.08 -6.08
C GLN A 50 3.77 8.51 -5.79
N GLU A 51 2.72 8.96 -6.48
CA GLU A 51 2.22 10.32 -6.30
C GLU A 51 1.44 10.44 -5.00
N GLU A 52 0.54 9.49 -4.76
CA GLU A 52 -0.27 9.49 -3.54
C GLU A 52 0.50 8.88 -2.37
N PHE A 53 1.02 7.68 -2.58
CA PHE A 53 1.77 6.98 -1.54
C PHE A 53 2.64 7.96 -0.75
N TYR A 54 3.06 9.03 -1.41
CA TYR A 54 3.90 10.05 -0.78
C TYR A 54 3.04 11.08 -0.07
N GLN A 55 1.93 11.47 -0.70
CA GLN A 55 1.03 12.45 -0.11
C GLN A 55 0.40 11.93 1.18
N VAL A 56 0.49 10.62 1.38
CA VAL A 56 -0.06 9.99 2.58
C VAL A 56 1.01 9.78 3.63
N PHE A 57 2.05 9.03 3.26
CA PHE A 57 3.14 8.74 4.18
C PHE A 57 4.12 9.92 4.25
N GLY A 58 4.29 10.60 3.12
CA GLY A 58 5.19 11.74 3.07
C GLY A 58 6.56 11.37 2.52
N MET A 59 6.60 10.31 1.71
CA MET A 59 7.85 9.86 1.11
C MET A 59 7.58 8.88 -0.03
N THR A 60 8.64 8.46 -0.71
CA THR A 60 8.52 7.53 -1.83
C THR A 60 8.76 6.10 -1.36
N ILE A 61 7.97 5.17 -1.91
CA ILE A 61 8.11 3.76 -1.56
C ILE A 61 9.56 3.37 -1.39
N SER A 62 10.42 3.90 -2.26
CA SER A 62 11.84 3.59 -2.22
C SER A 62 12.42 3.95 -0.86
N GLU A 63 12.02 5.10 -0.33
CA GLU A 63 12.51 5.56 0.97
C GLU A 63 11.78 4.84 2.10
N PHE A 64 10.50 4.56 1.89
CA PHE A 64 9.69 3.87 2.90
C PHE A 64 10.28 2.50 3.23
N ASP A 65 10.66 1.76 2.19
CA ASP A 65 11.23 0.43 2.37
C ASP A 65 12.57 0.51 3.09
N ARG A 66 13.15 1.72 3.11
CA ARG A 66 14.43 1.92 3.76
C ARG A 66 14.25 2.31 5.23
N LEU A 67 13.00 2.36 5.66
CA LEU A 67 12.68 2.72 7.04
C LEU A 67 12.76 1.49 7.95
N ALA A 68 12.58 1.72 9.26
CA ALA A 68 12.63 0.63 10.22
C ALA A 68 11.29 -0.10 10.30
N LEU A 69 11.35 -1.41 10.45
CA LEU A 69 10.15 -2.23 10.53
C LEU A 69 9.06 -1.52 11.32
N TRP A 70 9.40 -1.09 12.54
CA TRP A 70 8.44 -0.39 13.39
C TRP A 70 7.86 0.83 12.68
N LYS A 71 8.71 1.55 11.95
CA LYS A 71 8.28 2.73 11.22
C LYS A 71 7.37 2.35 10.06
N ARG A 72 7.79 1.36 9.28
CA ARG A 72 7.00 0.90 8.14
C ARG A 72 5.68 0.31 8.60
N ASN A 73 5.67 -0.25 9.80
CA ASN A 73 4.45 -0.85 10.36
C ASN A 73 3.70 0.14 11.23
N GLU A 74 4.39 1.21 11.63
CA GLU A 74 3.79 2.24 12.47
C GLU A 74 3.05 3.27 11.63
N LEU A 75 3.67 3.70 10.53
CA LEU A 75 3.08 4.69 9.65
C LEU A 75 1.76 4.18 9.08
N LYS A 76 1.80 3.01 8.45
CA LYS A 76 0.61 2.40 7.86
C LYS A 76 -0.54 2.42 8.86
N LYS A 77 -0.25 2.10 10.11
CA LYS A 77 -1.27 2.08 11.16
C LYS A 77 -1.91 3.44 11.32
N GLN A 78 -1.11 4.50 11.12
CA GLN A 78 -1.61 5.87 11.24
C GLN A 78 -2.28 6.31 9.96
N ALA A 79 -1.94 5.67 8.85
CA ALA A 79 -2.52 6.00 7.55
C ALA A 79 -3.68 5.09 7.21
N ARG A 80 -4.07 4.25 8.17
CA ARG A 80 -5.16 3.31 7.97
C ARG A 80 -4.87 2.37 6.81
N LEU A 81 -3.59 2.05 6.62
CA LEU A 81 -3.17 1.16 5.54
C LEU A 81 -2.52 -0.11 6.10
N PHE A 82 -2.71 -0.34 7.38
CA PHE A 82 -2.13 -1.50 8.05
C PHE A 82 -3.24 -2.40 8.61
N SER A 83 -3.01 -3.71 8.55
CA SER A 83 -3.98 -4.67 9.04
C SER A 83 -3.39 -5.51 10.16
N GLY A 84 -2.18 -6.03 9.93
CA GLY A 84 -1.52 -6.85 10.93
C GLY A 84 -1.96 -8.30 10.88
N PRO A 85 -1.03 -9.22 11.14
CA PRO A 85 -1.31 -10.66 11.13
C PRO A 85 -2.19 -11.09 12.29
N SER A 86 -3.05 -12.07 12.04
CA SER A 86 -3.96 -12.58 13.06
C SER A 86 -3.26 -12.65 14.42
N SER A 87 -3.75 -11.88 15.38
CA SER A 87 -3.18 -11.86 16.71
C SER A 87 -3.65 -13.07 17.53
N GLY A 88 -4.96 -13.29 17.53
CA GLY A 88 -5.51 -14.41 18.27
C GLY A 88 -5.56 -15.68 17.45
N GLY A 1 10.75 -11.89 -15.28
CA GLY A 1 11.25 -10.60 -14.82
C GLY A 1 11.18 -9.54 -15.90
N SER A 2 10.55 -8.41 -15.58
CA SER A 2 10.41 -7.32 -16.53
C SER A 2 10.26 -5.98 -15.81
N SER A 3 11.22 -5.09 -16.02
CA SER A 3 11.21 -3.78 -15.38
C SER A 3 10.94 -2.69 -16.40
N GLY A 4 9.75 -2.10 -16.33
CA GLY A 4 9.38 -1.04 -17.25
C GLY A 4 9.07 0.27 -16.55
N SER A 5 8.42 1.18 -17.26
CA SER A 5 8.07 2.48 -16.69
C SER A 5 6.89 2.35 -15.72
N SER A 6 6.85 3.23 -14.73
CA SER A 6 5.79 3.22 -13.74
C SER A 6 4.57 3.98 -14.23
N GLY A 7 3.39 3.44 -13.96
CA GLY A 7 2.16 4.08 -14.38
C GLY A 7 0.98 3.13 -14.39
N ASN A 8 0.75 2.47 -15.53
CA ASN A 8 -0.35 1.53 -15.67
C ASN A 8 -0.58 0.78 -14.36
N ALA A 9 0.48 0.22 -13.80
CA ALA A 9 0.39 -0.53 -12.55
C ALA A 9 1.78 -0.89 -12.03
N VAL A 10 1.91 -0.94 -10.71
CA VAL A 10 3.18 -1.27 -10.07
C VAL A 10 3.93 -2.32 -10.88
N ASN A 11 5.23 -2.09 -11.07
CA ASN A 11 6.07 -3.02 -11.82
C ASN A 11 6.62 -4.11 -10.92
N TRP A 12 5.88 -4.43 -9.86
CA TRP A 12 6.30 -5.46 -8.92
C TRP A 12 6.23 -6.84 -9.56
N GLY A 13 7.37 -7.53 -9.60
CA GLY A 13 7.41 -8.86 -10.18
C GLY A 13 6.82 -9.92 -9.27
N MET A 14 7.03 -9.76 -7.97
CA MET A 14 6.51 -10.72 -6.99
C MET A 14 5.00 -10.83 -7.11
N ARG A 15 4.33 -9.68 -7.22
CA ARG A 15 2.87 -9.66 -7.33
C ARG A 15 2.41 -8.44 -8.12
N GLU A 16 1.10 -8.34 -8.34
CA GLU A 16 0.53 -7.22 -9.08
C GLU A 16 -0.48 -6.47 -8.23
N TYR A 17 -0.08 -5.32 -7.70
CA TYR A 17 -0.94 -4.50 -6.86
C TYR A 17 -1.57 -3.38 -7.68
N LYS A 18 -2.84 -3.55 -8.04
CA LYS A 18 -3.55 -2.55 -8.82
C LYS A 18 -3.53 -1.20 -8.12
N ILE A 19 -3.23 -0.15 -8.87
CA ILE A 19 -3.18 1.20 -8.33
C ILE A 19 -4.54 1.63 -7.78
N TYR A 20 -4.62 1.74 -6.46
CA TYR A 20 -5.87 2.13 -5.81
C TYR A 20 -5.67 3.39 -4.98
N PRO A 21 -6.72 4.22 -4.89
CA PRO A 21 -6.68 5.46 -4.12
C PRO A 21 -6.64 5.23 -2.62
N TYR A 22 -5.88 6.05 -1.91
CA TYR A 22 -5.75 5.92 -0.47
C TYR A 22 -7.12 5.82 0.20
N GLU A 23 -8.04 6.69 -0.22
CA GLU A 23 -9.39 6.69 0.33
C GLU A 23 -9.92 5.27 0.48
N LEU A 24 -10.13 4.61 -0.65
CA LEU A 24 -10.64 3.24 -0.66
C LEU A 24 -9.60 2.27 -0.11
N LEU A 25 -8.34 2.68 -0.14
CA LEU A 25 -7.25 1.85 0.36
C LEU A 25 -7.12 1.97 1.87
N LEU A 26 -8.10 2.62 2.49
CA LEU A 26 -8.10 2.81 3.94
C LEU A 26 -8.38 1.49 4.66
N VAL A 27 -8.15 1.48 5.97
CA VAL A 27 -8.38 0.29 6.78
C VAL A 27 -9.18 0.62 8.03
N THR A 28 -10.13 1.54 7.90
CA THR A 28 -10.96 1.95 9.03
C THR A 28 -11.63 0.74 9.68
N THR A 29 -11.36 0.54 10.96
CA THR A 29 -11.94 -0.58 11.70
C THR A 29 -13.47 -0.53 11.65
N ARG A 30 -14.04 0.58 12.11
CA ARG A 30 -15.49 0.74 12.12
C ARG A 30 -15.97 1.42 10.84
N GLY A 31 -15.16 2.35 10.34
CA GLY A 31 -15.52 3.06 9.11
C GLY A 31 -15.85 2.11 7.98
N ARG A 32 -16.59 2.62 6.99
CA ARG A 32 -16.97 1.82 5.84
C ARG A 32 -15.87 1.80 4.79
N ASN A 33 -14.87 0.95 5.01
CA ASN A 33 -13.74 0.83 4.08
C ASN A 33 -14.22 0.34 2.72
N ARG A 34 -13.53 0.77 1.67
CA ARG A 34 -13.87 0.37 0.31
C ARG A 34 -12.72 -0.41 -0.33
N LEU A 35 -12.08 -1.27 0.45
CA LEU A 35 -10.97 -2.07 -0.04
C LEU A 35 -11.45 -3.10 -1.05
N PRO A 36 -10.82 -3.13 -2.23
CA PRO A 36 -11.16 -4.06 -3.30
C PRO A 36 -10.78 -5.49 -2.96
N LYS A 37 -10.94 -6.39 -3.94
CA LYS A 37 -10.61 -7.80 -3.74
C LYS A 37 -9.26 -8.14 -4.38
N ASP A 38 -8.53 -7.11 -4.77
CA ASP A 38 -7.22 -7.29 -5.40
C ASP A 38 -6.14 -6.53 -4.63
N VAL A 39 -6.45 -6.15 -3.40
CA VAL A 39 -5.51 -5.41 -2.56
C VAL A 39 -4.89 -6.33 -1.51
N ASP A 40 -3.68 -5.96 -1.06
CA ASP A 40 -2.97 -6.75 -0.06
C ASP A 40 -2.98 -6.03 1.29
N ARG A 41 -3.76 -6.55 2.24
CA ARG A 41 -3.85 -5.96 3.57
C ARG A 41 -2.46 -5.72 4.15
N THR A 42 -1.47 -6.38 3.58
CA THR A 42 -0.09 -6.25 4.05
C THR A 42 0.71 -5.32 3.13
N ARG A 43 0.25 -5.18 1.89
CA ARG A 43 0.92 -4.32 0.93
C ARG A 43 -0.02 -3.24 0.40
N LEU A 44 -1.02 -2.89 1.20
CA LEU A 44 -2.00 -1.88 0.82
C LEU A 44 -1.30 -0.60 0.36
N GLU A 45 -0.27 -0.21 1.11
CA GLU A 45 0.47 1.00 0.79
C GLU A 45 1.09 0.91 -0.61
N ARG A 46 1.47 -0.30 -1.00
CA ARG A 46 2.07 -0.52 -2.31
C ARG A 46 1.06 -0.25 -3.43
N HIS A 47 -0.22 -0.29 -3.07
CA HIS A 47 -1.28 -0.03 -4.04
C HIS A 47 -1.45 1.46 -4.29
N LEU A 48 -0.68 2.26 -3.58
CA LEU A 48 -0.74 3.72 -3.71
C LEU A 48 0.29 4.21 -4.72
N SER A 49 -0.16 5.02 -5.68
CA SER A 49 0.71 5.56 -6.71
C SER A 49 1.79 6.45 -6.08
N GLN A 50 3.01 6.33 -6.58
CA GLN A 50 4.12 7.13 -6.08
C GLN A 50 3.69 8.55 -5.79
N GLU A 51 2.64 9.00 -6.47
CA GLU A 51 2.12 10.34 -6.29
C GLU A 51 1.34 10.45 -4.98
N GLU A 52 0.47 9.48 -4.74
CA GLU A 52 -0.33 9.47 -3.51
C GLU A 52 0.45 8.87 -2.35
N PHE A 53 0.98 7.67 -2.56
CA PHE A 53 1.74 6.98 -1.52
C PHE A 53 2.60 7.97 -0.74
N TYR A 54 3.04 9.03 -1.41
CA TYR A 54 3.87 10.05 -0.78
C TYR A 54 3.01 11.08 -0.07
N GLN A 55 1.91 11.45 -0.69
CA GLN A 55 0.99 12.44 -0.11
C GLN A 55 0.37 11.92 1.18
N VAL A 56 0.46 10.60 1.39
CA VAL A 56 -0.09 9.98 2.58
C VAL A 56 1.00 9.76 3.63
N PHE A 57 2.04 9.03 3.26
CA PHE A 57 3.13 8.74 4.18
C PHE A 57 4.12 9.92 4.23
N GLY A 58 4.27 10.60 3.10
CA GLY A 58 5.18 11.73 3.05
C GLY A 58 6.53 11.37 2.48
N MET A 59 6.57 10.29 1.69
CA MET A 59 7.81 9.84 1.08
C MET A 59 7.54 8.85 -0.04
N THR A 60 8.59 8.43 -0.74
CA THR A 60 8.47 7.49 -1.84
C THR A 60 8.72 6.06 -1.36
N ILE A 61 7.95 5.12 -1.90
CA ILE A 61 8.09 3.72 -1.53
C ILE A 61 9.56 3.35 -1.37
N SER A 62 10.41 3.88 -2.25
CA SER A 62 11.83 3.59 -2.20
C SER A 62 12.41 3.97 -0.84
N GLU A 63 12.00 5.13 -0.32
CA GLU A 63 12.47 5.60 0.97
C GLU A 63 11.76 4.88 2.11
N PHE A 64 10.49 4.57 1.91
CA PHE A 64 9.69 3.89 2.92
C PHE A 64 10.30 2.53 3.25
N ASP A 65 10.61 1.76 2.22
CA ASP A 65 11.20 0.43 2.39
C ASP A 65 12.54 0.52 3.12
N ARG A 66 13.10 1.72 3.13
CA ARG A 66 14.39 1.94 3.78
C ARG A 66 14.21 2.33 5.25
N LEU A 67 12.96 2.32 5.70
CA LEU A 67 12.64 2.68 7.07
C LEU A 67 12.75 1.46 7.99
N ALA A 68 12.53 1.66 9.28
CA ALA A 68 12.59 0.58 10.25
C ALA A 68 11.27 -0.17 10.34
N LEU A 69 11.35 -1.49 10.46
CA LEU A 69 10.16 -2.33 10.54
C LEU A 69 9.06 -1.64 11.36
N TRP A 70 9.43 -1.13 12.53
CA TRP A 70 8.49 -0.44 13.41
C TRP A 70 7.90 0.77 12.71
N LYS A 71 8.74 1.51 11.98
CA LYS A 71 8.31 2.69 11.26
C LYS A 71 7.39 2.32 10.10
N ARG A 72 7.78 1.31 9.34
CA ARG A 72 6.99 0.85 8.20
C ARG A 72 5.65 0.29 8.66
N ASN A 73 5.61 -0.24 9.88
CA ASN A 73 4.38 -0.80 10.43
C ASN A 73 3.65 0.22 11.29
N GLU A 74 4.37 1.26 11.70
CA GLU A 74 3.78 2.31 12.54
C GLU A 74 3.08 3.34 11.68
N LEU A 75 3.71 3.73 10.58
CA LEU A 75 3.15 4.71 9.67
C LEU A 75 1.84 4.22 9.07
N LYS A 76 1.88 3.03 8.48
CA LYS A 76 0.69 2.43 7.87
C LYS A 76 -0.50 2.46 8.85
N LYS A 77 -0.21 2.17 10.11
CA LYS A 77 -1.25 2.16 11.14
C LYS A 77 -1.89 3.54 11.28
N GLN A 78 -1.08 4.59 11.11
CA GLN A 78 -1.57 5.96 11.21
C GLN A 78 -2.23 6.40 9.92
N ALA A 79 -1.95 5.68 8.84
CA ALA A 79 -2.52 6.00 7.53
C ALA A 79 -3.66 5.05 7.19
N ARG A 80 -4.10 4.27 8.18
CA ARG A 80 -5.18 3.32 7.97
C ARG A 80 -4.87 2.37 6.82
N LEU A 81 -3.59 2.08 6.64
CA LEU A 81 -3.15 1.18 5.56
C LEU A 81 -2.49 -0.06 6.14
N PHE A 82 -2.66 -0.28 7.44
CA PHE A 82 -2.08 -1.43 8.12
C PHE A 82 -3.17 -2.34 8.67
N SER A 83 -2.98 -3.65 8.52
CA SER A 83 -3.96 -4.62 9.01
C SER A 83 -3.28 -5.69 9.85
N GLY A 84 -2.10 -6.13 9.39
CA GLY A 84 -1.36 -7.15 10.12
C GLY A 84 -1.39 -8.50 9.41
N PRO A 85 -0.24 -9.15 9.34
CA PRO A 85 -0.10 -10.46 8.70
C PRO A 85 -0.80 -11.57 9.48
N SER A 86 -1.12 -12.67 8.78
CA SER A 86 -1.79 -13.80 9.41
C SER A 86 -1.26 -15.12 8.86
N SER A 87 -0.92 -16.03 9.76
CA SER A 87 -0.40 -17.33 9.38
C SER A 87 -1.50 -18.38 9.35
N GLY A 88 -1.65 -19.05 8.22
CA GLY A 88 -2.67 -20.07 8.09
C GLY A 88 -2.44 -20.98 6.89
N GLY A 1 10.87 -4.22 -14.59
CA GLY A 1 11.06 -3.09 -15.49
C GLY A 1 9.99 -2.03 -15.32
N SER A 2 10.23 -0.86 -15.91
CA SER A 2 9.29 0.25 -15.82
C SER A 2 8.82 0.68 -17.21
N SER A 3 7.58 1.16 -17.29
CA SER A 3 7.03 1.60 -18.57
C SER A 3 7.72 2.87 -19.06
N GLY A 4 7.74 3.89 -18.20
CA GLY A 4 8.38 5.15 -18.56
C GLY A 4 7.61 6.35 -18.05
N SER A 5 6.48 6.64 -18.68
CA SER A 5 5.66 7.78 -18.29
C SER A 5 4.32 7.32 -17.73
N SER A 6 3.56 6.60 -18.54
CA SER A 6 2.26 6.10 -18.13
C SER A 6 2.40 4.92 -17.18
N GLY A 7 1.91 5.08 -15.95
CA GLY A 7 2.00 4.02 -14.97
C GLY A 7 0.85 3.04 -15.06
N ASN A 8 1.08 1.88 -15.64
CA ASN A 8 0.05 0.86 -15.80
C ASN A 8 -0.22 0.17 -14.46
N ALA A 9 0.84 -0.21 -13.78
CA ALA A 9 0.72 -0.87 -12.49
C ALA A 9 2.08 -1.08 -11.83
N VAL A 10 2.11 -1.03 -10.50
CA VAL A 10 3.36 -1.20 -9.76
C VAL A 10 4.30 -2.17 -10.46
N ASN A 11 5.57 -1.81 -10.53
CA ASN A 11 6.57 -2.65 -11.19
C ASN A 11 7.11 -3.70 -10.21
N TRP A 12 6.27 -4.13 -9.28
CA TRP A 12 6.67 -5.12 -8.30
C TRP A 12 6.87 -6.48 -8.95
N GLY A 13 7.16 -7.50 -8.13
CA GLY A 13 7.37 -8.84 -8.65
C GLY A 13 6.62 -9.88 -7.87
N MET A 14 6.74 -9.85 -6.54
CA MET A 14 6.07 -10.80 -5.68
C MET A 14 4.60 -10.96 -6.09
N ARG A 15 3.96 -9.84 -6.40
CA ARG A 15 2.56 -9.86 -6.80
C ARG A 15 2.21 -8.62 -7.64
N GLU A 16 0.98 -8.55 -8.09
CA GLU A 16 0.52 -7.42 -8.90
C GLU A 16 -0.47 -6.56 -8.12
N TYR A 17 0.05 -5.56 -7.41
CA TYR A 17 -0.79 -4.68 -6.62
C TYR A 17 -1.35 -3.55 -7.49
N LYS A 18 -2.63 -3.66 -7.83
CA LYS A 18 -3.29 -2.65 -8.65
C LYS A 18 -3.26 -1.29 -7.98
N ILE A 19 -3.13 -0.24 -8.79
CA ILE A 19 -3.09 1.12 -8.27
C ILE A 19 -4.45 1.56 -7.73
N TYR A 20 -4.56 1.65 -6.42
CA TYR A 20 -5.81 2.06 -5.78
C TYR A 20 -5.61 3.31 -4.94
N PRO A 21 -6.67 4.14 -4.86
CA PRO A 21 -6.63 5.38 -4.09
C PRO A 21 -6.59 5.13 -2.58
N TYR A 22 -5.90 6.02 -1.87
CA TYR A 22 -5.77 5.90 -0.42
C TYR A 22 -7.14 5.82 0.25
N GLU A 23 -8.07 6.64 -0.22
CA GLU A 23 -9.42 6.66 0.33
C GLU A 23 -9.97 5.25 0.47
N LEU A 24 -10.12 4.56 -0.65
CA LEU A 24 -10.64 3.19 -0.65
C LEU A 24 -9.62 2.23 -0.06
N LEU A 25 -8.36 2.63 -0.07
CA LEU A 25 -7.28 1.80 0.46
C LEU A 25 -7.16 1.96 1.98
N LEU A 26 -8.15 2.61 2.57
CA LEU A 26 -8.17 2.83 4.02
C LEU A 26 -8.44 1.53 4.76
N VAL A 27 -8.24 1.56 6.08
CA VAL A 27 -8.46 0.39 6.91
C VAL A 27 -9.24 0.74 8.17
N THR A 28 -9.65 2.00 8.26
CA THR A 28 -10.40 2.48 9.43
C THR A 28 -11.59 1.57 9.72
N THR A 29 -11.59 0.98 10.92
CA THR A 29 -12.67 0.09 11.32
C THR A 29 -14.01 0.79 11.27
N ARG A 30 -14.18 1.80 12.12
CA ARG A 30 -15.43 2.56 12.17
C ARG A 30 -15.59 3.43 10.92
N GLY A 31 -14.61 3.35 10.03
CA GLY A 31 -14.67 4.13 8.79
C GLY A 31 -15.21 3.32 7.63
N ARG A 32 -15.13 3.90 6.43
CA ARG A 32 -15.62 3.24 5.24
C ARG A 32 -14.48 2.53 4.50
N ASN A 33 -14.36 1.22 4.74
CA ASN A 33 -13.31 0.43 4.10
C ASN A 33 -13.83 -0.23 2.83
N ARG A 34 -13.56 0.39 1.68
CA ARG A 34 -14.00 -0.15 0.40
C ARG A 34 -12.85 -0.89 -0.30
N LEU A 35 -11.96 -1.45 0.50
CA LEU A 35 -10.82 -2.20 -0.04
C LEU A 35 -11.29 -3.27 -1.02
N PRO A 36 -10.65 -3.31 -2.20
CA PRO A 36 -10.99 -4.28 -3.25
C PRO A 36 -10.58 -5.69 -2.87
N LYS A 37 -10.74 -6.62 -3.82
CA LYS A 37 -10.39 -8.02 -3.58
C LYS A 37 -9.04 -8.34 -4.20
N ASP A 38 -8.32 -7.31 -4.65
CA ASP A 38 -7.02 -7.50 -5.26
C ASP A 38 -5.95 -6.70 -4.51
N VAL A 39 -6.26 -6.30 -3.28
CA VAL A 39 -5.34 -5.54 -2.46
C VAL A 39 -4.71 -6.42 -1.37
N ASP A 40 -3.54 -6.01 -0.90
CA ASP A 40 -2.84 -6.75 0.14
C ASP A 40 -2.89 -6.01 1.48
N ARG A 41 -3.68 -6.53 2.41
CA ARG A 41 -3.82 -5.91 3.72
C ARG A 41 -2.45 -5.65 4.34
N THR A 42 -1.43 -6.32 3.81
CA THR A 42 -0.07 -6.15 4.31
C THR A 42 0.76 -5.24 3.41
N ARG A 43 0.30 -5.07 2.17
CA ARG A 43 0.99 -4.22 1.22
C ARG A 43 0.04 -3.20 0.60
N LEU A 44 -0.99 -2.83 1.36
CA LEU A 44 -1.98 -1.86 0.90
C LEU A 44 -1.31 -0.57 0.44
N GLU A 45 -0.26 -0.16 1.16
CA GLU A 45 0.47 1.05 0.80
C GLU A 45 1.09 0.93 -0.58
N ARG A 46 1.51 -0.28 -0.93
CA ARG A 46 2.13 -0.52 -2.23
C ARG A 46 1.13 -0.28 -3.37
N HIS A 47 -0.15 -0.27 -3.02
CA HIS A 47 -1.21 -0.05 -4.00
C HIS A 47 -1.40 1.44 -4.27
N LEU A 48 -0.66 2.26 -3.54
CA LEU A 48 -0.75 3.71 -3.69
C LEU A 48 0.28 4.21 -4.70
N SER A 49 -0.19 5.00 -5.67
CA SER A 49 0.70 5.54 -6.70
C SER A 49 1.77 6.43 -6.08
N GLN A 50 2.98 6.32 -6.60
CA GLN A 50 4.10 7.11 -6.10
C GLN A 50 3.67 8.55 -5.81
N GLU A 51 2.61 8.99 -6.47
CA GLU A 51 2.09 10.33 -6.28
C GLU A 51 1.32 10.45 -4.96
N GLU A 52 0.44 9.48 -4.72
CA GLU A 52 -0.35 9.48 -3.50
C GLU A 52 0.43 8.87 -2.34
N PHE A 53 0.97 7.67 -2.56
CA PHE A 53 1.74 6.98 -1.53
C PHE A 53 2.60 7.97 -0.74
N TYR A 54 3.03 9.03 -1.41
CA TYR A 54 3.86 10.05 -0.78
C TYR A 54 3.01 11.09 -0.06
N GLN A 55 1.89 11.46 -0.70
CA GLN A 55 0.98 12.44 -0.12
C GLN A 55 0.36 11.93 1.17
N VAL A 56 0.47 10.62 1.39
CA VAL A 56 -0.08 9.99 2.59
C VAL A 56 1.00 9.77 3.64
N PHE A 57 2.03 9.02 3.26
CA PHE A 57 3.14 8.73 4.17
C PHE A 57 4.12 9.90 4.22
N GLY A 58 4.26 10.60 3.10
CA GLY A 58 5.17 11.74 3.05
C GLY A 58 6.53 11.37 2.49
N MET A 59 6.56 10.29 1.69
CA MET A 59 7.81 9.83 1.10
C MET A 59 7.54 8.85 -0.04
N THR A 60 8.60 8.42 -0.71
CA THR A 60 8.47 7.48 -1.82
C THR A 60 8.74 6.05 -1.36
N ILE A 61 7.97 5.11 -1.90
CA ILE A 61 8.12 3.70 -1.54
C ILE A 61 9.59 3.33 -1.38
N SER A 62 10.44 3.88 -2.25
CA SER A 62 11.87 3.61 -2.21
C SER A 62 12.45 3.97 -0.84
N GLU A 63 12.02 5.12 -0.31
CA GLU A 63 12.50 5.57 0.99
C GLU A 63 11.78 4.85 2.13
N PHE A 64 10.50 4.55 1.91
CA PHE A 64 9.69 3.87 2.91
C PHE A 64 10.30 2.50 3.24
N ASP A 65 10.58 1.72 2.22
CA ASP A 65 11.15 0.39 2.40
C ASP A 65 12.50 0.47 3.11
N ARG A 66 13.10 1.66 3.09
CA ARG A 66 14.39 1.88 3.74
C ARG A 66 14.21 2.28 5.19
N LEU A 67 12.95 2.32 5.64
CA LEU A 67 12.65 2.69 7.02
C LEU A 67 12.76 1.48 7.95
N ALA A 68 12.53 1.71 9.23
CA ALA A 68 12.60 0.64 10.23
C ALA A 68 11.28 -0.13 10.30
N LEU A 69 11.38 -1.45 10.43
CA LEU A 69 10.19 -2.30 10.51
C LEU A 69 9.09 -1.62 11.31
N TRP A 70 9.45 -1.13 12.49
CA TRP A 70 8.48 -0.45 13.35
C TRP A 70 7.88 0.76 12.66
N LYS A 71 8.72 1.50 11.94
CA LYS A 71 8.27 2.69 11.23
C LYS A 71 7.36 2.31 10.06
N ARG A 72 7.77 1.30 9.30
CA ARG A 72 6.99 0.84 8.16
C ARG A 72 5.65 0.28 8.61
N ASN A 73 5.61 -0.25 9.84
CA ASN A 73 4.39 -0.82 10.38
C ASN A 73 3.64 0.20 11.23
N GLU A 74 4.35 1.24 11.67
CA GLU A 74 3.76 2.28 12.49
C GLU A 74 3.05 3.32 11.62
N LEU A 75 3.68 3.71 10.53
CA LEU A 75 3.11 4.69 9.62
C LEU A 75 1.78 4.20 9.05
N LYS A 76 1.80 3.01 8.46
CA LYS A 76 0.60 2.44 7.88
C LYS A 76 -0.56 2.47 8.89
N LYS A 77 -0.25 2.19 10.14
CA LYS A 77 -1.26 2.18 11.20
C LYS A 77 -1.89 3.56 11.35
N GLN A 78 -1.09 4.60 11.13
CA GLN A 78 -1.59 5.97 11.23
C GLN A 78 -2.25 6.41 9.93
N ALA A 79 -1.95 5.71 8.84
CA ALA A 79 -2.52 6.03 7.54
C ALA A 79 -3.68 5.11 7.21
N ARG A 80 -4.12 4.34 8.20
CA ARG A 80 -5.22 3.40 8.01
C ARG A 80 -4.94 2.44 6.87
N LEU A 81 -3.66 2.11 6.68
CA LEU A 81 -3.26 1.21 5.61
C LEU A 81 -2.62 -0.06 6.18
N PHE A 82 -2.75 -0.23 7.49
CA PHE A 82 -2.19 -1.41 8.16
C PHE A 82 -3.30 -2.32 8.69
N SER A 83 -3.05 -3.63 8.63
CA SER A 83 -4.04 -4.60 9.08
C SER A 83 -3.43 -5.50 10.16
N GLY A 84 -2.23 -6.00 9.91
CA GLY A 84 -1.57 -6.86 10.87
C GLY A 84 -1.50 -8.31 10.40
N PRO A 85 -0.40 -8.66 9.74
CA PRO A 85 -0.19 -10.02 9.22
C PRO A 85 0.04 -11.03 10.34
N SER A 86 0.07 -12.32 9.98
CA SER A 86 0.27 -13.38 10.95
C SER A 86 1.36 -14.34 10.48
N SER A 87 1.64 -15.35 11.30
CA SER A 87 2.66 -16.33 10.98
C SER A 87 2.04 -17.66 10.58
N GLY A 88 1.07 -18.12 11.37
CA GLY A 88 0.40 -19.36 11.08
C GLY A 88 -0.34 -19.92 12.28
N GLY A 1 6.61 -18.99 -12.88
CA GLY A 1 5.38 -18.94 -13.64
C GLY A 1 5.36 -17.82 -14.65
N SER A 2 4.22 -17.61 -15.28
CA SER A 2 4.07 -16.56 -16.28
C SER A 2 3.56 -15.27 -15.64
N SER A 3 4.00 -14.13 -16.18
CA SER A 3 3.59 -12.83 -15.67
C SER A 3 3.06 -11.95 -16.78
N GLY A 4 1.94 -11.27 -16.50
CA GLY A 4 1.35 -10.39 -17.50
C GLY A 4 1.04 -9.02 -16.95
N SER A 5 2.08 -8.32 -16.49
CA SER A 5 1.91 -6.98 -15.93
C SER A 5 2.23 -5.92 -16.97
N SER A 6 1.25 -5.60 -17.81
CA SER A 6 1.43 -4.61 -18.85
C SER A 6 0.44 -3.46 -18.69
N GLY A 7 0.95 -2.24 -18.69
CA GLY A 7 0.10 -1.08 -18.53
C GLY A 7 0.45 -0.26 -17.30
N ASN A 8 -0.40 0.71 -16.97
CA ASN A 8 -0.18 1.56 -15.81
C ASN A 8 -0.45 0.80 -14.51
N ALA A 9 0.59 0.18 -13.97
CA ALA A 9 0.47 -0.57 -12.73
C ALA A 9 1.83 -0.96 -12.18
N VAL A 10 1.98 -0.91 -10.86
CA VAL A 10 3.23 -1.26 -10.21
C VAL A 10 3.94 -2.38 -10.96
N ASN A 11 5.23 -2.18 -11.21
CA ASN A 11 6.04 -3.18 -11.90
C ASN A 11 6.87 -4.00 -10.93
N TRP A 12 6.39 -4.10 -9.70
CA TRP A 12 7.09 -4.86 -8.67
C TRP A 12 7.58 -6.20 -9.21
N GLY A 13 6.64 -7.06 -9.57
CA GLY A 13 7.00 -8.37 -10.11
C GLY A 13 6.36 -9.51 -9.33
N MET A 14 6.73 -9.65 -8.07
CA MET A 14 6.19 -10.71 -7.23
C MET A 14 4.68 -10.81 -7.39
N ARG A 15 3.99 -9.69 -7.25
CA ARG A 15 2.55 -9.66 -7.39
C ARG A 15 2.10 -8.49 -8.27
N GLU A 16 0.79 -8.33 -8.43
CA GLU A 16 0.25 -7.25 -9.24
C GLU A 16 -0.73 -6.39 -8.43
N TYR A 17 -0.19 -5.34 -7.81
CA TYR A 17 -1.00 -4.45 -7.01
C TYR A 17 -1.56 -3.30 -7.85
N LYS A 18 -2.86 -3.37 -8.17
CA LYS A 18 -3.51 -2.35 -8.96
C LYS A 18 -3.49 -1.01 -8.24
N ILE A 19 -3.11 0.04 -8.96
CA ILE A 19 -3.06 1.38 -8.39
C ILE A 19 -4.43 1.81 -7.86
N TYR A 20 -4.54 1.92 -6.55
CA TYR A 20 -5.79 2.32 -5.92
C TYR A 20 -5.59 3.56 -5.05
N PRO A 21 -6.64 4.38 -4.95
CA PRO A 21 -6.62 5.61 -4.15
C PRO A 21 -6.58 5.34 -2.65
N TYR A 22 -5.82 6.16 -1.93
CA TYR A 22 -5.70 5.99 -0.49
C TYR A 22 -7.07 5.88 0.17
N GLU A 23 -7.99 6.74 -0.22
CA GLU A 23 -9.34 6.73 0.32
C GLU A 23 -9.87 5.31 0.42
N LEU A 24 -10.07 4.68 -0.72
CA LEU A 24 -10.59 3.31 -0.76
C LEU A 24 -9.55 2.32 -0.23
N LEU A 25 -8.28 2.74 -0.25
CA LEU A 25 -7.20 1.89 0.23
C LEU A 25 -7.08 1.98 1.74
N LEU A 26 -8.05 2.62 2.38
CA LEU A 26 -8.05 2.77 3.83
C LEU A 26 -8.32 1.44 4.52
N VAL A 27 -8.14 1.41 5.83
CA VAL A 27 -8.36 0.20 6.61
C VAL A 27 -9.19 0.50 7.87
N THR A 28 -10.13 1.42 7.74
CA THR A 28 -10.98 1.81 8.87
C THR A 28 -11.63 0.58 9.49
N THR A 29 -11.36 0.38 10.78
CA THR A 29 -11.92 -0.77 11.50
C THR A 29 -13.41 -0.60 11.70
N ARG A 30 -13.81 0.50 12.33
CA ARG A 30 -15.22 0.76 12.59
C ARG A 30 -15.70 1.97 11.79
N GLY A 31 -15.19 2.09 10.56
CA GLY A 31 -15.58 3.20 9.70
C GLY A 31 -16.23 2.74 8.41
N ARG A 32 -15.68 3.17 7.29
CA ARG A 32 -16.22 2.80 5.98
C ARG A 32 -15.10 2.66 4.95
N ASN A 33 -14.79 1.43 4.58
CA ASN A 33 -13.73 1.17 3.60
C ASN A 33 -14.29 0.43 2.40
N ARG A 34 -13.80 0.79 1.22
CA ARG A 34 -14.26 0.17 -0.02
C ARG A 34 -13.12 -0.62 -0.68
N LEU A 35 -12.25 -1.19 0.14
CA LEU A 35 -11.12 -1.97 -0.36
C LEU A 35 -11.58 -2.97 -1.41
N PRO A 36 -10.90 -2.97 -2.56
CA PRO A 36 -11.21 -3.87 -3.68
C PRO A 36 -10.84 -5.33 -3.36
N LYS A 37 -11.00 -6.20 -4.35
CA LYS A 37 -10.69 -7.61 -4.17
C LYS A 37 -9.33 -7.95 -4.78
N ASP A 38 -8.58 -6.92 -5.15
CA ASP A 38 -7.25 -7.10 -5.73
C ASP A 38 -6.19 -6.37 -4.92
N VAL A 39 -6.52 -6.02 -3.68
CA VAL A 39 -5.60 -5.32 -2.81
C VAL A 39 -5.00 -6.25 -1.78
N ASP A 40 -3.82 -5.90 -1.28
CA ASP A 40 -3.14 -6.72 -0.28
C ASP A 40 -3.18 -6.05 1.09
N ARG A 41 -3.97 -6.62 2.00
CA ARG A 41 -4.10 -6.07 3.34
C ARG A 41 -2.74 -5.88 4.00
N THR A 42 -1.72 -6.51 3.41
CA THR A 42 -0.36 -6.41 3.93
C THR A 42 0.47 -5.43 3.11
N ARG A 43 0.08 -5.23 1.85
CA ARG A 43 0.80 -4.33 0.97
C ARG A 43 -0.13 -3.25 0.42
N LEU A 44 -1.16 -2.92 1.19
CA LEU A 44 -2.13 -1.91 0.79
C LEU A 44 -1.42 -0.62 0.37
N GLU A 45 -0.38 -0.26 1.10
CA GLU A 45 0.39 0.95 0.80
C GLU A 45 1.02 0.87 -0.59
N ARG A 46 1.42 -0.34 -0.98
CA ARG A 46 2.04 -0.55 -2.28
C ARG A 46 1.06 -0.25 -3.41
N HIS A 47 -0.22 -0.22 -3.07
CA HIS A 47 -1.27 0.06 -4.06
C HIS A 47 -1.42 1.57 -4.27
N LEU A 48 -0.62 2.35 -3.57
CA LEU A 48 -0.66 3.81 -3.68
C LEU A 48 0.39 4.30 -4.66
N SER A 49 -0.06 5.02 -5.68
CA SER A 49 0.85 5.56 -6.69
C SER A 49 1.89 6.49 -6.06
N GLN A 50 3.11 6.40 -6.54
CA GLN A 50 4.20 7.24 -6.02
C GLN A 50 3.71 8.65 -5.74
N GLU A 51 2.65 9.05 -6.44
CA GLU A 51 2.08 10.39 -6.25
C GLU A 51 1.34 10.49 -4.92
N GLU A 52 0.46 9.53 -4.68
CA GLU A 52 -0.32 9.51 -3.44
C GLU A 52 0.48 8.90 -2.30
N PHE A 53 1.00 7.69 -2.53
CA PHE A 53 1.79 7.00 -1.53
C PHE A 53 2.64 7.97 -0.73
N TYR A 54 3.09 9.04 -1.39
CA TYR A 54 3.92 10.05 -0.74
C TYR A 54 3.06 11.07 -0.02
N GLN A 55 1.96 11.46 -0.65
CA GLN A 55 1.05 12.43 -0.06
C GLN A 55 0.42 11.89 1.21
N VAL A 56 0.50 10.58 1.40
CA VAL A 56 -0.06 9.95 2.58
C VAL A 56 1.01 9.71 3.65
N PHE A 57 2.05 8.99 3.27
CA PHE A 57 3.14 8.69 4.19
C PHE A 57 4.12 9.86 4.27
N GLY A 58 4.30 10.56 3.15
CA GLY A 58 5.20 11.69 3.10
C GLY A 58 6.57 11.32 2.54
N MET A 59 6.60 10.26 1.74
CA MET A 59 7.85 9.81 1.14
C MET A 59 7.57 8.83 0.00
N THR A 60 8.63 8.43 -0.70
CA THR A 60 8.51 7.50 -1.82
C THR A 60 8.75 6.07 -1.36
N ILE A 61 7.97 5.14 -1.92
CA ILE A 61 8.10 3.73 -1.56
C ILE A 61 9.56 3.33 -1.40
N SER A 62 10.41 3.86 -2.27
CA SER A 62 11.84 3.56 -2.22
C SER A 62 12.42 3.93 -0.86
N GLU A 63 12.01 5.08 -0.34
CA GLU A 63 12.50 5.55 0.95
C GLU A 63 11.78 4.84 2.09
N PHE A 64 10.51 4.55 1.89
CA PHE A 64 9.70 3.88 2.90
C PHE A 64 10.30 2.52 3.25
N ASP A 65 10.61 1.73 2.23
CA ASP A 65 11.20 0.40 2.43
C ASP A 65 12.56 0.51 3.11
N ARG A 66 13.09 1.72 3.16
CA ARG A 66 14.40 1.95 3.79
C ARG A 66 14.23 2.36 5.25
N LEU A 67 12.98 2.36 5.72
CA LEU A 67 12.68 2.73 7.10
C LEU A 67 12.77 1.52 8.02
N ALA A 68 12.59 1.75 9.32
CA ALA A 68 12.64 0.68 10.30
C ALA A 68 11.31 -0.06 10.38
N LEU A 69 11.38 -1.38 10.53
CA LEU A 69 10.18 -2.20 10.61
C LEU A 69 9.07 -1.48 11.39
N TRP A 70 9.41 -1.04 12.60
CA TRP A 70 8.45 -0.33 13.44
C TRP A 70 7.86 0.87 12.71
N LYS A 71 8.73 1.60 12.00
CA LYS A 71 8.30 2.78 11.25
C LYS A 71 7.39 2.38 10.09
N ARG A 72 7.82 1.38 9.32
CA ARG A 72 7.05 0.92 8.18
C ARG A 72 5.71 0.32 8.63
N ASN A 73 5.70 -0.23 9.83
CA ASN A 73 4.50 -0.85 10.38
C ASN A 73 3.73 0.15 11.26
N GLU A 74 4.41 1.23 11.63
CA GLU A 74 3.79 2.26 12.47
C GLU A 74 3.06 3.29 11.62
N LEU A 75 3.70 3.70 10.53
CA LEU A 75 3.10 4.69 9.64
C LEU A 75 1.78 4.18 9.05
N LYS A 76 1.83 2.99 8.45
CA LYS A 76 0.64 2.39 7.86
C LYS A 76 -0.52 2.39 8.85
N LYS A 77 -0.21 2.16 10.12
CA LYS A 77 -1.22 2.13 11.16
C LYS A 77 -1.90 3.49 11.30
N GLN A 78 -1.13 4.56 11.06
CA GLN A 78 -1.65 5.91 11.16
C GLN A 78 -2.31 6.34 9.85
N ALA A 79 -1.99 5.62 8.78
CA ALA A 79 -2.55 5.92 7.47
C ALA A 79 -3.69 4.96 7.12
N ARG A 80 -4.10 4.17 8.10
CA ARG A 80 -5.18 3.21 7.91
C ARG A 80 -4.85 2.25 6.77
N LEU A 81 -3.56 2.00 6.58
CA LEU A 81 -3.10 1.10 5.52
C LEU A 81 -2.41 -0.13 6.11
N PHE A 82 -2.59 -0.33 7.41
CA PHE A 82 -1.98 -1.48 8.09
C PHE A 82 -3.05 -2.45 8.57
N SER A 83 -2.85 -3.73 8.23
CA SER A 83 -3.80 -4.77 8.62
C SER A 83 -3.08 -5.96 9.24
N GLY A 84 -1.92 -5.69 9.83
CA GLY A 84 -1.15 -6.75 10.46
C GLY A 84 -0.50 -7.67 9.45
N PRO A 85 0.78 -7.41 9.13
CA PRO A 85 1.53 -8.20 8.16
C PRO A 85 1.87 -9.59 8.69
N SER A 86 1.38 -9.89 9.89
CA SER A 86 1.62 -11.19 10.52
C SER A 86 0.46 -12.13 10.27
N SER A 87 0.76 -13.30 9.72
CA SER A 87 -0.27 -14.30 9.42
C SER A 87 -0.22 -15.44 10.44
N GLY A 88 -1.35 -16.11 10.62
CA GLY A 88 -1.43 -17.22 11.56
C GLY A 88 -1.50 -18.56 10.86
N GLY A 1 14.98 -3.25 -13.02
CA GLY A 1 14.19 -2.62 -14.06
C GLY A 1 13.64 -3.61 -15.06
N SER A 2 12.40 -3.41 -15.48
CA SER A 2 11.76 -4.30 -16.45
C SER A 2 12.17 -3.95 -17.87
N SER A 3 11.72 -4.75 -18.82
CA SER A 3 12.04 -4.51 -20.23
C SER A 3 11.42 -3.22 -20.73
N GLY A 4 10.09 -3.14 -20.65
CA GLY A 4 9.39 -1.95 -21.09
C GLY A 4 8.24 -2.26 -22.02
N SER A 5 7.05 -2.44 -21.45
CA SER A 5 5.86 -2.75 -22.23
C SER A 5 4.59 -2.39 -21.46
N SER A 6 3.44 -2.53 -22.12
CA SER A 6 2.17 -2.22 -21.50
C SER A 6 2.16 -2.63 -20.03
N GLY A 7 2.15 -1.63 -19.16
CA GLY A 7 2.15 -1.90 -17.73
C GLY A 7 1.13 -1.05 -16.98
N ASN A 8 1.48 0.20 -16.73
CA ASN A 8 0.60 1.12 -16.02
C ASN A 8 0.26 0.58 -14.63
N ALA A 9 1.26 0.00 -13.97
CA ALA A 9 1.08 -0.55 -12.64
C ALA A 9 2.42 -0.76 -11.94
N VAL A 10 2.37 -1.03 -10.64
CA VAL A 10 3.59 -1.25 -9.87
C VAL A 10 4.40 -2.41 -10.43
N ASN A 11 3.75 -3.25 -11.24
CA ASN A 11 4.41 -4.39 -11.84
C ASN A 11 5.46 -4.97 -10.90
N TRP A 12 5.19 -4.90 -9.59
CA TRP A 12 6.11 -5.43 -8.60
C TRP A 12 6.57 -6.83 -8.96
N GLY A 13 7.86 -7.09 -8.81
CA GLY A 13 8.41 -8.39 -9.12
C GLY A 13 7.62 -9.52 -8.49
N MET A 14 7.37 -9.41 -7.19
CA MET A 14 6.62 -10.44 -6.46
C MET A 14 5.23 -10.59 -7.04
N ARG A 15 4.37 -9.61 -6.79
CA ARG A 15 3.00 -9.65 -7.28
C ARG A 15 2.65 -8.35 -8.00
N GLU A 16 1.40 -8.24 -8.46
CA GLU A 16 0.94 -7.05 -9.16
C GLU A 16 -0.16 -6.34 -8.37
N TYR A 17 0.22 -5.30 -7.65
CA TYR A 17 -0.73 -4.54 -6.86
C TYR A 17 -1.29 -3.35 -7.65
N LYS A 18 -2.51 -3.51 -8.15
CA LYS A 18 -3.16 -2.46 -8.92
C LYS A 18 -3.11 -1.13 -8.18
N ILE A 19 -3.11 -0.04 -8.94
CA ILE A 19 -3.07 1.30 -8.36
C ILE A 19 -4.43 1.71 -7.83
N TYR A 20 -4.55 1.75 -6.50
CA TYR A 20 -5.81 2.13 -5.86
C TYR A 20 -5.62 3.39 -5.01
N PRO A 21 -6.68 4.20 -4.93
CA PRO A 21 -6.67 5.45 -4.15
C PRO A 21 -6.63 5.19 -2.65
N TYR A 22 -5.89 6.03 -1.93
CA TYR A 22 -5.76 5.89 -0.49
C TYR A 22 -7.14 5.76 0.17
N GLU A 23 -8.07 6.62 -0.25
CA GLU A 23 -9.42 6.60 0.30
C GLU A 23 -9.94 5.18 0.42
N LEU A 24 -10.13 4.51 -0.72
CA LEU A 24 -10.61 3.14 -0.74
C LEU A 24 -9.57 2.18 -0.18
N LEU A 25 -8.31 2.61 -0.21
CA LEU A 25 -7.21 1.78 0.29
C LEU A 25 -7.09 1.91 1.82
N LEU A 26 -8.09 2.54 2.43
CA LEU A 26 -8.09 2.72 3.88
C LEU A 26 -8.34 1.40 4.59
N VAL A 27 -8.16 1.39 5.91
CA VAL A 27 -8.36 0.20 6.72
C VAL A 27 -9.21 0.51 7.95
N THR A 28 -9.55 1.77 8.13
CA THR A 28 -10.35 2.20 9.27
C THR A 28 -11.44 1.19 9.58
N THR A 29 -11.22 0.36 10.59
CA THR A 29 -12.21 -0.65 10.97
C THR A 29 -13.62 -0.08 10.93
N ARG A 30 -13.90 0.88 11.79
CA ARG A 30 -15.22 1.49 11.85
C ARG A 30 -15.34 2.62 10.81
N GLY A 31 -14.73 2.41 9.65
CA GLY A 31 -14.78 3.42 8.61
C GLY A 31 -15.27 2.86 7.29
N ARG A 32 -16.06 3.65 6.57
CA ARG A 32 -16.61 3.23 5.28
C ARG A 32 -15.49 2.91 4.30
N ASN A 33 -14.86 1.75 4.48
CA ASN A 33 -13.76 1.33 3.60
C ASN A 33 -14.30 0.60 2.38
N ARG A 34 -13.69 0.86 1.23
CA ARG A 34 -14.10 0.22 -0.02
C ARG A 34 -12.96 -0.58 -0.63
N LEU A 35 -12.20 -1.26 0.23
CA LEU A 35 -11.07 -2.06 -0.23
C LEU A 35 -11.52 -3.10 -1.25
N PRO A 36 -10.83 -3.15 -2.39
CA PRO A 36 -11.14 -4.10 -3.47
C PRO A 36 -10.79 -5.53 -3.09
N LYS A 37 -10.89 -6.44 -4.06
CA LYS A 37 -10.57 -7.84 -3.83
C LYS A 37 -9.21 -8.20 -4.42
N ASP A 38 -8.46 -7.19 -4.81
CA ASP A 38 -7.13 -7.39 -5.39
C ASP A 38 -6.08 -6.61 -4.62
N VAL A 39 -6.41 -6.22 -3.39
CA VAL A 39 -5.50 -5.47 -2.55
C VAL A 39 -4.86 -6.35 -1.48
N ASP A 40 -3.68 -5.97 -1.02
CA ASP A 40 -2.97 -6.74 0.00
C ASP A 40 -3.01 -6.02 1.34
N ARG A 41 -3.80 -6.55 2.26
CA ARG A 41 -3.94 -5.95 3.60
C ARG A 41 -2.56 -5.71 4.22
N THR A 42 -1.55 -6.36 3.66
CA THR A 42 -0.18 -6.22 4.17
C THR A 42 0.64 -5.30 3.28
N ARG A 43 0.20 -5.14 2.03
CA ARG A 43 0.90 -4.28 1.08
C ARG A 43 -0.04 -3.22 0.50
N LEU A 44 -1.07 -2.88 1.27
CA LEU A 44 -2.04 -1.89 0.84
C LEU A 44 -1.35 -0.60 0.39
N GLU A 45 -0.30 -0.21 1.12
CA GLU A 45 0.44 0.99 0.80
C GLU A 45 1.06 0.89 -0.59
N ARG A 46 1.46 -0.32 -0.98
CA ARG A 46 2.06 -0.55 -2.28
C ARG A 46 1.07 -0.28 -3.40
N HIS A 47 -0.22 -0.27 -3.06
CA HIS A 47 -1.27 -0.02 -4.04
C HIS A 47 -1.43 1.48 -4.29
N LEU A 48 -0.66 2.28 -3.56
CA LEU A 48 -0.72 3.73 -3.71
C LEU A 48 0.34 4.22 -4.69
N SER A 49 -0.09 4.97 -5.71
CA SER A 49 0.81 5.49 -6.71
C SER A 49 1.88 6.37 -6.06
N GLN A 50 3.07 6.39 -6.67
CA GLN A 50 4.17 7.19 -6.16
C GLN A 50 3.74 8.63 -5.92
N GLU A 51 2.61 9.01 -6.52
CA GLU A 51 2.09 10.37 -6.38
C GLU A 51 1.30 10.50 -5.09
N GLU A 52 0.54 9.47 -4.75
CA GLU A 52 -0.28 9.48 -3.54
C GLU A 52 0.49 8.87 -2.36
N PHE A 53 1.01 7.67 -2.56
CA PHE A 53 1.77 6.98 -1.52
C PHE A 53 2.63 7.96 -0.73
N TYR A 54 3.05 9.04 -1.39
CA TYR A 54 3.87 10.05 -0.76
C TYR A 54 3.01 11.09 -0.04
N GLN A 55 1.90 11.46 -0.69
CA GLN A 55 1.00 12.45 -0.11
C GLN A 55 0.37 11.93 1.18
N VAL A 56 0.46 10.62 1.40
CA VAL A 56 -0.09 10.00 2.59
C VAL A 56 0.99 9.78 3.65
N PHE A 57 2.03 9.05 3.28
CA PHE A 57 3.13 8.77 4.20
C PHE A 57 4.11 9.93 4.26
N GLY A 58 4.28 10.61 3.12
CA GLY A 58 5.18 11.75 3.06
C GLY A 58 6.53 11.38 2.49
N MET A 59 6.58 10.29 1.73
CA MET A 59 7.83 9.83 1.13
C MET A 59 7.54 8.85 0.00
N THR A 60 8.60 8.44 -0.69
CA THR A 60 8.47 7.50 -1.80
C THR A 60 8.73 6.06 -1.34
N ILE A 61 7.94 5.13 -1.87
CA ILE A 61 8.08 3.72 -1.52
C ILE A 61 9.55 3.34 -1.37
N SER A 62 10.39 3.87 -2.25
CA SER A 62 11.82 3.58 -2.21
C SER A 62 12.41 3.95 -0.85
N GLU A 63 12.01 5.11 -0.33
CA GLU A 63 12.50 5.57 0.96
C GLU A 63 11.78 4.86 2.11
N PHE A 64 10.51 4.57 1.91
CA PHE A 64 9.70 3.89 2.92
C PHE A 64 10.31 2.53 3.26
N ASP A 65 10.64 1.77 2.23
CA ASP A 65 11.23 0.44 2.42
C ASP A 65 12.56 0.53 3.15
N ARG A 66 13.15 1.72 3.15
CA ARG A 66 14.43 1.94 3.80
C ARG A 66 14.24 2.36 5.26
N LEU A 67 12.98 2.38 5.69
CA LEU A 67 12.65 2.77 7.06
C LEU A 67 12.76 1.56 8.01
N ALA A 68 12.54 1.81 9.29
CA ALA A 68 12.62 0.76 10.29
C ALA A 68 11.31 -0.04 10.35
N LEU A 69 11.43 -1.35 10.50
CA LEU A 69 10.27 -2.22 10.56
C LEU A 69 9.14 -1.57 11.35
N TRP A 70 9.46 -1.08 12.54
CA TRP A 70 8.48 -0.42 13.39
C TRP A 70 7.87 0.78 12.69
N LYS A 71 8.70 1.53 11.96
CA LYS A 71 8.25 2.70 11.25
C LYS A 71 7.35 2.31 10.08
N ARG A 72 7.77 1.31 9.32
CA ARG A 72 7.00 0.83 8.17
C ARG A 72 5.67 0.25 8.61
N ASN A 73 5.63 -0.27 9.84
CA ASN A 73 4.41 -0.85 10.38
C ASN A 73 3.65 0.15 11.25
N GLU A 74 4.36 1.19 11.67
CA GLU A 74 3.76 2.23 12.51
C GLU A 74 3.05 3.27 11.65
N LEU A 75 3.71 3.67 10.56
CA LEU A 75 3.14 4.67 9.66
C LEU A 75 1.81 4.19 9.08
N LYS A 76 1.83 3.02 8.45
CA LYS A 76 0.62 2.45 7.86
C LYS A 76 -0.53 2.46 8.86
N LYS A 77 -0.22 2.20 10.12
CA LYS A 77 -1.23 2.18 11.18
C LYS A 77 -1.88 3.55 11.32
N GLN A 78 -1.10 4.60 11.11
CA GLN A 78 -1.60 5.97 11.21
C GLN A 78 -2.27 6.41 9.91
N ALA A 79 -1.97 5.69 8.83
CA ALA A 79 -2.55 6.01 7.52
C ALA A 79 -3.70 5.06 7.19
N ARG A 80 -4.12 4.28 8.18
CA ARG A 80 -5.20 3.32 7.99
C ARG A 80 -4.89 2.37 6.83
N LEU A 81 -3.61 2.07 6.65
CA LEU A 81 -3.19 1.18 5.57
C LEU A 81 -2.51 -0.07 6.15
N PHE A 82 -2.70 -0.29 7.45
CA PHE A 82 -2.12 -1.45 8.11
C PHE A 82 -3.21 -2.38 8.63
N SER A 83 -2.97 -3.68 8.51
CA SER A 83 -3.94 -4.68 8.96
C SER A 83 -3.27 -5.70 9.89
N GLY A 84 -2.03 -6.06 9.57
CA GLY A 84 -1.30 -7.02 10.38
C GLY A 84 -0.72 -8.15 9.56
N PRO A 85 0.62 -8.21 9.49
CA PRO A 85 1.33 -9.24 8.75
C PRO A 85 1.20 -10.62 9.38
N SER A 86 1.05 -11.65 8.55
CA SER A 86 0.91 -13.01 9.04
C SER A 86 1.95 -13.32 10.10
N SER A 87 1.55 -14.02 11.15
CA SER A 87 2.45 -14.39 12.23
C SER A 87 3.53 -15.35 11.74
N GLY A 88 4.73 -15.22 12.30
CA GLY A 88 5.83 -16.08 11.90
C GLY A 88 6.85 -15.36 11.05
N GLY A 1 2.73 -18.11 -19.21
CA GLY A 1 2.19 -16.89 -19.81
C GLY A 1 0.85 -16.51 -19.21
N SER A 2 0.84 -16.18 -17.92
CA SER A 2 -0.38 -15.80 -17.24
C SER A 2 -0.78 -14.37 -17.58
N SER A 3 -1.93 -14.20 -18.21
CA SER A 3 -2.42 -12.88 -18.59
C SER A 3 -3.74 -12.56 -17.90
N GLY A 4 -3.82 -11.39 -17.28
CA GLY A 4 -5.02 -10.99 -16.59
C GLY A 4 -5.36 -9.53 -16.83
N SER A 5 -4.35 -8.67 -16.84
CA SER A 5 -4.55 -7.25 -17.04
C SER A 5 -3.24 -6.56 -17.38
N SER A 6 -3.33 -5.38 -17.99
CA SER A 6 -2.15 -4.61 -18.36
C SER A 6 -2.45 -3.12 -18.41
N GLY A 7 -1.47 -2.30 -18.04
CA GLY A 7 -1.64 -0.87 -18.05
C GLY A 7 -1.02 -0.20 -16.85
N ASN A 8 -1.10 1.13 -16.80
CA ASN A 8 -0.53 1.89 -15.68
C ASN A 8 -0.67 1.12 -14.37
N ALA A 9 0.45 0.72 -13.80
CA ALA A 9 0.45 -0.03 -12.55
C ALA A 9 1.86 -0.14 -11.98
N VAL A 10 1.97 -0.82 -10.83
CA VAL A 10 3.27 -1.00 -10.18
C VAL A 10 4.18 -1.90 -11.02
N ASN A 11 5.38 -2.14 -10.52
CA ASN A 11 6.35 -2.99 -11.21
C ASN A 11 6.89 -4.07 -10.29
N TRP A 12 6.01 -4.59 -9.43
CA TRP A 12 6.40 -5.65 -8.50
C TRP A 12 6.39 -7.01 -9.18
N GLY A 13 7.54 -7.68 -9.16
CA GLY A 13 7.64 -8.98 -9.78
C GLY A 13 6.86 -10.04 -9.03
N MET A 14 6.92 -9.99 -7.70
CA MET A 14 6.22 -10.96 -6.87
C MET A 14 4.73 -11.04 -7.26
N ARG A 15 4.03 -9.92 -7.14
CA ARG A 15 2.62 -9.87 -7.48
C ARG A 15 2.28 -8.53 -8.14
N GLU A 16 1.04 -8.43 -8.63
CA GLU A 16 0.58 -7.21 -9.29
C GLU A 16 -0.46 -6.49 -8.44
N TYR A 17 -0.06 -5.36 -7.85
CA TYR A 17 -0.95 -4.58 -7.01
C TYR A 17 -1.55 -3.41 -7.79
N LYS A 18 -2.79 -3.57 -8.22
CA LYS A 18 -3.49 -2.53 -8.98
C LYS A 18 -3.45 -1.20 -8.22
N ILE A 19 -3.21 -0.12 -8.96
CA ILE A 19 -3.16 1.20 -8.36
C ILE A 19 -4.52 1.62 -7.82
N TYR A 20 -4.62 1.72 -6.50
CA TYR A 20 -5.87 2.10 -5.85
C TYR A 20 -5.68 3.36 -5.02
N PRO A 21 -6.75 4.18 -4.94
CA PRO A 21 -6.73 5.43 -4.18
C PRO A 21 -6.68 5.19 -2.67
N TYR A 22 -5.94 6.03 -1.96
CA TYR A 22 -5.80 5.91 -0.52
C TYR A 22 -7.18 5.77 0.15
N GLU A 23 -8.10 6.64 -0.26
CA GLU A 23 -9.45 6.62 0.29
C GLU A 23 -9.97 5.19 0.42
N LEU A 24 -10.18 4.53 -0.71
CA LEU A 24 -10.67 3.16 -0.72
C LEU A 24 -9.62 2.20 -0.17
N LEU A 25 -8.35 2.63 -0.21
CA LEU A 25 -7.25 1.80 0.28
C LEU A 25 -7.12 1.93 1.79
N LEU A 26 -8.11 2.57 2.42
CA LEU A 26 -8.11 2.75 3.87
C LEU A 26 -8.36 1.42 4.58
N VAL A 27 -8.14 1.42 5.90
CA VAL A 27 -8.35 0.22 6.70
C VAL A 27 -9.18 0.54 7.94
N THR A 28 -10.10 1.49 7.82
CA THR A 28 -10.95 1.89 8.93
C THR A 28 -11.67 0.67 9.53
N THR A 29 -11.28 0.32 10.75
CA THR A 29 -11.89 -0.82 11.44
C THR A 29 -13.40 -0.73 11.43
N ARG A 30 -13.94 0.31 12.08
CA ARG A 30 -15.38 0.51 12.15
C ARG A 30 -15.89 1.24 10.91
N GLY A 31 -15.08 2.19 10.40
CA GLY A 31 -15.47 2.92 9.23
C GLY A 31 -15.92 2.03 8.09
N ARG A 32 -16.49 2.63 7.05
CA ARG A 32 -16.97 1.87 5.90
C ARG A 32 -15.91 1.84 4.80
N ASN A 33 -14.94 0.93 4.94
CA ASN A 33 -13.87 0.80 3.96
C ASN A 33 -14.39 0.18 2.66
N ARG A 34 -13.78 0.55 1.55
CA ARG A 34 -14.19 0.03 0.25
C ARG A 34 -13.04 -0.71 -0.43
N LEU A 35 -12.24 -1.41 0.37
CA LEU A 35 -11.11 -2.17 -0.14
C LEU A 35 -11.56 -3.19 -1.18
N PRO A 36 -10.89 -3.19 -2.34
CA PRO A 36 -11.21 -4.11 -3.43
C PRO A 36 -10.81 -5.55 -3.10
N LYS A 37 -10.98 -6.44 -4.08
CA LYS A 37 -10.64 -7.84 -3.90
C LYS A 37 -9.29 -8.17 -4.53
N ASP A 38 -8.53 -7.13 -4.85
CA ASP A 38 -7.22 -7.30 -5.47
C ASP A 38 -6.15 -6.55 -4.69
N VAL A 39 -6.48 -6.16 -3.47
CA VAL A 39 -5.55 -5.42 -2.62
C VAL A 39 -4.91 -6.34 -1.59
N ASP A 40 -3.73 -5.96 -1.12
CA ASP A 40 -3.00 -6.75 -0.13
C ASP A 40 -3.01 -6.05 1.23
N ARG A 41 -3.83 -6.58 2.14
CA ARG A 41 -3.94 -6.00 3.48
C ARG A 41 -2.56 -5.80 4.10
N THR A 42 -1.56 -6.47 3.53
CA THR A 42 -0.19 -6.36 4.04
C THR A 42 0.64 -5.42 3.17
N ARG A 43 0.19 -5.21 1.94
CA ARG A 43 0.89 -4.33 1.02
C ARG A 43 -0.05 -3.28 0.44
N LEU A 44 -1.06 -2.91 1.22
CA LEU A 44 -2.04 -1.91 0.80
C LEU A 44 -1.34 -0.63 0.37
N GLU A 45 -0.32 -0.22 1.12
CA GLU A 45 0.43 0.98 0.81
C GLU A 45 1.05 0.90 -0.59
N ARG A 46 1.41 -0.31 -0.99
CA ARG A 46 2.02 -0.52 -2.30
C ARG A 46 1.02 -0.24 -3.42
N HIS A 47 -0.27 -0.26 -3.07
CA HIS A 47 -1.32 0.00 -4.05
C HIS A 47 -1.48 1.50 -4.29
N LEU A 48 -0.69 2.29 -3.58
CA LEU A 48 -0.75 3.74 -3.72
C LEU A 48 0.31 4.24 -4.69
N SER A 49 -0.12 4.98 -5.71
CA SER A 49 0.79 5.51 -6.72
C SER A 49 1.81 6.44 -6.08
N GLN A 50 3.06 6.33 -6.53
CA GLN A 50 4.14 7.16 -6.01
C GLN A 50 3.65 8.57 -5.73
N GLU A 51 2.62 8.99 -6.45
CA GLU A 51 2.06 10.33 -6.29
C GLU A 51 1.32 10.45 -4.96
N GLU A 52 0.43 9.50 -4.71
CA GLU A 52 -0.35 9.50 -3.47
C GLU A 52 0.45 8.90 -2.32
N PHE A 53 0.97 7.68 -2.53
CA PHE A 53 1.75 7.00 -1.51
C PHE A 53 2.62 7.98 -0.74
N TYR A 54 3.06 9.03 -1.41
CA TYR A 54 3.90 10.04 -0.79
C TYR A 54 3.05 11.09 -0.07
N GLN A 55 1.95 11.46 -0.70
CA GLN A 55 1.04 12.46 -0.12
C GLN A 55 0.42 11.94 1.17
N VAL A 56 0.50 10.62 1.38
CA VAL A 56 -0.06 10.01 2.57
C VAL A 56 1.02 9.78 3.63
N PHE A 57 2.06 9.05 3.26
CA PHE A 57 3.16 8.76 4.17
C PHE A 57 4.13 9.93 4.23
N GLY A 58 4.30 10.61 3.10
CA GLY A 58 5.22 11.74 3.05
C GLY A 58 6.56 11.36 2.48
N MET A 59 6.61 10.29 1.70
CA MET A 59 7.85 9.83 1.10
C MET A 59 7.57 8.84 -0.03
N THR A 60 8.63 8.43 -0.73
CA THR A 60 8.50 7.49 -1.83
C THR A 60 8.74 6.06 -1.35
N ILE A 61 7.96 5.12 -1.89
CA ILE A 61 8.09 3.72 -1.52
C ILE A 61 9.56 3.33 -1.36
N SER A 62 10.40 3.85 -2.25
CA SER A 62 11.83 3.56 -2.20
C SER A 62 12.42 3.93 -0.84
N GLU A 63 12.02 5.09 -0.33
CA GLU A 63 12.50 5.56 0.95
C GLU A 63 11.79 4.86 2.11
N PHE A 64 10.52 4.57 1.91
CA PHE A 64 9.71 3.90 2.93
C PHE A 64 10.32 2.55 3.29
N ASP A 65 10.61 1.75 2.27
CA ASP A 65 11.19 0.43 2.47
C ASP A 65 12.53 0.53 3.19
N ARG A 66 13.13 1.72 3.17
CA ARG A 66 14.41 1.95 3.82
C ARG A 66 14.21 2.37 5.27
N LEU A 67 12.96 2.41 5.72
CA LEU A 67 12.63 2.80 7.08
C LEU A 67 12.75 1.61 8.03
N ALA A 68 12.54 1.86 9.31
CA ALA A 68 12.62 0.81 10.32
C ALA A 68 11.33 0.00 10.38
N LEU A 69 11.46 -1.31 10.52
CA LEU A 69 10.30 -2.19 10.59
C LEU A 69 9.16 -1.55 11.38
N TRP A 70 9.48 -1.06 12.57
CA TRP A 70 8.49 -0.41 13.42
C TRP A 70 7.87 0.79 12.73
N LYS A 71 8.70 1.54 12.00
CA LYS A 71 8.24 2.72 11.28
C LYS A 71 7.34 2.32 10.11
N ARG A 72 7.77 1.32 9.35
CA ARG A 72 7.00 0.84 8.21
C ARG A 72 5.67 0.26 8.65
N ASN A 73 5.64 -0.27 9.87
CA ASN A 73 4.41 -0.85 10.41
C ASN A 73 3.65 0.16 11.26
N GLU A 74 4.34 1.21 11.68
CA GLU A 74 3.74 2.25 12.51
C GLU A 74 3.03 3.29 11.63
N LEU A 75 3.69 3.69 10.56
CA LEU A 75 3.14 4.68 9.64
C LEU A 75 1.82 4.19 9.04
N LYS A 76 1.86 3.00 8.44
CA LYS A 76 0.67 2.41 7.84
C LYS A 76 -0.51 2.42 8.82
N LYS A 77 -0.21 2.17 10.09
CA LYS A 77 -1.23 2.14 11.12
C LYS A 77 -1.88 3.51 11.28
N GLN A 78 -1.10 4.56 11.09
CA GLN A 78 -1.60 5.93 11.21
C GLN A 78 -2.26 6.37 9.90
N ALA A 79 -1.96 5.66 8.81
CA ALA A 79 -2.52 5.98 7.51
C ALA A 79 -3.66 5.04 7.16
N ARG A 80 -4.09 4.26 8.14
CA ARG A 80 -5.18 3.30 7.93
C ARG A 80 -4.87 2.37 6.76
N LEU A 81 -3.58 2.08 6.57
CA LEU A 81 -3.16 1.20 5.48
C LEU A 81 -2.49 -0.06 6.04
N PHE A 82 -2.64 -0.27 7.34
CA PHE A 82 -2.06 -1.44 7.98
C PHE A 82 -3.14 -2.40 8.46
N SER A 83 -2.87 -3.70 8.33
CA SER A 83 -3.84 -4.72 8.73
C SER A 83 -3.15 -5.80 9.57
N GLY A 84 -1.92 -6.14 9.21
CA GLY A 84 -1.18 -7.15 9.93
C GLY A 84 -1.22 -8.51 9.25
N PRO A 85 -0.05 -9.14 9.10
CA PRO A 85 0.07 -10.44 8.46
C PRO A 85 -0.55 -11.56 9.30
N SER A 86 -0.40 -12.80 8.84
CA SER A 86 -0.94 -13.95 9.55
C SER A 86 0.18 -14.84 10.08
N SER A 87 -0.12 -15.60 11.13
CA SER A 87 0.86 -16.49 11.74
C SER A 87 0.34 -17.92 11.79
N GLY A 88 1.27 -18.87 11.71
CA GLY A 88 0.90 -20.27 11.74
C GLY A 88 0.15 -20.64 13.01
N GLY A 1 4.47 -5.57 -33.54
CA GLY A 1 3.78 -4.94 -32.44
C GLY A 1 3.99 -3.43 -32.41
N SER A 2 5.00 -2.99 -31.67
CA SER A 2 5.30 -1.57 -31.55
C SER A 2 4.03 -0.76 -31.31
N SER A 3 3.16 -1.29 -30.46
CA SER A 3 1.90 -0.62 -30.15
C SER A 3 1.90 -0.09 -28.72
N GLY A 4 0.94 0.78 -28.40
CA GLY A 4 0.85 1.34 -27.07
C GLY A 4 0.06 0.47 -26.12
N SER A 5 0.31 0.63 -24.83
CA SER A 5 -0.38 -0.15 -23.82
C SER A 5 -1.01 0.76 -22.76
N SER A 6 -0.21 1.68 -22.24
CA SER A 6 -0.68 2.61 -21.23
C SER A 6 -1.20 1.87 -20.00
N GLY A 7 -0.50 0.79 -19.64
CA GLY A 7 -0.89 0.00 -18.49
C GLY A 7 -0.39 0.58 -17.18
N ASN A 8 -1.32 1.06 -16.35
CA ASN A 8 -0.97 1.65 -15.07
C ASN A 8 -1.06 0.61 -13.95
N ALA A 9 0.08 0.29 -13.36
CA ALA A 9 0.12 -0.69 -12.27
C ALA A 9 1.50 -0.72 -11.62
N VAL A 10 1.53 -0.97 -10.31
CA VAL A 10 2.78 -1.02 -9.57
C VAL A 10 3.88 -1.72 -10.38
N ASN A 11 3.46 -2.58 -11.31
CA ASN A 11 4.39 -3.31 -12.14
C ASN A 11 5.38 -4.10 -11.30
N TRP A 12 4.92 -4.56 -10.14
CA TRP A 12 5.77 -5.33 -9.23
C TRP A 12 6.08 -6.70 -9.82
N GLY A 13 7.36 -7.06 -9.80
CA GLY A 13 7.78 -8.36 -10.34
C GLY A 13 7.24 -9.52 -9.52
N MET A 14 7.14 -9.32 -8.21
CA MET A 14 6.65 -10.37 -7.32
C MET A 14 5.15 -10.56 -7.49
N ARG A 15 4.37 -9.59 -7.01
CA ARG A 15 2.91 -9.66 -7.10
C ARG A 15 2.38 -8.54 -7.99
N GLU A 16 1.05 -8.44 -8.06
CA GLU A 16 0.42 -7.41 -8.88
C GLU A 16 -0.58 -6.60 -8.06
N TYR A 17 -0.12 -5.47 -7.52
CA TYR A 17 -0.97 -4.61 -6.72
C TYR A 17 -1.54 -3.47 -7.54
N LYS A 18 -2.81 -3.60 -7.93
CA LYS A 18 -3.48 -2.58 -8.73
C LYS A 18 -3.43 -1.22 -8.03
N ILE A 19 -3.25 -0.17 -8.81
CA ILE A 19 -3.20 1.18 -8.26
C ILE A 19 -4.55 1.61 -7.72
N TYR A 20 -4.66 1.69 -6.40
CA TYR A 20 -5.90 2.09 -5.76
C TYR A 20 -5.71 3.35 -4.93
N PRO A 21 -6.75 4.18 -4.87
CA PRO A 21 -6.73 5.44 -4.11
C PRO A 21 -6.69 5.21 -2.60
N TYR A 22 -5.91 6.03 -1.90
CA TYR A 22 -5.78 5.92 -0.45
C TYR A 22 -7.15 5.79 0.20
N GLU A 23 -8.07 6.66 -0.19
CA GLU A 23 -9.43 6.64 0.36
C GLU A 23 -9.93 5.22 0.50
N LEU A 24 -10.17 4.56 -0.62
CA LEU A 24 -10.67 3.19 -0.62
C LEU A 24 -9.62 2.23 -0.07
N LEU A 25 -8.35 2.65 -0.12
CA LEU A 25 -7.26 1.84 0.39
C LEU A 25 -7.11 1.97 1.89
N LEU A 26 -8.10 2.61 2.52
CA LEU A 26 -8.09 2.80 3.97
C LEU A 26 -8.36 1.49 4.70
N VAL A 27 -8.18 1.50 6.01
CA VAL A 27 -8.41 0.31 6.83
C VAL A 27 -9.21 0.66 8.08
N THR A 28 -10.16 1.57 7.93
CA THR A 28 -11.00 1.99 9.05
C THR A 28 -11.61 0.79 9.75
N THR A 29 -11.52 0.77 11.08
CA THR A 29 -12.06 -0.32 11.87
C THR A 29 -13.58 -0.19 12.02
N ARG A 30 -14.00 0.83 12.77
CA ARG A 30 -15.42 1.06 12.99
C ARG A 30 -16.03 1.88 11.86
N GLY A 31 -15.17 2.65 11.18
CA GLY A 31 -15.65 3.47 10.08
C GLY A 31 -16.10 2.65 8.89
N ARG A 32 -15.87 3.15 7.69
CA ARG A 32 -16.27 2.45 6.47
C ARG A 32 -15.11 2.41 5.47
N ASN A 33 -14.68 1.19 5.14
CA ASN A 33 -13.59 1.00 4.19
C ASN A 33 -14.10 0.47 2.86
N ARG A 34 -13.43 0.85 1.78
CA ARG A 34 -13.82 0.41 0.44
C ARG A 34 -12.70 -0.39 -0.22
N LEU A 35 -12.03 -1.23 0.58
CA LEU A 35 -10.94 -2.05 0.07
C LEU A 35 -11.45 -3.09 -0.93
N PRO A 36 -10.81 -3.12 -2.11
CA PRO A 36 -11.18 -4.08 -3.17
C PRO A 36 -10.83 -5.52 -2.82
N LYS A 37 -10.99 -6.42 -3.78
CA LYS A 37 -10.69 -7.83 -3.56
C LYS A 37 -9.36 -8.20 -4.20
N ASP A 38 -8.57 -7.19 -4.57
CA ASP A 38 -7.28 -7.42 -5.20
C ASP A 38 -6.18 -6.65 -4.47
N VAL A 39 -6.48 -6.24 -3.24
CA VAL A 39 -5.52 -5.50 -2.42
C VAL A 39 -4.89 -6.39 -1.36
N ASP A 40 -3.71 -6.00 -0.89
CA ASP A 40 -3.00 -6.77 0.13
C ASP A 40 -2.99 -6.02 1.46
N ARG A 41 -3.73 -6.54 2.43
CA ARG A 41 -3.80 -5.91 3.75
C ARG A 41 -2.41 -5.65 4.30
N THR A 42 -1.41 -6.31 3.71
CA THR A 42 -0.03 -6.14 4.14
C THR A 42 0.75 -5.23 3.20
N ARG A 43 0.25 -5.11 1.97
CA ARG A 43 0.90 -4.27 0.97
C ARG A 43 -0.07 -3.20 0.45
N LEU A 44 -1.05 -2.85 1.28
CA LEU A 44 -2.04 -1.84 0.91
C LEU A 44 -1.36 -0.56 0.45
N GLU A 45 -0.27 -0.19 1.10
CA GLU A 45 0.49 1.01 0.76
C GLU A 45 1.06 0.91 -0.65
N ARG A 46 1.48 -0.30 -1.02
CA ARG A 46 2.05 -0.54 -2.35
C ARG A 46 1.02 -0.27 -3.44
N HIS A 47 -0.26 -0.27 -3.07
CA HIS A 47 -1.34 -0.02 -4.01
C HIS A 47 -1.51 1.48 -4.26
N LEU A 48 -0.71 2.28 -3.57
CA LEU A 48 -0.78 3.73 -3.72
C LEU A 48 0.27 4.22 -4.73
N SER A 49 -0.19 5.03 -5.68
CA SER A 49 0.70 5.56 -6.71
C SER A 49 1.78 6.44 -6.09
N GLN A 50 3.00 6.31 -6.60
CA GLN A 50 4.12 7.09 -6.09
C GLN A 50 3.70 8.53 -5.79
N GLU A 51 2.65 8.98 -6.47
CA GLU A 51 2.15 10.33 -6.29
C GLU A 51 1.38 10.45 -4.98
N GLU A 52 0.49 9.49 -4.72
CA GLU A 52 -0.31 9.49 -3.51
C GLU A 52 0.46 8.88 -2.35
N PHE A 53 0.99 7.67 -2.56
CA PHE A 53 1.75 6.98 -1.53
C PHE A 53 2.62 7.96 -0.74
N TYR A 54 3.07 9.01 -1.41
CA TYR A 54 3.91 10.02 -0.77
C TYR A 54 3.06 11.06 -0.05
N GLN A 55 1.95 11.44 -0.69
CA GLN A 55 1.05 12.44 -0.10
C GLN A 55 0.42 11.90 1.19
N VAL A 56 0.51 10.60 1.39
CA VAL A 56 -0.04 9.98 2.59
C VAL A 56 1.04 9.76 3.64
N PHE A 57 2.07 9.01 3.29
CA PHE A 57 3.17 8.73 4.20
C PHE A 57 4.14 9.90 4.25
N GLY A 58 4.30 10.59 3.12
CA GLY A 58 5.21 11.72 3.07
C GLY A 58 6.56 11.34 2.50
N MET A 59 6.60 10.27 1.71
CA MET A 59 7.84 9.81 1.11
C MET A 59 7.56 8.82 -0.02
N THR A 60 8.61 8.43 -0.73
CA THR A 60 8.48 7.48 -1.83
C THR A 60 8.73 6.06 -1.36
N ILE A 61 7.95 5.11 -1.90
CA ILE A 61 8.10 3.71 -1.54
C ILE A 61 9.56 3.34 -1.37
N SER A 62 10.41 3.86 -2.24
CA SER A 62 11.84 3.57 -2.20
C SER A 62 12.42 3.95 -0.83
N GLU A 63 12.01 5.11 -0.32
CA GLU A 63 12.49 5.59 0.96
C GLU A 63 11.77 4.87 2.11
N PHE A 64 10.50 4.57 1.90
CA PHE A 64 9.69 3.89 2.91
C PHE A 64 10.29 2.53 3.25
N ASP A 65 10.65 1.76 2.23
CA ASP A 65 11.24 0.44 2.42
C ASP A 65 12.58 0.55 3.13
N ARG A 66 13.15 1.75 3.15
CA ARG A 66 14.44 1.98 3.79
C ARG A 66 14.24 2.39 5.25
N LEU A 67 13.00 2.37 5.71
CA LEU A 67 12.68 2.74 7.08
C LEU A 67 12.78 1.54 8.01
N ALA A 68 12.57 1.78 9.30
CA ALA A 68 12.63 0.72 10.29
C ALA A 68 11.32 -0.07 10.35
N LEU A 69 11.41 -1.38 10.49
CA LEU A 69 10.23 -2.24 10.56
C LEU A 69 9.12 -1.57 11.35
N TRP A 70 9.46 -1.07 12.54
CA TRP A 70 8.49 -0.41 13.40
C TRP A 70 7.88 0.81 12.70
N LYS A 71 8.72 1.55 11.98
CA LYS A 71 8.28 2.74 11.26
C LYS A 71 7.37 2.35 10.09
N ARG A 72 7.78 1.34 9.33
CA ARG A 72 7.01 0.88 8.19
C ARG A 72 5.67 0.31 8.63
N ASN A 73 5.64 -0.22 9.85
CA ASN A 73 4.42 -0.82 10.39
C ASN A 73 3.67 0.19 11.26
N GLU A 74 4.36 1.25 11.66
CA GLU A 74 3.76 2.28 12.49
C GLU A 74 3.05 3.33 11.64
N LEU A 75 3.69 3.72 10.54
CA LEU A 75 3.12 4.70 9.63
C LEU A 75 1.80 4.22 9.05
N LYS A 76 1.82 3.02 8.46
CA LYS A 76 0.62 2.44 7.87
C LYS A 76 -0.54 2.45 8.86
N LYS A 77 -0.24 2.12 10.11
CA LYS A 77 -1.25 2.09 11.16
C LYS A 77 -1.91 3.47 11.32
N GLN A 78 -1.13 4.52 11.12
CA GLN A 78 -1.64 5.88 11.24
C GLN A 78 -2.33 6.32 9.95
N ALA A 79 -1.94 5.70 8.83
CA ALA A 79 -2.52 6.02 7.54
C ALA A 79 -3.67 5.07 7.20
N ARG A 80 -4.11 4.30 8.20
CA ARG A 80 -5.20 3.35 8.01
C ARG A 80 -4.90 2.41 6.84
N LEU A 81 -3.63 2.09 6.65
CA LEU A 81 -3.21 1.20 5.57
C LEU A 81 -2.58 -0.08 6.13
N PHE A 82 -2.72 -0.28 7.43
CA PHE A 82 -2.18 -1.46 8.09
C PHE A 82 -3.28 -2.32 8.69
N SER A 83 -3.15 -3.64 8.52
CA SER A 83 -4.15 -4.57 9.04
C SER A 83 -3.55 -5.46 10.12
N GLY A 84 -2.34 -5.97 9.86
CA GLY A 84 -1.68 -6.83 10.82
C GLY A 84 -1.62 -8.28 10.36
N PRO A 85 -0.51 -8.65 9.71
CA PRO A 85 -0.31 -10.01 9.20
C PRO A 85 -0.10 -11.02 10.32
N SER A 86 -0.14 -12.30 9.98
CA SER A 86 0.04 -13.36 10.95
C SER A 86 1.49 -13.43 11.42
N SER A 87 1.67 -13.54 12.73
CA SER A 87 3.01 -13.60 13.31
C SER A 87 3.52 -15.05 13.36
N GLY A 88 2.66 -15.94 13.85
CA GLY A 88 3.03 -17.35 13.94
C GLY A 88 1.89 -18.27 13.58
N GLY A 1 17.57 -9.82 -13.02
CA GLY A 1 17.34 -8.94 -14.15
C GLY A 1 16.21 -7.97 -13.90
N SER A 2 16.25 -6.84 -14.61
CA SER A 2 15.21 -5.81 -14.45
C SER A 2 14.22 -5.87 -15.62
N SER A 3 13.03 -6.37 -15.34
CA SER A 3 11.99 -6.49 -16.37
C SER A 3 10.65 -6.00 -15.83
N GLY A 4 10.12 -4.94 -16.44
CA GLY A 4 8.85 -4.40 -16.01
C GLY A 4 8.55 -3.05 -16.63
N SER A 5 7.47 -2.42 -16.18
CA SER A 5 7.07 -1.12 -16.71
C SER A 5 6.75 -0.15 -15.58
N SER A 6 6.53 1.11 -15.93
CA SER A 6 6.23 2.15 -14.95
C SER A 6 4.96 2.90 -15.32
N GLY A 7 4.12 3.15 -14.33
CA GLY A 7 2.87 3.86 -14.58
C GLY A 7 1.68 2.93 -14.63
N ASN A 8 1.72 1.96 -15.53
CA ASN A 8 0.63 1.00 -15.68
C ASN A 8 0.31 0.32 -14.35
N ALA A 9 1.34 -0.13 -13.65
CA ALA A 9 1.17 -0.80 -12.37
C ALA A 9 2.51 -1.09 -11.72
N VAL A 10 2.53 -1.10 -10.38
CA VAL A 10 3.75 -1.36 -9.64
C VAL A 10 4.64 -2.36 -10.38
N ASN A 11 5.95 -2.13 -10.32
CA ASN A 11 6.90 -3.02 -10.98
C ASN A 11 7.45 -4.06 -10.01
N TRP A 12 6.57 -4.58 -9.16
CA TRP A 12 6.97 -5.59 -8.18
C TRP A 12 6.89 -6.98 -8.78
N GLY A 13 8.03 -7.66 -8.83
CA GLY A 13 8.08 -9.00 -9.39
C GLY A 13 7.49 -10.04 -8.44
N MET A 14 7.51 -9.73 -7.14
CA MET A 14 6.98 -10.64 -6.14
C MET A 14 5.48 -10.82 -6.31
N ARG A 15 4.76 -9.71 -6.47
CA ARG A 15 3.32 -9.75 -6.65
C ARG A 15 2.84 -8.57 -7.50
N GLU A 16 1.55 -8.57 -7.84
CA GLU A 16 0.98 -7.50 -8.63
C GLU A 16 -0.05 -6.71 -7.84
N TYR A 17 0.35 -5.53 -7.37
CA TYR A 17 -0.54 -4.68 -6.58
C TYR A 17 -1.11 -3.56 -7.44
N LYS A 18 -2.36 -3.71 -7.84
CA LYS A 18 -3.03 -2.71 -8.67
C LYS A 18 -3.01 -1.34 -7.97
N ILE A 19 -2.95 -0.29 -8.78
CA ILE A 19 -2.94 1.07 -8.24
C ILE A 19 -4.31 1.47 -7.72
N TYR A 20 -4.45 1.52 -6.40
CA TYR A 20 -5.72 1.89 -5.78
C TYR A 20 -5.57 3.18 -4.98
N PRO A 21 -6.65 3.97 -4.93
CA PRO A 21 -6.67 5.24 -4.19
C PRO A 21 -6.63 5.03 -2.68
N TYR A 22 -5.91 5.90 -1.99
CA TYR A 22 -5.79 5.81 -0.54
C TYR A 22 -7.16 5.68 0.12
N GLU A 23 -8.10 6.52 -0.34
CA GLU A 23 -9.46 6.50 0.20
C GLU A 23 -9.96 5.07 0.36
N LEU A 24 -10.14 4.38 -0.76
CA LEU A 24 -10.61 2.99 -0.73
C LEU A 24 -9.56 2.06 -0.14
N LEU A 25 -8.31 2.50 -0.17
CA LEU A 25 -7.21 1.71 0.37
C LEU A 25 -7.11 1.88 1.88
N LEU A 26 -8.12 2.51 2.47
CA LEU A 26 -8.14 2.74 3.92
C LEU A 26 -8.42 1.45 4.67
N VAL A 27 -8.24 1.47 5.99
CA VAL A 27 -8.48 0.30 6.82
C VAL A 27 -9.30 0.66 8.06
N THR A 28 -9.64 1.94 8.17
CA THR A 28 -10.41 2.41 9.31
C THR A 28 -11.49 1.40 9.71
N THR A 29 -11.17 0.60 10.73
CA THR A 29 -12.10 -0.41 11.21
C THR A 29 -13.54 0.07 11.13
N ARG A 30 -13.85 1.11 11.90
CA ARG A 30 -15.20 1.68 11.91
C ARG A 30 -15.34 2.76 10.86
N GLY A 31 -14.91 2.45 9.64
CA GLY A 31 -14.99 3.42 8.55
C GLY A 31 -15.50 2.79 7.26
N ARG A 32 -15.36 3.52 6.17
CA ARG A 32 -15.81 3.03 4.87
C ARG A 32 -14.69 2.30 4.13
N ASN A 33 -14.33 1.13 4.64
CA ASN A 33 -13.27 0.33 4.05
C ASN A 33 -13.77 -0.41 2.80
N ARG A 34 -13.53 0.18 1.63
CA ARG A 34 -13.95 -0.41 0.37
C ARG A 34 -12.81 -1.18 -0.28
N LEU A 35 -11.89 -1.67 0.54
CA LEU A 35 -10.74 -2.42 0.03
C LEU A 35 -11.18 -3.49 -0.96
N PRO A 36 -10.54 -3.50 -2.14
CA PRO A 36 -10.85 -4.46 -3.21
C PRO A 36 -10.41 -5.88 -2.85
N LYS A 37 -10.55 -6.79 -3.80
CA LYS A 37 -10.16 -8.18 -3.59
C LYS A 37 -8.80 -8.48 -4.22
N ASP A 38 -8.10 -7.43 -4.63
CA ASP A 38 -6.79 -7.57 -5.24
C ASP A 38 -5.75 -6.76 -4.49
N VAL A 39 -6.07 -6.38 -3.25
CA VAL A 39 -5.16 -5.60 -2.43
C VAL A 39 -4.51 -6.46 -1.36
N ASP A 40 -3.35 -6.03 -0.87
CA ASP A 40 -2.63 -6.77 0.15
C ASP A 40 -2.70 -6.04 1.49
N ARG A 41 -3.47 -6.58 2.42
CA ARG A 41 -3.62 -5.99 3.74
C ARG A 41 -2.26 -5.68 4.36
N THR A 42 -1.22 -6.31 3.82
CA THR A 42 0.14 -6.12 4.32
C THR A 42 0.93 -5.18 3.42
N ARG A 43 0.49 -5.05 2.18
CA ARG A 43 1.16 -4.19 1.21
C ARG A 43 0.18 -3.17 0.63
N LEU A 44 -0.87 -2.86 1.38
CA LEU A 44 -1.87 -1.90 0.94
C LEU A 44 -1.22 -0.60 0.45
N GLU A 45 -0.20 -0.16 1.17
CA GLU A 45 0.51 1.06 0.81
C GLU A 45 1.14 0.94 -0.57
N ARG A 46 1.60 -0.25 -0.90
CA ARG A 46 2.23 -0.51 -2.19
C ARG A 46 1.24 -0.28 -3.33
N HIS A 47 -0.05 -0.30 -3.00
CA HIS A 47 -1.10 -0.09 -3.99
C HIS A 47 -1.31 1.39 -4.26
N LEU A 48 -0.59 2.23 -3.53
CA LEU A 48 -0.69 3.68 -3.69
C LEU A 48 0.35 4.18 -4.68
N SER A 49 -0.10 4.98 -5.65
CA SER A 49 0.79 5.53 -6.66
C SER A 49 1.82 6.46 -6.03
N GLN A 50 3.06 6.36 -6.49
CA GLN A 50 4.14 7.19 -5.97
C GLN A 50 3.66 8.61 -5.70
N GLU A 51 2.61 9.02 -6.43
CA GLU A 51 2.05 10.36 -6.27
C GLU A 51 1.30 10.48 -4.95
N GLU A 52 0.44 9.49 -4.69
CA GLU A 52 -0.35 9.49 -3.45
C GLU A 52 0.44 8.89 -2.30
N PHE A 53 0.96 7.68 -2.51
CA PHE A 53 1.74 7.00 -1.49
C PHE A 53 2.59 7.98 -0.70
N TYR A 54 3.05 9.04 -1.37
CA TYR A 54 3.87 10.05 -0.74
C TYR A 54 3.01 11.08 0.00
N GLN A 55 1.90 11.46 -0.63
CA GLN A 55 1.00 12.44 -0.04
C GLN A 55 0.39 11.90 1.25
N VAL A 56 0.49 10.59 1.45
CA VAL A 56 -0.06 9.95 2.64
C VAL A 56 1.04 9.74 3.69
N PHE A 57 2.06 8.99 3.32
CA PHE A 57 3.18 8.71 4.22
C PHE A 57 4.15 9.89 4.28
N GLY A 58 4.30 10.57 3.15
CA GLY A 58 5.21 11.71 3.09
C GLY A 58 6.55 11.34 2.50
N MET A 59 6.58 10.26 1.71
CA MET A 59 7.82 9.82 1.08
C MET A 59 7.53 8.83 -0.04
N THR A 60 8.59 8.43 -0.75
CA THR A 60 8.44 7.49 -1.86
C THR A 60 8.69 6.06 -1.40
N ILE A 61 7.91 5.13 -1.94
CA ILE A 61 8.04 3.72 -1.58
C ILE A 61 9.51 3.33 -1.43
N SER A 62 10.34 3.86 -2.31
CA SER A 62 11.78 3.56 -2.29
C SER A 62 12.37 3.93 -0.93
N GLU A 63 11.97 5.09 -0.41
CA GLU A 63 12.47 5.56 0.88
C GLU A 63 11.77 4.85 2.03
N PHE A 64 10.48 4.55 1.84
CA PHE A 64 9.69 3.87 2.86
C PHE A 64 10.29 2.51 3.19
N ASP A 65 10.60 1.74 2.15
CA ASP A 65 11.18 0.42 2.33
C ASP A 65 12.52 0.49 3.05
N ARG A 66 13.10 1.69 3.07
CA ARG A 66 14.39 1.91 3.72
C ARG A 66 14.21 2.29 5.18
N LEU A 67 12.96 2.31 5.63
CA LEU A 67 12.65 2.67 7.02
C LEU A 67 12.75 1.46 7.93
N ALA A 68 12.54 1.67 9.22
CA ALA A 68 12.60 0.59 10.20
C ALA A 68 11.28 -0.16 10.26
N LEU A 69 11.36 -1.48 10.40
CA LEU A 69 10.17 -2.32 10.47
C LEU A 69 9.07 -1.64 11.28
N TRP A 70 9.42 -1.17 12.47
CA TRP A 70 8.47 -0.50 13.34
C TRP A 70 7.88 0.73 12.65
N LYS A 71 8.73 1.48 11.96
CA LYS A 71 8.29 2.68 11.25
C LYS A 71 7.36 2.32 10.09
N ARG A 72 7.75 1.31 9.32
CA ARG A 72 6.96 0.87 8.19
C ARG A 72 5.61 0.32 8.65
N ASN A 73 5.58 -0.21 9.86
CA ASN A 73 4.35 -0.78 10.42
C ASN A 73 3.61 0.25 11.26
N GLU A 74 4.33 1.29 11.70
CA GLU A 74 3.74 2.34 12.50
C GLU A 74 3.02 3.36 11.64
N LEU A 75 3.65 3.73 10.52
CA LEU A 75 3.07 4.70 9.60
C LEU A 75 1.75 4.19 9.04
N LYS A 76 1.78 3.00 8.44
CA LYS A 76 0.58 2.40 7.86
C LYS A 76 -0.58 2.45 8.84
N LYS A 77 -0.28 2.22 10.11
CA LYS A 77 -1.30 2.24 11.16
C LYS A 77 -1.93 3.62 11.28
N GLN A 78 -1.13 4.66 11.04
CA GLN A 78 -1.61 6.03 11.12
C GLN A 78 -2.27 6.45 9.82
N ALA A 79 -2.00 5.71 8.76
CA ALA A 79 -2.57 6.01 7.44
C ALA A 79 -3.72 5.06 7.12
N ARG A 80 -4.16 4.31 8.12
CA ARG A 80 -5.25 3.37 7.94
C ARG A 80 -4.95 2.38 6.81
N LEU A 81 -3.67 2.09 6.62
CA LEU A 81 -3.24 1.16 5.57
C LEU A 81 -2.60 -0.08 6.17
N PHE A 82 -2.77 -0.27 7.47
CA PHE A 82 -2.21 -1.42 8.17
C PHE A 82 -3.32 -2.32 8.71
N SER A 83 -3.07 -3.63 8.69
CA SER A 83 -4.05 -4.60 9.18
C SER A 83 -3.37 -5.65 10.06
N GLY A 84 -2.17 -6.06 9.66
CA GLY A 84 -1.44 -7.05 10.43
C GLY A 84 -1.47 -8.42 9.78
N PRO A 85 -0.28 -8.99 9.52
CA PRO A 85 -0.16 -10.32 8.90
C PRO A 85 -0.60 -11.43 9.82
N SER A 86 -0.70 -12.64 9.28
CA SER A 86 -1.13 -13.80 10.04
C SER A 86 -0.06 -14.89 10.02
N SER A 87 0.96 -14.73 10.85
CA SER A 87 2.05 -15.69 10.92
C SER A 87 1.70 -16.84 11.88
N GLY A 88 1.69 -18.06 11.34
CA GLY A 88 1.38 -19.22 12.16
C GLY A 88 1.49 -20.51 11.39
N GLY A 1 8.58 -11.75 -27.26
CA GLY A 1 9.13 -11.01 -26.14
C GLY A 1 8.51 -9.63 -26.00
N SER A 2 7.24 -9.59 -25.61
CA SER A 2 6.52 -8.33 -25.46
C SER A 2 7.38 -7.32 -24.68
N SER A 3 7.58 -6.15 -25.28
CA SER A 3 8.38 -5.10 -24.66
C SER A 3 7.73 -3.73 -24.84
N GLY A 4 8.21 -2.75 -24.09
CA GLY A 4 7.65 -1.42 -24.19
C GLY A 4 6.88 -1.02 -22.94
N SER A 5 7.52 -0.27 -22.06
CA SER A 5 6.89 0.17 -20.82
C SER A 5 5.56 0.87 -21.11
N SER A 6 4.46 0.26 -20.66
CA SER A 6 3.14 0.81 -20.87
C SER A 6 2.12 0.16 -19.93
N GLY A 7 1.65 0.92 -18.96
CA GLY A 7 0.68 0.41 -18.01
C GLY A 7 0.81 1.05 -16.65
N ASN A 8 -0.24 1.75 -16.22
CA ASN A 8 -0.24 2.41 -14.93
C ASN A 8 -0.46 1.41 -13.79
N ALA A 9 0.61 0.72 -13.41
CA ALA A 9 0.55 -0.26 -12.34
C ALA A 9 1.93 -0.59 -11.80
N VAL A 10 2.05 -0.63 -10.48
CA VAL A 10 3.32 -0.93 -9.83
C VAL A 10 4.15 -1.92 -10.66
N ASN A 11 5.43 -1.64 -10.80
CA ASN A 11 6.33 -2.50 -11.56
C ASN A 11 6.87 -3.63 -10.69
N TRP A 12 6.05 -4.11 -9.77
CA TRP A 12 6.44 -5.19 -8.87
C TRP A 12 6.44 -6.53 -9.60
N GLY A 13 7.58 -7.21 -9.57
CA GLY A 13 7.69 -8.50 -10.24
C GLY A 13 7.01 -9.62 -9.46
N MET A 14 7.21 -9.62 -8.14
CA MET A 14 6.62 -10.64 -7.29
C MET A 14 5.11 -10.74 -7.54
N ARG A 15 4.42 -9.62 -7.43
CA ARG A 15 2.97 -9.58 -7.64
C ARG A 15 2.55 -8.27 -8.29
N GLU A 16 1.29 -8.20 -8.70
CA GLU A 16 0.76 -7.00 -9.33
C GLU A 16 -0.31 -6.34 -8.46
N TYR A 17 0.04 -5.22 -7.85
CA TYR A 17 -0.88 -4.50 -6.98
C TYR A 17 -1.53 -3.34 -7.72
N LYS A 18 -2.77 -3.55 -8.15
CA LYS A 18 -3.51 -2.52 -8.88
C LYS A 18 -3.44 -1.18 -8.15
N ILE A 19 -3.33 -0.10 -8.92
CA ILE A 19 -3.26 1.23 -8.35
C ILE A 19 -4.61 1.68 -7.80
N TYR A 20 -4.71 1.77 -6.47
CA TYR A 20 -5.94 2.18 -5.84
C TYR A 20 -5.73 3.43 -4.99
N PRO A 21 -6.76 4.28 -4.92
CA PRO A 21 -6.72 5.53 -4.15
C PRO A 21 -6.69 5.28 -2.64
N TYR A 22 -5.90 6.10 -1.93
CA TYR A 22 -5.79 5.97 -0.49
C TYR A 22 -7.16 5.85 0.17
N GLU A 23 -8.07 6.74 -0.22
CA GLU A 23 -9.42 6.73 0.34
C GLU A 23 -9.95 5.31 0.46
N LEU A 24 -10.19 4.66 -0.68
CA LEU A 24 -10.69 3.29 -0.69
C LEU A 24 -9.64 2.32 -0.15
N LEU A 25 -8.38 2.73 -0.20
CA LEU A 25 -7.29 1.89 0.28
C LEU A 25 -7.14 2.00 1.80
N LEU A 26 -8.12 2.64 2.43
CA LEU A 26 -8.10 2.82 3.88
C LEU A 26 -8.38 1.49 4.58
N VAL A 27 -8.15 1.47 5.90
CA VAL A 27 -8.37 0.27 6.70
C VAL A 27 -9.19 0.59 7.94
N THR A 28 -10.12 1.52 7.81
CA THR A 28 -10.98 1.92 8.92
C THR A 28 -11.64 0.70 9.57
N THR A 29 -11.21 0.38 10.78
CA THR A 29 -11.77 -0.76 11.50
C THR A 29 -13.29 -0.76 11.46
N ARG A 30 -13.89 0.25 12.09
CA ARG A 30 -15.34 0.37 12.13
C ARG A 30 -15.86 1.05 10.86
N GLY A 31 -15.20 2.13 10.46
CA GLY A 31 -15.61 2.85 9.27
C GLY A 31 -15.89 1.92 8.10
N ARG A 32 -16.68 2.40 7.15
CA ARG A 32 -17.04 1.61 5.98
C ARG A 32 -15.94 1.71 4.91
N ASN A 33 -14.94 0.84 5.03
CA ASN A 33 -13.83 0.84 4.07
C ASN A 33 -14.31 0.40 2.69
N ARG A 34 -13.57 0.80 1.66
CA ARG A 34 -13.91 0.45 0.29
C ARG A 34 -12.79 -0.33 -0.38
N LEU A 35 -12.08 -1.13 0.42
CA LEU A 35 -10.97 -1.93 -0.10
C LEU A 35 -11.47 -2.99 -1.08
N PRO A 36 -10.87 -3.02 -2.26
CA PRO A 36 -11.23 -3.99 -3.31
C PRO A 36 -10.82 -5.41 -2.95
N LYS A 37 -10.97 -6.31 -3.91
CA LYS A 37 -10.61 -7.72 -3.70
C LYS A 37 -9.24 -8.02 -4.31
N ASP A 38 -8.64 -7.02 -4.95
CA ASP A 38 -7.34 -7.19 -5.56
C ASP A 38 -6.27 -6.43 -4.79
N VAL A 39 -6.56 -6.12 -3.53
CA VAL A 39 -5.63 -5.39 -2.69
C VAL A 39 -5.01 -6.31 -1.64
N ASP A 40 -3.82 -5.94 -1.17
CA ASP A 40 -3.12 -6.73 -0.17
C ASP A 40 -3.12 -6.02 1.18
N ARG A 41 -3.95 -6.51 2.10
CA ARG A 41 -4.05 -5.91 3.43
C ARG A 41 -2.67 -5.75 4.05
N THR A 42 -1.69 -6.46 3.51
CA THR A 42 -0.32 -6.39 4.01
C THR A 42 0.53 -5.46 3.16
N ARG A 43 0.11 -5.23 1.93
CA ARG A 43 0.84 -4.35 1.02
C ARG A 43 -0.09 -3.30 0.42
N LEU A 44 -1.08 -2.89 1.20
CA LEU A 44 -2.04 -1.88 0.75
C LEU A 44 -1.33 -0.60 0.32
N GLU A 45 -0.30 -0.22 1.08
CA GLU A 45 0.46 0.99 0.78
C GLU A 45 1.09 0.90 -0.60
N ARG A 46 1.42 -0.31 -1.03
CA ARG A 46 2.02 -0.53 -2.34
C ARG A 46 1.02 -0.26 -3.46
N HIS A 47 -0.27 -0.24 -3.10
CA HIS A 47 -1.33 0.00 -4.07
C HIS A 47 -1.50 1.50 -4.31
N LEU A 48 -0.73 2.31 -3.60
CA LEU A 48 -0.80 3.76 -3.74
C LEU A 48 0.23 4.26 -4.74
N SER A 49 -0.23 5.05 -5.70
CA SER A 49 0.65 5.60 -6.73
C SER A 49 1.73 6.47 -6.11
N GLN A 50 2.96 6.32 -6.60
CA GLN A 50 4.08 7.10 -6.10
C GLN A 50 3.68 8.53 -5.79
N GLU A 51 2.63 9.00 -6.48
CA GLU A 51 2.13 10.36 -6.29
C GLU A 51 1.35 10.48 -4.98
N GLU A 52 0.48 9.51 -4.73
CA GLU A 52 -0.33 9.51 -3.51
C GLU A 52 0.45 8.91 -2.35
N PHE A 53 0.96 7.70 -2.54
CA PHE A 53 1.74 7.01 -1.51
C PHE A 53 2.59 8.00 -0.72
N TYR A 54 3.06 9.03 -1.40
CA TYR A 54 3.90 10.06 -0.77
C TYR A 54 3.04 11.09 -0.06
N GLN A 55 1.93 11.47 -0.68
CA GLN A 55 1.03 12.46 -0.11
C GLN A 55 0.40 11.94 1.18
N VAL A 56 0.49 10.63 1.39
CA VAL A 56 -0.07 10.00 2.59
C VAL A 56 1.02 9.78 3.64
N PHE A 57 2.05 9.04 3.27
CA PHE A 57 3.14 8.74 4.19
C PHE A 57 4.13 9.91 4.24
N GLY A 58 4.29 10.60 3.12
CA GLY A 58 5.20 11.73 3.05
C GLY A 58 6.56 11.36 2.49
N MET A 59 6.59 10.28 1.70
CA MET A 59 7.83 9.82 1.09
C MET A 59 7.55 8.83 -0.03
N THR A 60 8.60 8.40 -0.73
CA THR A 60 8.48 7.46 -1.83
C THR A 60 8.72 6.04 -1.35
N ILE A 61 7.92 5.10 -1.87
CA ILE A 61 8.06 3.69 -1.50
C ILE A 61 9.52 3.30 -1.35
N SER A 62 10.37 3.82 -2.24
CA SER A 62 11.80 3.52 -2.21
C SER A 62 12.40 3.90 -0.86
N GLU A 63 12.00 5.07 -0.35
CA GLU A 63 12.50 5.54 0.94
C GLU A 63 11.80 4.86 2.09
N PHE A 64 10.51 4.57 1.91
CA PHE A 64 9.71 3.90 2.93
C PHE A 64 10.30 2.55 3.30
N ASP A 65 10.62 1.75 2.28
CA ASP A 65 11.20 0.43 2.49
C ASP A 65 12.53 0.54 3.22
N ARG A 66 13.12 1.73 3.19
CA ARG A 66 14.40 1.95 3.86
C ARG A 66 14.20 2.39 5.30
N LEU A 67 12.95 2.41 5.75
CA LEU A 67 12.62 2.79 7.11
C LEU A 67 12.75 1.61 8.06
N ALA A 68 12.54 1.87 9.35
CA ALA A 68 12.63 0.82 10.36
C ALA A 68 11.33 0.01 10.42
N LEU A 69 11.47 -1.30 10.54
CA LEU A 69 10.32 -2.19 10.61
C LEU A 69 9.19 -1.55 11.39
N TRP A 70 9.51 -1.06 12.59
CA TRP A 70 8.51 -0.42 13.44
C TRP A 70 7.89 0.78 12.75
N LYS A 71 8.71 1.53 12.03
CA LYS A 71 8.25 2.72 11.31
C LYS A 71 7.35 2.32 10.15
N ARG A 72 7.78 1.33 9.38
CA ARG A 72 7.02 0.85 8.23
C ARG A 72 5.68 0.29 8.68
N ASN A 73 5.64 -0.25 9.89
CA ASN A 73 4.41 -0.84 10.43
C ASN A 73 3.65 0.19 11.26
N GLU A 74 4.34 1.23 11.70
CA GLU A 74 3.73 2.28 12.51
C GLU A 74 3.04 3.30 11.63
N LEU A 75 3.69 3.71 10.54
CA LEU A 75 3.14 4.68 9.62
C LEU A 75 1.82 4.19 9.03
N LYS A 76 1.86 3.00 8.43
CA LYS A 76 0.67 2.41 7.84
C LYS A 76 -0.50 2.42 8.82
N LYS A 77 -0.19 2.15 10.09
CA LYS A 77 -1.21 2.13 11.13
C LYS A 77 -1.87 3.49 11.27
N GLN A 78 -1.08 4.55 11.11
CA GLN A 78 -1.60 5.92 11.22
C GLN A 78 -2.25 6.35 9.93
N ALA A 79 -1.95 5.66 8.83
CA ALA A 79 -2.52 5.98 7.53
C ALA A 79 -3.66 5.03 7.18
N ARG A 80 -4.08 4.23 8.15
CA ARG A 80 -5.16 3.28 7.95
C ARG A 80 -4.85 2.35 6.78
N LEU A 81 -3.57 2.07 6.58
CA LEU A 81 -3.14 1.19 5.50
C LEU A 81 -2.46 -0.06 6.05
N PHE A 82 -2.62 -0.29 7.35
CA PHE A 82 -2.02 -1.44 8.00
C PHE A 82 -3.09 -2.44 8.46
N SER A 83 -2.83 -3.72 8.25
CA SER A 83 -3.77 -4.77 8.64
C SER A 83 -3.20 -5.63 9.76
N GLY A 84 -1.93 -6.02 9.62
CA GLY A 84 -1.29 -6.84 10.62
C GLY A 84 -1.19 -8.29 10.21
N PRO A 85 0.04 -8.83 10.21
CA PRO A 85 0.29 -10.22 9.83
C PRO A 85 -0.26 -11.21 10.86
N SER A 86 0.02 -12.49 10.64
CA SER A 86 -0.44 -13.53 11.55
C SER A 86 0.73 -14.29 12.15
N SER A 87 0.59 -14.67 13.42
CA SER A 87 1.65 -15.39 14.12
C SER A 87 1.70 -16.85 13.67
N GLY A 88 2.90 -17.32 13.34
CA GLY A 88 3.07 -18.69 12.89
C GLY A 88 4.10 -18.82 11.79
N GLY A 1 18.61 -5.88 -11.36
CA GLY A 1 17.38 -6.00 -12.11
C GLY A 1 16.52 -4.76 -12.01
N SER A 2 16.28 -4.12 -13.16
CA SER A 2 15.47 -2.90 -13.19
C SER A 2 13.99 -3.25 -13.22
N SER A 3 13.59 -4.03 -14.21
CA SER A 3 12.19 -4.44 -14.36
C SER A 3 12.07 -5.65 -15.29
N GLY A 4 11.09 -6.50 -15.00
CA GLY A 4 10.88 -7.68 -15.82
C GLY A 4 9.49 -7.73 -16.42
N SER A 5 8.64 -8.59 -15.89
CA SER A 5 7.28 -8.74 -16.39
C SER A 5 6.61 -7.38 -16.55
N SER A 6 6.12 -7.10 -17.75
CA SER A 6 5.45 -5.84 -18.03
C SER A 6 4.48 -5.47 -16.92
N GLY A 7 4.33 -4.18 -16.67
CA GLY A 7 3.41 -3.72 -15.64
C GLY A 7 2.80 -2.37 -15.97
N ASN A 8 1.62 -2.12 -15.41
CA ASN A 8 0.92 -0.86 -15.64
C ASN A 8 0.69 -0.11 -14.33
N ALA A 9 0.02 -0.77 -13.38
CA ALA A 9 -0.25 -0.16 -12.09
C ALA A 9 1.04 0.14 -11.34
N VAL A 10 1.65 -0.91 -10.79
CA VAL A 10 2.89 -0.76 -10.04
C VAL A 10 4.07 -1.38 -10.78
N ASN A 11 5.24 -1.37 -10.15
CA ASN A 11 6.44 -1.95 -10.75
C ASN A 11 7.06 -2.99 -9.84
N TRP A 12 6.27 -3.96 -9.42
CA TRP A 12 6.75 -5.02 -8.53
C TRP A 12 6.86 -6.34 -9.29
N GLY A 13 7.77 -7.20 -8.82
CA GLY A 13 7.96 -8.49 -9.47
C GLY A 13 7.22 -9.60 -8.76
N MET A 14 7.27 -9.59 -7.43
CA MET A 14 6.59 -10.61 -6.64
C MET A 14 5.14 -10.75 -7.05
N ARG A 15 4.35 -9.71 -6.82
CA ARG A 15 2.93 -9.72 -7.17
C ARG A 15 2.55 -8.44 -7.90
N GLU A 16 1.30 -8.37 -8.34
CA GLU A 16 0.80 -7.19 -9.06
C GLU A 16 -0.26 -6.47 -8.23
N TYR A 17 0.16 -5.42 -7.53
CA TYR A 17 -0.76 -4.64 -6.70
C TYR A 17 -1.38 -3.50 -7.49
N LYS A 18 -2.62 -3.68 -7.91
CA LYS A 18 -3.33 -2.65 -8.68
C LYS A 18 -3.29 -1.31 -7.96
N ILE A 19 -3.09 -0.24 -8.72
CA ILE A 19 -3.05 1.10 -8.15
C ILE A 19 -4.42 1.54 -7.65
N TYR A 20 -4.57 1.62 -6.33
CA TYR A 20 -5.83 2.02 -5.74
C TYR A 20 -5.66 3.30 -4.91
N PRO A 21 -6.72 4.11 -4.86
CA PRO A 21 -6.72 5.37 -4.11
C PRO A 21 -6.68 5.15 -2.61
N TYR A 22 -5.90 5.96 -1.91
CA TYR A 22 -5.78 5.86 -0.46
C TYR A 22 -7.15 5.76 0.19
N GLU A 23 -8.07 6.63 -0.23
CA GLU A 23 -9.42 6.64 0.32
C GLU A 23 -9.95 5.22 0.47
N LEU A 24 -10.17 4.54 -0.66
CA LEU A 24 -10.68 3.18 -0.66
C LEU A 24 -9.65 2.22 -0.08
N LEU A 25 -8.38 2.62 -0.11
CA LEU A 25 -7.30 1.79 0.42
C LEU A 25 -7.17 1.95 1.92
N LEU A 26 -8.16 2.60 2.53
CA LEU A 26 -8.16 2.83 3.97
C LEU A 26 -8.44 1.53 4.73
N VAL A 27 -8.22 1.55 6.03
CA VAL A 27 -8.46 0.38 6.88
C VAL A 27 -9.19 0.76 8.15
N THR A 28 -9.73 1.97 8.19
CA THR A 28 -10.46 2.45 9.35
C THR A 28 -11.68 1.58 9.64
N THR A 29 -11.66 0.92 10.80
CA THR A 29 -12.76 0.05 11.19
C THR A 29 -14.08 0.80 11.17
N ARG A 30 -14.21 1.80 12.03
CA ARG A 30 -15.43 2.60 12.11
C ARG A 30 -15.62 3.43 10.84
N GLY A 31 -14.62 3.41 9.97
CA GLY A 31 -14.69 4.17 8.73
C GLY A 31 -15.30 3.37 7.60
N ARG A 32 -15.15 3.87 6.38
CA ARG A 32 -15.70 3.20 5.21
C ARG A 32 -14.60 2.50 4.41
N ASN A 33 -14.23 1.30 4.86
CA ASN A 33 -13.19 0.53 4.20
C ASN A 33 -13.74 -0.17 2.96
N ARG A 34 -13.54 0.45 1.80
CA ARG A 34 -14.02 -0.12 0.54
C ARG A 34 -12.92 -0.92 -0.15
N LEU A 35 -11.97 -1.41 0.64
CA LEU A 35 -10.86 -2.19 0.11
C LEU A 35 -11.36 -3.26 -0.86
N PRO A 36 -10.75 -3.29 -2.05
CA PRO A 36 -11.13 -4.26 -3.10
C PRO A 36 -10.72 -5.68 -2.74
N LYS A 37 -10.91 -6.60 -3.68
CA LYS A 37 -10.57 -8.01 -3.46
C LYS A 37 -9.23 -8.34 -4.12
N ASP A 38 -8.52 -7.32 -4.57
CA ASP A 38 -7.24 -7.50 -5.22
C ASP A 38 -6.14 -6.72 -4.50
N VAL A 39 -6.42 -6.32 -3.26
CA VAL A 39 -5.47 -5.56 -2.47
C VAL A 39 -4.81 -6.44 -1.41
N ASP A 40 -3.64 -6.02 -0.94
CA ASP A 40 -2.91 -6.77 0.08
C ASP A 40 -2.94 -6.04 1.42
N ARG A 41 -3.70 -6.59 2.37
CA ARG A 41 -3.81 -5.99 3.69
C ARG A 41 -2.43 -5.74 4.30
N THR A 42 -1.42 -6.37 3.73
CA THR A 42 -0.05 -6.21 4.21
C THR A 42 0.76 -5.30 3.29
N ARG A 43 0.28 -5.14 2.06
CA ARG A 43 0.96 -4.28 1.09
C ARG A 43 0.01 -3.22 0.54
N LEU A 44 -1.01 -2.89 1.32
CA LEU A 44 -1.99 -1.89 0.91
C LEU A 44 -1.30 -0.60 0.46
N GLU A 45 -0.26 -0.20 1.18
CA GLU A 45 0.49 1.00 0.86
C GLU A 45 1.11 0.89 -0.52
N ARG A 46 1.51 -0.32 -0.90
CA ARG A 46 2.13 -0.57 -2.19
C ARG A 46 1.13 -0.33 -3.33
N HIS A 47 -0.16 -0.32 -2.98
CA HIS A 47 -1.21 -0.11 -3.97
C HIS A 47 -1.39 1.37 -4.26
N LEU A 48 -0.64 2.21 -3.54
CA LEU A 48 -0.72 3.65 -3.72
C LEU A 48 0.36 4.14 -4.69
N SER A 49 -0.06 4.93 -5.68
CA SER A 49 0.87 5.45 -6.67
C SER A 49 1.90 6.37 -6.02
N GLN A 50 3.09 6.42 -6.62
CA GLN A 50 4.16 7.26 -6.09
C GLN A 50 3.69 8.69 -5.87
N GLU A 51 2.57 9.03 -6.49
CA GLU A 51 2.00 10.36 -6.36
C GLU A 51 1.22 10.51 -5.06
N GLU A 52 0.45 9.47 -4.71
CA GLU A 52 -0.34 9.48 -3.50
C GLU A 52 0.44 8.88 -2.33
N PHE A 53 0.97 7.68 -2.53
CA PHE A 53 1.73 7.00 -1.50
C PHE A 53 2.59 7.98 -0.73
N TYR A 54 3.03 9.04 -1.40
CA TYR A 54 3.87 10.06 -0.78
C TYR A 54 3.01 11.09 -0.04
N GLN A 55 1.90 11.47 -0.66
CA GLN A 55 1.00 12.45 -0.08
C GLN A 55 0.38 11.92 1.22
N VAL A 56 0.47 10.61 1.42
CA VAL A 56 -0.08 9.98 2.60
C VAL A 56 1.01 9.75 3.66
N PHE A 57 2.06 9.04 3.28
CA PHE A 57 3.16 8.76 4.19
C PHE A 57 4.13 9.93 4.25
N GLY A 58 4.29 10.61 3.12
CA GLY A 58 5.19 11.74 3.06
C GLY A 58 6.55 11.38 2.49
N MET A 59 6.59 10.32 1.70
CA MET A 59 7.84 9.86 1.09
C MET A 59 7.56 8.87 -0.04
N THR A 60 8.62 8.46 -0.72
CA THR A 60 8.50 7.51 -1.83
C THR A 60 8.75 6.08 -1.37
N ILE A 61 7.98 5.15 -1.90
CA ILE A 61 8.13 3.74 -1.55
C ILE A 61 9.59 3.37 -1.39
N SER A 62 10.44 3.91 -2.26
CA SER A 62 11.87 3.62 -2.23
C SER A 62 12.45 3.99 -0.86
N GLU A 63 12.04 5.13 -0.33
CA GLU A 63 12.52 5.59 0.96
C GLU A 63 11.80 4.88 2.10
N PHE A 64 10.52 4.58 1.89
CA PHE A 64 9.72 3.90 2.90
C PHE A 64 10.31 2.54 3.23
N ASP A 65 10.58 1.74 2.20
CA ASP A 65 11.15 0.41 2.39
C ASP A 65 12.50 0.49 3.11
N ARG A 66 13.09 1.68 3.10
CA ARG A 66 14.38 1.89 3.74
C ARG A 66 14.19 2.30 5.20
N LEU A 67 12.94 2.32 5.66
CA LEU A 67 12.63 2.69 7.03
C LEU A 67 12.74 1.48 7.95
N ALA A 68 12.53 1.71 9.25
CA ALA A 68 12.59 0.65 10.23
C ALA A 68 11.27 -0.13 10.29
N LEU A 69 11.38 -1.45 10.41
CA LEU A 69 10.21 -2.30 10.47
C LEU A 69 9.09 -1.64 11.28
N TRP A 70 9.43 -1.17 12.47
CA TRP A 70 8.47 -0.51 13.33
C TRP A 70 7.86 0.72 12.65
N LYS A 71 8.71 1.47 11.95
CA LYS A 71 8.26 2.66 11.24
C LYS A 71 7.34 2.30 10.08
N ARG A 72 7.75 1.30 9.30
CA ARG A 72 6.97 0.85 8.15
C ARG A 72 5.63 0.29 8.60
N ASN A 73 5.57 -0.24 9.81
CA ASN A 73 4.34 -0.80 10.35
C ASN A 73 3.61 0.24 11.20
N GLU A 74 4.32 1.25 11.64
CA GLU A 74 3.74 2.30 12.47
C GLU A 74 3.04 3.35 11.60
N LEU A 75 3.69 3.73 10.51
CA LEU A 75 3.13 4.72 9.59
C LEU A 75 1.80 4.23 9.02
N LYS A 76 1.80 3.02 8.47
CA LYS A 76 0.60 2.44 7.88
C LYS A 76 -0.56 2.48 8.87
N LYS A 77 -0.28 2.19 10.14
CA LYS A 77 -1.30 2.21 11.17
C LYS A 77 -1.91 3.59 11.32
N GLN A 78 -1.10 4.62 11.10
CA GLN A 78 -1.57 6.00 11.20
C GLN A 78 -2.23 6.45 9.91
N ALA A 79 -1.96 5.73 8.82
CA ALA A 79 -2.53 6.04 7.52
C ALA A 79 -3.70 5.11 7.20
N ARG A 80 -4.10 4.32 8.18
CA ARG A 80 -5.21 3.38 8.00
C ARG A 80 -4.91 2.41 6.85
N LEU A 81 -3.64 2.10 6.66
CA LEU A 81 -3.22 1.20 5.59
C LEU A 81 -2.55 -0.04 6.17
N PHE A 82 -2.72 -0.25 7.48
CA PHE A 82 -2.13 -1.40 8.15
C PHE A 82 -3.22 -2.38 8.60
N SER A 83 -2.92 -3.67 8.54
CA SER A 83 -3.86 -4.70 8.93
C SER A 83 -3.38 -5.43 10.18
N GLY A 84 -2.11 -5.78 10.20
CA GLY A 84 -1.55 -6.48 11.34
C GLY A 84 -2.01 -7.93 11.42
N PRO A 85 -1.22 -8.84 10.82
CA PRO A 85 -1.53 -10.27 10.81
C PRO A 85 -1.39 -10.90 12.19
N SER A 86 -1.95 -12.09 12.36
CA SER A 86 -1.89 -12.80 13.62
C SER A 86 -0.65 -13.69 13.69
N SER A 87 0.26 -13.35 14.59
CA SER A 87 1.50 -14.12 14.75
C SER A 87 1.20 -15.53 15.25
N GLY A 88 2.07 -16.48 14.91
CA GLY A 88 1.88 -17.86 15.32
C GLY A 88 2.70 -18.82 14.50
N GLY A 1 7.01 -10.00 -15.70
CA GLY A 1 7.79 -8.98 -16.37
C GLY A 1 7.30 -7.59 -16.07
N SER A 2 7.96 -6.59 -16.65
CA SER A 2 7.59 -5.20 -16.43
C SER A 2 6.67 -4.70 -17.54
N SER A 3 5.37 -4.70 -17.27
CA SER A 3 4.38 -4.25 -18.25
C SER A 3 3.84 -2.87 -17.88
N GLY A 4 3.61 -2.04 -18.89
CA GLY A 4 3.09 -0.71 -18.66
C GLY A 4 4.16 0.36 -18.79
N SER A 5 3.96 1.28 -19.73
CA SER A 5 4.92 2.35 -19.95
C SER A 5 4.44 3.66 -19.32
N SER A 6 3.14 3.90 -19.39
CA SER A 6 2.56 5.11 -18.82
C SER A 6 2.01 4.84 -17.42
N GLY A 7 2.89 4.41 -16.52
CA GLY A 7 2.47 4.13 -15.16
C GLY A 7 1.15 3.39 -15.10
N ASN A 8 1.01 2.37 -15.93
CA ASN A 8 -0.21 1.58 -15.96
C ASN A 8 -0.49 0.93 -14.61
N ALA A 9 0.54 0.30 -14.05
CA ALA A 9 0.41 -0.36 -12.75
C ALA A 9 1.77 -0.80 -12.22
N VAL A 10 1.94 -0.73 -10.90
CA VAL A 10 3.19 -1.12 -10.27
C VAL A 10 3.79 -2.34 -10.96
N ASN A 11 5.08 -2.24 -11.30
CA ASN A 11 5.78 -3.34 -11.97
C ASN A 11 6.46 -4.24 -10.95
N TRP A 12 5.80 -4.46 -9.81
CA TRP A 12 6.35 -5.31 -8.77
C TRP A 12 6.54 -6.74 -9.26
N GLY A 13 7.74 -7.28 -9.05
CA GLY A 13 8.03 -8.63 -9.48
C GLY A 13 7.27 -9.67 -8.68
N MET A 14 7.16 -9.45 -7.37
CA MET A 14 6.46 -10.38 -6.49
C MET A 14 5.01 -10.57 -6.95
N ARG A 15 4.26 -9.47 -7.01
CA ARG A 15 2.87 -9.51 -7.44
C ARG A 15 2.45 -8.20 -8.09
N GLU A 16 1.26 -8.18 -8.67
CA GLU A 16 0.75 -6.98 -9.33
C GLU A 16 -0.34 -6.33 -8.49
N TYR A 17 0.03 -5.26 -7.79
CA TYR A 17 -0.91 -4.54 -6.95
C TYR A 17 -1.56 -3.38 -7.71
N LYS A 18 -2.81 -3.58 -8.12
CA LYS A 18 -3.54 -2.55 -8.87
C LYS A 18 -3.52 -1.22 -8.11
N ILE A 19 -3.25 -0.14 -8.84
CA ILE A 19 -3.21 1.19 -8.24
C ILE A 19 -4.59 1.60 -7.70
N TYR A 20 -4.69 1.70 -6.39
CA TYR A 20 -5.95 2.08 -5.75
C TYR A 20 -5.78 3.36 -4.92
N PRO A 21 -6.85 4.17 -4.86
CA PRO A 21 -6.84 5.43 -4.11
C PRO A 21 -6.80 5.20 -2.60
N TYR A 22 -5.99 5.99 -1.91
CA TYR A 22 -5.85 5.87 -0.46
C TYR A 22 -7.21 5.75 0.20
N GLU A 23 -8.14 6.61 -0.19
CA GLU A 23 -9.49 6.59 0.37
C GLU A 23 -9.99 5.16 0.52
N LEU A 24 -10.20 4.50 -0.61
CA LEU A 24 -10.69 3.12 -0.61
C LEU A 24 -9.63 2.17 -0.08
N LEU A 25 -8.37 2.60 -0.12
CA LEU A 25 -7.27 1.79 0.36
C LEU A 25 -7.11 1.92 1.87
N LEU A 26 -8.10 2.54 2.51
CA LEU A 26 -8.08 2.73 3.96
C LEU A 26 -8.33 1.42 4.68
N VAL A 27 -8.16 1.42 6.00
CA VAL A 27 -8.37 0.22 6.81
C VAL A 27 -9.17 0.55 8.06
N THR A 28 -10.12 1.47 7.93
CA THR A 28 -10.97 1.87 9.05
C THR A 28 -12.24 1.02 9.12
N THR A 29 -12.61 0.62 10.32
CA THR A 29 -13.80 -0.20 10.51
C THR A 29 -15.06 0.66 10.52
N ARG A 30 -15.03 1.76 11.27
CA ARG A 30 -16.16 2.66 11.37
C ARG A 30 -16.06 3.77 10.32
N GLY A 31 -15.14 3.60 9.37
CA GLY A 31 -14.96 4.59 8.34
C GLY A 31 -15.56 4.18 7.01
N ARG A 32 -15.13 4.83 5.94
CA ARG A 32 -15.63 4.51 4.60
C ARG A 32 -14.59 3.73 3.80
N ASN A 33 -14.20 2.57 4.32
CA ASN A 33 -13.22 1.72 3.66
C ASN A 33 -13.90 0.70 2.76
N ARG A 34 -13.56 0.73 1.47
CA ARG A 34 -14.15 -0.20 0.51
C ARG A 34 -13.06 -1.04 -0.16
N LEU A 35 -12.01 -1.37 0.60
CA LEU A 35 -10.91 -2.17 0.09
C LEU A 35 -11.42 -3.21 -0.91
N PRO A 36 -10.80 -3.23 -2.09
CA PRO A 36 -11.16 -4.18 -3.16
C PRO A 36 -10.77 -5.62 -2.82
N LYS A 37 -10.96 -6.51 -3.78
CA LYS A 37 -10.62 -7.92 -3.57
C LYS A 37 -9.28 -8.26 -4.24
N ASP A 38 -8.57 -7.23 -4.66
CA ASP A 38 -7.27 -7.42 -5.31
C ASP A 38 -6.18 -6.65 -4.57
N VAL A 39 -6.47 -6.27 -3.33
CA VAL A 39 -5.50 -5.53 -2.52
C VAL A 39 -4.84 -6.42 -1.48
N ASP A 40 -3.67 -6.02 -1.01
CA ASP A 40 -2.93 -6.79 -0.01
C ASP A 40 -2.94 -6.08 1.33
N ARG A 41 -3.69 -6.62 2.28
CA ARG A 41 -3.78 -6.02 3.62
C ARG A 41 -2.40 -5.77 4.20
N THR A 42 -1.39 -6.41 3.60
CA THR A 42 -0.01 -6.26 4.06
C THR A 42 0.77 -5.31 3.15
N ARG A 43 0.28 -5.14 1.92
CA ARG A 43 0.94 -4.27 0.95
C ARG A 43 -0.04 -3.22 0.43
N LEU A 44 -1.04 -2.88 1.25
CA LEU A 44 -2.03 -1.89 0.87
C LEU A 44 -1.38 -0.59 0.42
N GLU A 45 -0.30 -0.21 1.11
CA GLU A 45 0.43 1.01 0.78
C GLU A 45 1.02 0.93 -0.62
N ARG A 46 1.45 -0.27 -1.01
CA ARG A 46 2.03 -0.47 -2.33
C ARG A 46 1.01 -0.21 -3.42
N HIS A 47 -0.26 -0.26 -3.06
CA HIS A 47 -1.33 -0.02 -4.02
C HIS A 47 -1.51 1.47 -4.29
N LEU A 48 -0.74 2.29 -3.57
CA LEU A 48 -0.81 3.73 -3.72
C LEU A 48 0.23 4.23 -4.72
N SER A 49 -0.22 5.02 -5.69
CA SER A 49 0.67 5.55 -6.71
C SER A 49 1.75 6.43 -6.09
N GLN A 50 2.97 6.29 -6.59
CA GLN A 50 4.09 7.07 -6.07
C GLN A 50 3.66 8.51 -5.78
N GLU A 51 2.62 8.96 -6.46
CA GLU A 51 2.12 10.32 -6.27
C GLU A 51 1.35 10.42 -4.95
N GLU A 52 0.45 9.47 -4.71
CA GLU A 52 -0.35 9.47 -3.49
C GLU A 52 0.44 8.86 -2.33
N PHE A 53 0.96 7.66 -2.54
CA PHE A 53 1.73 6.97 -1.52
C PHE A 53 2.59 7.96 -0.73
N TYR A 54 3.06 9.00 -1.41
CA TYR A 54 3.89 10.02 -0.78
C TYR A 54 3.03 11.06 -0.06
N GLN A 55 1.92 11.42 -0.69
CA GLN A 55 1.02 12.41 -0.12
C GLN A 55 0.40 11.89 1.18
N VAL A 56 0.48 10.59 1.39
CA VAL A 56 -0.07 9.96 2.59
C VAL A 56 1.01 9.76 3.64
N PHE A 57 2.05 9.03 3.27
CA PHE A 57 3.15 8.75 4.19
C PHE A 57 4.13 9.92 4.24
N GLY A 58 4.28 10.61 3.11
CA GLY A 58 5.18 11.74 3.05
C GLY A 58 6.54 11.37 2.49
N MET A 59 6.58 10.29 1.72
CA MET A 59 7.83 9.83 1.12
C MET A 59 7.56 8.84 -0.01
N THR A 60 8.62 8.44 -0.71
CA THR A 60 8.49 7.50 -1.81
C THR A 60 8.75 6.07 -1.35
N ILE A 61 7.97 5.14 -1.88
CA ILE A 61 8.12 3.73 -1.52
C ILE A 61 9.59 3.35 -1.36
N SER A 62 10.44 3.89 -2.24
CA SER A 62 11.86 3.60 -2.19
C SER A 62 12.44 3.97 -0.83
N GLU A 63 12.03 5.12 -0.31
CA GLU A 63 12.51 5.59 0.98
C GLU A 63 11.80 4.87 2.13
N PHE A 64 10.52 4.57 1.92
CA PHE A 64 9.72 3.89 2.92
C PHE A 64 10.33 2.52 3.27
N ASP A 65 10.68 1.77 2.24
CA ASP A 65 11.28 0.45 2.43
C ASP A 65 12.62 0.55 3.15
N ARG A 66 13.18 1.76 3.17
CA ARG A 66 14.47 1.99 3.82
C ARG A 66 14.26 2.39 5.28
N LEU A 67 13.01 2.37 5.73
CA LEU A 67 12.69 2.75 7.10
C LEU A 67 12.79 1.54 8.03
N ALA A 68 12.56 1.77 9.32
CA ALA A 68 12.62 0.70 10.31
C ALA A 68 11.32 -0.07 10.36
N LEU A 69 11.42 -1.39 10.51
CA LEU A 69 10.24 -2.25 10.57
C LEU A 69 9.13 -1.58 11.37
N TRP A 70 9.46 -1.10 12.56
CA TRP A 70 8.48 -0.44 13.41
C TRP A 70 7.87 0.78 12.71
N LYS A 71 8.71 1.51 11.99
CA LYS A 71 8.27 2.71 11.27
C LYS A 71 7.36 2.32 10.10
N ARG A 72 7.78 1.31 9.34
CA ARG A 72 7.02 0.84 8.20
C ARG A 72 5.68 0.27 8.64
N ASN A 73 5.63 -0.25 9.85
CA ASN A 73 4.41 -0.84 10.40
C ASN A 73 3.65 0.17 11.24
N GLU A 74 4.36 1.23 11.67
CA GLU A 74 3.75 2.26 12.50
C GLU A 74 3.05 3.30 11.63
N LEU A 75 3.71 3.70 10.54
CA LEU A 75 3.15 4.68 9.63
C LEU A 75 1.83 4.20 9.05
N LYS A 76 1.85 3.02 8.44
CA LYS A 76 0.65 2.44 7.85
C LYS A 76 -0.51 2.44 8.83
N LYS A 77 -0.20 2.19 10.10
CA LYS A 77 -1.21 2.18 11.14
C LYS A 77 -1.88 3.55 11.28
N GLN A 78 -1.10 4.60 11.07
CA GLN A 78 -1.60 5.96 11.18
C GLN A 78 -2.28 6.39 9.88
N ALA A 79 -1.98 5.68 8.79
CA ALA A 79 -2.55 5.99 7.49
C ALA A 79 -3.69 5.02 7.15
N ARG A 80 -4.11 4.25 8.14
CA ARG A 80 -5.18 3.28 7.95
C ARG A 80 -4.87 2.33 6.80
N LEU A 81 -3.58 2.06 6.61
CA LEU A 81 -3.14 1.16 5.54
C LEU A 81 -2.46 -0.07 6.11
N PHE A 82 -2.64 -0.29 7.40
CA PHE A 82 -2.05 -1.45 8.08
C PHE A 82 -3.12 -2.40 8.58
N SER A 83 -2.82 -3.69 8.55
CA SER A 83 -3.77 -4.72 8.99
C SER A 83 -3.08 -5.72 9.92
N GLY A 84 -1.88 -6.13 9.55
CA GLY A 84 -1.14 -7.09 10.35
C GLY A 84 -0.71 -8.30 9.56
N PRO A 85 0.62 -8.47 9.39
CA PRO A 85 1.20 -9.59 8.65
C PRO A 85 1.03 -10.92 9.37
N SER A 86 -0.07 -11.62 9.08
CA SER A 86 -0.35 -12.90 9.72
C SER A 86 0.59 -13.98 9.19
N SER A 87 0.59 -15.13 9.86
CA SER A 87 1.46 -16.25 9.46
C SER A 87 0.62 -17.48 9.14
N GLY A 88 -0.33 -17.80 10.02
CA GLY A 88 -1.18 -18.96 9.81
C GLY A 88 -1.99 -18.86 8.53
N GLY A 1 11.96 -7.75 -24.40
CA GLY A 1 11.09 -6.89 -23.61
C GLY A 1 9.64 -6.96 -24.08
N SER A 2 8.84 -5.98 -23.68
CA SER A 2 7.43 -5.94 -24.05
C SER A 2 7.25 -5.30 -25.42
N SER A 3 7.81 -4.10 -25.58
CA SER A 3 7.71 -3.39 -26.85
C SER A 3 6.28 -3.41 -27.38
N GLY A 4 5.32 -3.21 -26.48
CA GLY A 4 3.92 -3.23 -26.88
C GLY A 4 2.98 -2.91 -25.73
N SER A 5 1.93 -2.16 -26.01
CA SER A 5 0.96 -1.79 -24.99
C SER A 5 0.74 -2.93 -24.01
N SER A 6 1.19 -2.75 -22.78
CA SER A 6 1.03 -3.77 -21.75
C SER A 6 0.01 -3.34 -20.70
N GLY A 7 0.32 -2.25 -20.00
CA GLY A 7 -0.58 -1.75 -18.98
C GLY A 7 0.13 -0.91 -17.94
N ASN A 8 -0.63 -0.19 -17.14
CA ASN A 8 -0.08 0.67 -16.09
C ASN A 8 -0.31 0.08 -14.71
N ALA A 9 0.77 -0.26 -14.02
CA ALA A 9 0.66 -0.83 -12.68
C ALA A 9 2.05 -0.99 -12.05
N VAL A 10 2.10 -0.93 -10.72
CA VAL A 10 3.36 -1.07 -10.00
C VAL A 10 4.30 -2.04 -10.70
N ASN A 11 5.58 -1.70 -10.73
CA ASN A 11 6.59 -2.54 -11.37
C ASN A 11 7.11 -3.60 -10.41
N TRP A 12 6.27 -4.02 -9.47
CA TRP A 12 6.64 -5.02 -8.49
C TRP A 12 6.72 -6.40 -9.13
N GLY A 13 6.97 -7.42 -8.30
CA GLY A 13 7.07 -8.78 -8.81
C GLY A 13 6.31 -9.77 -7.96
N MET A 14 6.68 -9.85 -6.69
CA MET A 14 6.02 -10.77 -5.75
C MET A 14 4.53 -10.89 -6.07
N ARG A 15 3.90 -9.76 -6.38
CA ARG A 15 2.48 -9.75 -6.69
C ARG A 15 2.13 -8.52 -7.52
N GLU A 16 0.92 -8.53 -8.09
CA GLU A 16 0.46 -7.41 -8.92
C GLU A 16 -0.51 -6.54 -8.14
N TYR A 17 0.02 -5.58 -7.39
CA TYR A 17 -0.80 -4.68 -6.59
C TYR A 17 -1.35 -3.54 -7.45
N LYS A 18 -2.62 -3.64 -7.84
CA LYS A 18 -3.26 -2.63 -8.66
C LYS A 18 -3.22 -1.27 -7.97
N ILE A 19 -3.12 -0.20 -8.76
CA ILE A 19 -3.07 1.15 -8.22
C ILE A 19 -4.44 1.58 -7.70
N TYR A 20 -4.57 1.64 -6.38
CA TYR A 20 -5.82 2.04 -5.75
C TYR A 20 -5.64 3.32 -4.94
N PRO A 21 -6.70 4.14 -4.87
CA PRO A 21 -6.69 5.39 -4.13
C PRO A 21 -6.65 5.18 -2.62
N TYR A 22 -5.87 6.01 -1.93
CA TYR A 22 -5.76 5.90 -0.48
C TYR A 22 -7.12 5.78 0.18
N GLU A 23 -8.06 6.63 -0.24
CA GLU A 23 -9.41 6.63 0.30
C GLU A 23 -9.92 5.20 0.45
N LEU A 24 -10.12 4.52 -0.67
CA LEU A 24 -10.62 3.15 -0.66
C LEU A 24 -9.57 2.20 -0.09
N LEU A 25 -8.31 2.63 -0.14
CA LEU A 25 -7.21 1.81 0.38
C LEU A 25 -7.08 1.97 1.89
N LEU A 26 -8.07 2.59 2.50
CA LEU A 26 -8.07 2.80 3.95
C LEU A 26 -8.32 1.49 4.68
N VAL A 27 -8.12 1.50 6.00
CA VAL A 27 -8.33 0.32 6.82
C VAL A 27 -9.09 0.66 8.09
N THR A 28 -10.05 1.58 7.98
CA THR A 28 -10.85 2.00 9.12
C THR A 28 -12.11 1.15 9.24
N THR A 29 -12.15 0.29 10.25
CA THR A 29 -13.30 -0.58 10.48
C THR A 29 -14.60 0.21 10.40
N ARG A 30 -14.78 1.16 11.32
CA ARG A 30 -15.99 1.98 11.34
C ARG A 30 -15.78 3.27 10.56
N GLY A 31 -15.34 3.15 9.32
CA GLY A 31 -15.11 4.30 8.48
C GLY A 31 -15.55 4.10 7.05
N ARG A 32 -14.94 4.83 6.12
CA ARG A 32 -15.28 4.73 4.72
C ARG A 32 -14.21 3.95 3.96
N ASN A 33 -14.06 2.67 4.30
CA ASN A 33 -13.08 1.82 3.66
C ASN A 33 -13.75 0.80 2.75
N ARG A 34 -13.43 0.87 1.46
CA ARG A 34 -14.01 -0.04 0.48
C ARG A 34 -12.92 -0.88 -0.21
N LEU A 35 -11.94 -1.30 0.58
CA LEU A 35 -10.82 -2.10 0.06
C LEU A 35 -11.34 -3.14 -0.93
N PRO A 36 -10.71 -3.19 -2.11
CA PRO A 36 -11.08 -4.15 -3.17
C PRO A 36 -10.72 -5.59 -2.80
N LYS A 37 -10.89 -6.50 -3.74
CA LYS A 37 -10.58 -7.90 -3.53
C LYS A 37 -9.26 -8.28 -4.17
N ASP A 38 -8.49 -7.26 -4.59
CA ASP A 38 -7.20 -7.48 -5.23
C ASP A 38 -6.10 -6.71 -4.51
N VAL A 39 -6.38 -6.30 -3.28
CA VAL A 39 -5.42 -5.54 -2.49
C VAL A 39 -4.76 -6.44 -1.43
N ASP A 40 -3.61 -6.00 -0.93
CA ASP A 40 -2.88 -6.75 0.08
C ASP A 40 -2.92 -6.04 1.42
N ARG A 41 -3.73 -6.54 2.34
CA ARG A 41 -3.87 -5.95 3.67
C ARG A 41 -2.49 -5.70 4.28
N THR A 42 -1.47 -6.37 3.75
CA THR A 42 -0.12 -6.21 4.25
C THR A 42 0.71 -5.30 3.35
N ARG A 43 0.27 -5.16 2.10
CA ARG A 43 0.96 -4.31 1.13
C ARG A 43 0.01 -3.25 0.56
N LEU A 44 -1.01 -2.90 1.34
CA LEU A 44 -1.98 -1.90 0.90
C LEU A 44 -1.29 -0.62 0.46
N GLU A 45 -0.24 -0.23 1.19
CA GLU A 45 0.50 0.97 0.87
C GLU A 45 1.14 0.88 -0.51
N ARG A 46 1.51 -0.35 -0.89
CA ARG A 46 2.13 -0.58 -2.20
C ARG A 46 1.12 -0.35 -3.33
N HIS A 47 -0.15 -0.28 -2.97
CA HIS A 47 -1.21 -0.07 -3.95
C HIS A 47 -1.40 1.42 -4.22
N LEU A 48 -0.63 2.25 -3.52
CA LEU A 48 -0.72 3.70 -3.69
C LEU A 48 0.33 4.20 -4.69
N SER A 49 -0.12 4.97 -5.67
CA SER A 49 0.77 5.51 -6.69
C SER A 49 1.80 6.44 -6.07
N GLN A 50 3.04 6.36 -6.55
CA GLN A 50 4.11 7.19 -6.04
C GLN A 50 3.62 8.60 -5.76
N GLU A 51 2.57 9.01 -6.46
CA GLU A 51 2.00 10.34 -6.30
C GLU A 51 1.27 10.45 -4.96
N GLU A 52 0.37 9.51 -4.70
CA GLU A 52 -0.40 9.50 -3.46
C GLU A 52 0.42 8.91 -2.32
N PHE A 53 0.94 7.70 -2.53
CA PHE A 53 1.74 7.02 -1.53
C PHE A 53 2.61 8.02 -0.76
N TYR A 54 3.02 9.08 -1.44
CA TYR A 54 3.85 10.11 -0.81
C TYR A 54 3.00 11.14 -0.09
N GLN A 55 1.88 11.50 -0.70
CA GLN A 55 0.97 12.48 -0.12
C GLN A 55 0.37 11.95 1.18
N VAL A 56 0.46 10.64 1.38
CA VAL A 56 -0.08 10.01 2.58
C VAL A 56 1.01 9.79 3.62
N PHE A 57 2.07 9.11 3.23
CA PHE A 57 3.18 8.83 4.13
C PHE A 57 4.16 10.01 4.17
N GLY A 58 4.32 10.68 3.04
CA GLY A 58 5.22 11.82 2.96
C GLY A 58 6.58 11.44 2.41
N MET A 59 6.63 10.38 1.62
CA MET A 59 7.87 9.92 1.02
C MET A 59 7.61 8.95 -0.12
N THR A 60 8.68 8.49 -0.76
CA THR A 60 8.56 7.55 -1.88
C THR A 60 8.79 6.11 -1.40
N ILE A 61 7.99 5.19 -1.94
CA ILE A 61 8.10 3.79 -1.59
C ILE A 61 9.56 3.37 -1.43
N SER A 62 10.41 3.90 -2.30
CA SER A 62 11.84 3.58 -2.26
C SER A 62 12.44 3.95 -0.90
N GLU A 63 12.05 5.10 -0.38
CA GLU A 63 12.54 5.56 0.92
C GLU A 63 11.82 4.85 2.06
N PHE A 64 10.54 4.58 1.87
CA PHE A 64 9.73 3.91 2.89
C PHE A 64 10.33 2.54 3.22
N ASP A 65 10.64 1.77 2.20
CA ASP A 65 11.22 0.44 2.39
C ASP A 65 12.56 0.53 3.11
N ARG A 66 13.10 1.74 3.20
CA ARG A 66 14.39 1.96 3.85
C ARG A 66 14.19 2.33 5.32
N LEU A 67 12.94 2.31 5.77
CA LEU A 67 12.62 2.65 7.15
C LEU A 67 12.72 1.41 8.04
N ALA A 68 12.50 1.61 9.34
CA ALA A 68 12.56 0.52 10.30
C ALA A 68 11.23 -0.23 10.38
N LEU A 69 11.30 -1.55 10.48
CA LEU A 69 10.11 -2.37 10.56
C LEU A 69 9.01 -1.67 11.36
N TRP A 70 9.37 -1.22 12.56
CA TRP A 70 8.42 -0.53 13.42
C TRP A 70 7.86 0.71 12.73
N LYS A 71 8.72 1.43 12.02
CA LYS A 71 8.30 2.63 11.30
C LYS A 71 7.39 2.29 10.13
N ARG A 72 7.79 1.30 9.35
CA ARG A 72 7.01 0.86 8.19
C ARG A 72 5.66 0.32 8.62
N ASN A 73 5.60 -0.23 9.84
CA ASN A 73 4.37 -0.78 10.37
C ASN A 73 3.62 0.25 11.23
N GLU A 74 4.35 1.27 11.68
CA GLU A 74 3.76 2.31 12.50
C GLU A 74 3.05 3.36 11.63
N LEU A 75 3.70 3.74 10.54
CA LEU A 75 3.13 4.73 9.64
C LEU A 75 1.81 4.24 9.05
N LYS A 76 1.85 3.05 8.44
CA LYS A 76 0.66 2.47 7.83
C LYS A 76 -0.50 2.46 8.83
N LYS A 77 -0.20 2.16 10.09
CA LYS A 77 -1.21 2.13 11.13
C LYS A 77 -1.89 3.48 11.28
N GLN A 78 -1.13 4.55 11.07
CA GLN A 78 -1.65 5.90 11.18
C GLN A 78 -2.34 6.33 9.89
N ALA A 79 -1.92 5.73 8.78
CA ALA A 79 -2.50 6.04 7.48
C ALA A 79 -3.63 5.09 7.13
N ARG A 80 -4.07 4.31 8.12
CA ARG A 80 -5.15 3.36 7.92
C ARG A 80 -4.84 2.42 6.76
N LEU A 81 -3.55 2.13 6.57
CA LEU A 81 -3.12 1.25 5.49
C LEU A 81 -2.47 -0.02 6.04
N PHE A 82 -2.65 -0.24 7.34
CA PHE A 82 -2.09 -1.43 7.99
C PHE A 82 -3.19 -2.34 8.51
N SER A 83 -2.93 -3.64 8.49
CA SER A 83 -3.90 -4.62 8.95
C SER A 83 -3.21 -5.86 9.50
N GLY A 84 -3.22 -6.00 10.83
CA GLY A 84 -2.58 -7.15 11.45
C GLY A 84 -3.24 -8.46 11.08
N PRO A 85 -2.50 -9.31 10.37
CA PRO A 85 -3.00 -10.63 9.93
C PRO A 85 -3.18 -11.59 11.09
N SER A 86 -4.02 -12.61 10.89
CA SER A 86 -4.28 -13.61 11.92
C SER A 86 -4.46 -12.94 13.28
N SER A 87 -5.34 -11.94 13.33
CA SER A 87 -5.60 -11.22 14.58
C SER A 87 -6.97 -11.59 15.15
N GLY A 88 -8.00 -11.47 14.31
CA GLY A 88 -9.34 -11.80 14.75
C GLY A 88 -9.95 -12.96 13.96
N GLY A 1 4.74 -17.79 -18.35
CA GLY A 1 4.55 -18.72 -19.44
C GLY A 1 3.52 -18.25 -20.45
N SER A 2 2.36 -17.84 -19.96
CA SER A 2 1.28 -17.36 -20.83
C SER A 2 0.88 -15.94 -20.45
N SER A 3 0.49 -15.75 -19.20
CA SER A 3 0.06 -14.45 -18.71
C SER A 3 1.04 -13.36 -19.16
N GLY A 4 0.64 -12.11 -18.96
CA GLY A 4 1.49 -10.99 -19.35
C GLY A 4 1.05 -9.69 -18.72
N SER A 5 2.02 -8.90 -18.26
CA SER A 5 1.73 -7.62 -17.63
C SER A 5 1.52 -6.53 -18.68
N SER A 6 0.70 -5.54 -18.35
CA SER A 6 0.41 -4.44 -19.26
C SER A 6 -0.21 -3.26 -18.53
N GLY A 7 -0.10 -2.08 -19.12
CA GLY A 7 -0.65 -0.88 -18.50
C GLY A 7 0.25 -0.32 -17.41
N ASN A 8 -0.33 0.50 -16.54
CA ASN A 8 0.43 1.10 -15.46
C ASN A 8 0.13 0.40 -14.13
N ALA A 9 1.13 -0.30 -13.61
CA ALA A 9 0.98 -1.02 -12.35
C ALA A 9 2.34 -1.31 -11.72
N VAL A 10 2.40 -1.21 -10.39
CA VAL A 10 3.63 -1.46 -9.66
C VAL A 10 4.46 -2.56 -10.33
N ASN A 11 5.77 -2.31 -10.45
CA ASN A 11 6.66 -3.28 -11.08
C ASN A 11 7.48 -4.03 -10.03
N TRP A 12 6.81 -4.47 -8.97
CA TRP A 12 7.47 -5.21 -7.90
C TRP A 12 7.94 -6.57 -8.37
N GLY A 13 7.06 -7.29 -9.06
CA GLY A 13 7.42 -8.61 -9.56
C GLY A 13 6.66 -9.72 -8.85
N MET A 14 7.00 -9.94 -7.59
CA MET A 14 6.35 -10.98 -6.79
C MET A 14 4.86 -11.06 -7.11
N ARG A 15 4.11 -10.08 -6.61
CA ARG A 15 2.67 -10.03 -6.82
C ARG A 15 2.30 -8.86 -7.73
N GLU A 16 1.00 -8.65 -7.92
CA GLU A 16 0.51 -7.56 -8.76
C GLU A 16 -0.46 -6.68 -7.99
N TYR A 17 0.06 -5.63 -7.36
CA TYR A 17 -0.76 -4.71 -6.58
C TYR A 17 -1.25 -3.57 -7.46
N LYS A 18 -2.53 -3.63 -7.83
CA LYS A 18 -3.13 -2.59 -8.67
C LYS A 18 -3.11 -1.25 -7.96
N ILE A 19 -3.00 -0.17 -8.74
CA ILE A 19 -2.98 1.18 -8.18
C ILE A 19 -4.36 1.59 -7.69
N TYR A 20 -4.49 1.79 -6.38
CA TYR A 20 -5.75 2.19 -5.78
C TYR A 20 -5.59 3.45 -4.94
N PRO A 21 -6.64 4.27 -4.89
CA PRO A 21 -6.64 5.52 -4.14
C PRO A 21 -6.64 5.29 -2.62
N TYR A 22 -5.84 6.07 -1.91
CA TYR A 22 -5.74 5.94 -0.46
C TYR A 22 -7.12 5.79 0.17
N GLU A 23 -8.04 6.67 -0.21
CA GLU A 23 -9.39 6.63 0.31
C GLU A 23 -9.89 5.19 0.44
N LEU A 24 -10.14 4.56 -0.70
CA LEU A 24 -10.61 3.18 -0.73
C LEU A 24 -9.55 2.23 -0.17
N LEU A 25 -8.30 2.66 -0.20
CA LEU A 25 -7.20 1.85 0.30
C LEU A 25 -7.08 1.98 1.82
N LEU A 26 -8.08 2.59 2.44
CA LEU A 26 -8.08 2.77 3.88
C LEU A 26 -8.35 1.45 4.60
N VAL A 27 -8.18 1.45 5.91
CA VAL A 27 -8.40 0.25 6.72
C VAL A 27 -9.21 0.57 7.97
N THR A 28 -10.22 1.42 7.82
CA THR A 28 -11.07 1.81 8.94
C THR A 28 -12.38 1.03 8.93
N THR A 29 -12.54 0.16 9.93
CA THR A 29 -13.75 -0.65 10.04
C THR A 29 -15.01 0.22 10.00
N ARG A 30 -15.19 1.02 11.04
CA ARG A 30 -16.36 1.90 11.12
C ARG A 30 -16.13 3.18 10.31
N GLY A 31 -15.54 3.03 9.14
CA GLY A 31 -15.27 4.18 8.28
C GLY A 31 -15.69 3.95 6.85
N ARG A 32 -15.14 4.75 5.93
CA ARG A 32 -15.48 4.64 4.52
C ARG A 32 -14.40 3.85 3.78
N ASN A 33 -14.20 2.61 4.18
CA ASN A 33 -13.20 1.75 3.55
C ASN A 33 -13.86 0.75 2.60
N ARG A 34 -13.57 0.86 1.32
CA ARG A 34 -14.13 -0.03 0.32
C ARG A 34 -13.04 -0.84 -0.37
N LEU A 35 -12.02 -1.22 0.41
CA LEU A 35 -10.91 -2.01 -0.12
C LEU A 35 -11.40 -3.04 -1.13
N PRO A 36 -10.74 -3.08 -2.29
CA PRO A 36 -11.09 -4.03 -3.37
C PRO A 36 -10.75 -5.47 -3.00
N LYS A 37 -10.88 -6.36 -3.98
CA LYS A 37 -10.58 -7.78 -3.76
C LYS A 37 -9.24 -8.15 -4.38
N ASP A 38 -8.47 -7.14 -4.76
CA ASP A 38 -7.16 -7.37 -5.37
C ASP A 38 -6.08 -6.61 -4.61
N VAL A 39 -6.38 -6.21 -3.39
CA VAL A 39 -5.44 -5.47 -2.56
C VAL A 39 -4.81 -6.37 -1.50
N ASP A 40 -3.66 -5.96 -0.99
CA ASP A 40 -2.95 -6.73 0.03
C ASP A 40 -3.01 -6.02 1.37
N ARG A 41 -3.81 -6.55 2.29
CA ARG A 41 -3.94 -5.96 3.62
C ARG A 41 -2.58 -5.74 4.26
N THR A 42 -1.56 -6.40 3.72
CA THR A 42 -0.21 -6.27 4.24
C THR A 42 0.64 -5.35 3.37
N ARG A 43 0.21 -5.15 2.13
CA ARG A 43 0.91 -4.28 1.19
C ARG A 43 -0.02 -3.25 0.59
N LEU A 44 -1.05 -2.87 1.34
CA LEU A 44 -2.02 -1.89 0.88
C LEU A 44 -1.32 -0.61 0.44
N GLU A 45 -0.33 -0.18 1.22
CA GLU A 45 0.41 1.03 0.90
C GLU A 45 1.10 0.92 -0.45
N ARG A 46 1.46 -0.32 -0.83
CA ARG A 46 2.13 -0.57 -2.09
C ARG A 46 1.17 -0.35 -3.27
N HIS A 47 -0.12 -0.25 -2.95
CA HIS A 47 -1.13 -0.05 -3.99
C HIS A 47 -1.30 1.42 -4.29
N LEU A 48 -0.65 2.27 -3.50
CA LEU A 48 -0.74 3.71 -3.69
C LEU A 48 0.31 4.19 -4.69
N SER A 49 -0.12 5.01 -5.65
CA SER A 49 0.78 5.54 -6.66
C SER A 49 1.81 6.48 -6.05
N GLN A 50 3.06 6.35 -6.50
CA GLN A 50 4.14 7.19 -6.00
C GLN A 50 3.67 8.61 -5.75
N GLU A 51 2.63 9.02 -6.48
CA GLU A 51 2.08 10.36 -6.35
C GLU A 51 1.32 10.51 -5.04
N GLU A 52 0.46 9.53 -4.74
CA GLU A 52 -0.33 9.56 -3.52
C GLU A 52 0.46 8.96 -2.34
N PHE A 53 0.95 7.74 -2.55
CA PHE A 53 1.72 7.05 -1.51
C PHE A 53 2.59 8.03 -0.74
N TYR A 54 3.06 9.07 -1.42
CA TYR A 54 3.91 10.08 -0.79
C TYR A 54 3.06 11.12 -0.06
N GLN A 55 1.94 11.52 -0.68
CA GLN A 55 1.05 12.50 -0.09
C GLN A 55 0.43 11.97 1.19
N VAL A 56 0.48 10.66 1.37
CA VAL A 56 -0.08 10.02 2.55
C VAL A 56 0.99 9.78 3.62
N PHE A 57 2.04 9.06 3.24
CA PHE A 57 3.13 8.76 4.15
C PHE A 57 4.11 9.93 4.23
N GLY A 58 4.30 10.61 3.10
CA GLY A 58 5.22 11.74 3.05
C GLY A 58 6.57 11.36 2.50
N MET A 59 6.60 10.30 1.69
CA MET A 59 7.85 9.84 1.09
C MET A 59 7.58 8.86 -0.05
N THR A 60 8.63 8.43 -0.73
CA THR A 60 8.50 7.49 -1.84
C THR A 60 8.73 6.06 -1.37
N ILE A 61 7.93 5.14 -1.89
CA ILE A 61 8.06 3.73 -1.54
C ILE A 61 9.53 3.32 -1.38
N SER A 62 10.37 3.85 -2.27
CA SER A 62 11.80 3.54 -2.23
C SER A 62 12.40 3.91 -0.88
N GLU A 63 12.02 5.07 -0.37
CA GLU A 63 12.52 5.53 0.92
C GLU A 63 11.81 4.83 2.08
N PHE A 64 10.51 4.56 1.88
CA PHE A 64 9.72 3.89 2.89
C PHE A 64 10.31 2.52 3.25
N ASP A 65 10.59 1.72 2.22
CA ASP A 65 11.15 0.40 2.42
C ASP A 65 12.49 0.48 3.14
N ARG A 66 13.10 1.66 3.11
CA ARG A 66 14.39 1.87 3.76
C ARG A 66 14.20 2.29 5.21
N LEU A 67 12.95 2.34 5.65
CA LEU A 67 12.63 2.73 7.02
C LEU A 67 12.74 1.53 7.97
N ALA A 68 12.53 1.78 9.25
CA ALA A 68 12.61 0.73 10.25
C ALA A 68 11.30 -0.06 10.32
N LEU A 69 11.42 -1.37 10.47
CA LEU A 69 10.25 -2.24 10.54
C LEU A 69 9.12 -1.58 11.34
N TRP A 70 9.46 -1.07 12.51
CA TRP A 70 8.48 -0.41 13.37
C TRP A 70 7.87 0.80 12.67
N LYS A 71 8.71 1.54 11.95
CA LYS A 71 8.25 2.71 11.22
C LYS A 71 7.34 2.33 10.05
N ARG A 72 7.76 1.31 9.30
CA ARG A 72 6.99 0.83 8.16
C ARG A 72 5.66 0.26 8.61
N ASN A 73 5.62 -0.26 9.83
CA ASN A 73 4.40 -0.85 10.38
C ASN A 73 3.65 0.15 11.25
N GLU A 74 4.36 1.21 11.66
CA GLU A 74 3.76 2.25 12.49
C GLU A 74 3.04 3.29 11.64
N LEU A 75 3.67 3.68 10.53
CA LEU A 75 3.10 4.66 9.63
C LEU A 75 1.78 4.17 9.05
N LYS A 76 1.81 3.00 8.42
CA LYS A 76 0.61 2.41 7.83
C LYS A 76 -0.54 2.42 8.82
N LYS A 77 -0.24 2.14 10.09
CA LYS A 77 -1.25 2.12 11.13
C LYS A 77 -1.91 3.48 11.28
N GLN A 78 -1.13 4.54 11.07
CA GLN A 78 -1.63 5.90 11.19
C GLN A 78 -2.32 6.34 9.90
N ALA A 79 -1.98 5.67 8.80
CA ALA A 79 -2.57 5.99 7.50
C ALA A 79 -3.72 5.03 7.16
N ARG A 80 -4.11 4.22 8.14
CA ARG A 80 -5.20 3.27 7.95
C ARG A 80 -4.89 2.33 6.80
N LEU A 81 -3.61 2.03 6.60
CA LEU A 81 -3.18 1.15 5.52
C LEU A 81 -2.52 -0.10 6.09
N PHE A 82 -2.69 -0.33 7.39
CA PHE A 82 -2.10 -1.49 8.05
C PHE A 82 -3.18 -2.44 8.54
N SER A 83 -2.88 -3.73 8.51
CA SER A 83 -3.84 -4.75 8.95
C SER A 83 -3.16 -5.76 9.87
N GLY A 84 -1.93 -6.15 9.51
CA GLY A 84 -1.20 -7.11 10.32
C GLY A 84 -1.25 -8.50 9.73
N PRO A 85 -0.07 -9.09 9.51
CA PRO A 85 0.06 -10.45 8.94
C PRO A 85 -0.40 -11.52 9.93
N SER A 86 -1.59 -12.06 9.68
CA SER A 86 -2.15 -13.10 10.54
C SER A 86 -1.47 -14.44 10.29
N SER A 87 -0.98 -15.06 11.36
CA SER A 87 -0.30 -16.35 11.25
C SER A 87 -0.92 -17.36 12.19
N GLY A 88 -1.71 -18.27 11.63
CA GLY A 88 -2.36 -19.30 12.44
C GLY A 88 -3.02 -20.37 11.61
N GLY A 1 3.51 -13.57 -15.86
CA GLY A 1 2.49 -12.85 -16.59
C GLY A 1 2.91 -12.51 -18.01
N SER A 2 2.00 -11.92 -18.78
CA SER A 2 2.28 -11.55 -20.16
C SER A 2 2.26 -10.03 -20.33
N SER A 3 1.51 -9.36 -19.46
CA SER A 3 1.39 -7.91 -19.52
C SER A 3 2.71 -7.24 -19.14
N GLY A 4 3.17 -6.33 -20.00
CA GLY A 4 4.42 -5.64 -19.74
C GLY A 4 4.21 -4.24 -19.20
N SER A 5 4.71 -3.24 -19.92
CA SER A 5 4.58 -1.85 -19.50
C SER A 5 3.32 -1.23 -20.08
N SER A 6 2.19 -1.92 -19.92
CA SER A 6 0.92 -1.43 -20.43
C SER A 6 0.07 -0.86 -19.30
N GLY A 7 -0.20 0.44 -19.37
CA GLY A 7 -1.01 1.10 -18.36
C GLY A 7 -0.21 1.45 -17.12
N ASN A 8 -0.75 2.32 -16.28
CA ASN A 8 -0.09 2.73 -15.05
C ASN A 8 -0.39 1.77 -13.91
N ALA A 9 0.61 0.99 -13.52
CA ALA A 9 0.44 0.02 -12.43
C ALA A 9 1.80 -0.51 -11.97
N VAL A 10 2.01 -0.51 -10.65
CA VAL A 10 3.25 -1.00 -10.08
C VAL A 10 3.81 -2.16 -10.89
N ASN A 11 5.11 -2.12 -11.17
CA ASN A 11 5.77 -3.17 -11.93
C ASN A 11 6.44 -4.18 -11.00
N TRP A 12 5.89 -4.32 -9.80
CA TRP A 12 6.43 -5.25 -8.82
C TRP A 12 6.51 -6.66 -9.39
N GLY A 13 7.71 -7.23 -9.38
CA GLY A 13 7.89 -8.58 -9.89
C GLY A 13 7.11 -9.61 -9.12
N MET A 14 7.26 -9.61 -7.80
CA MET A 14 6.56 -10.57 -6.95
C MET A 14 5.10 -10.69 -7.36
N ARG A 15 4.34 -9.62 -7.15
CA ARG A 15 2.93 -9.60 -7.49
C ARG A 15 2.54 -8.28 -8.15
N GLU A 16 1.29 -8.19 -8.61
CA GLU A 16 0.80 -6.98 -9.27
C GLU A 16 -0.28 -6.31 -8.42
N TYR A 17 0.07 -5.17 -7.83
CA TYR A 17 -0.86 -4.43 -6.99
C TYR A 17 -1.47 -3.26 -7.76
N LYS A 18 -2.70 -3.44 -8.21
CA LYS A 18 -3.41 -2.39 -8.96
C LYS A 18 -3.37 -1.08 -8.21
N ILE A 19 -3.22 0.02 -8.94
CA ILE A 19 -3.18 1.35 -8.35
C ILE A 19 -4.54 1.75 -7.79
N TYR A 20 -4.64 1.80 -6.47
CA TYR A 20 -5.89 2.17 -5.81
C TYR A 20 -5.71 3.42 -4.96
N PRO A 21 -6.79 4.23 -4.87
CA PRO A 21 -6.77 5.47 -4.10
C PRO A 21 -6.71 5.22 -2.60
N TYR A 22 -5.99 6.07 -1.88
CA TYR A 22 -5.85 5.94 -0.44
C TYR A 22 -7.21 5.81 0.23
N GLU A 23 -8.15 6.65 -0.19
CA GLU A 23 -9.49 6.63 0.37
C GLU A 23 -10.00 5.21 0.51
N LEU A 24 -10.19 4.54 -0.63
CA LEU A 24 -10.67 3.16 -0.64
C LEU A 24 -9.63 2.21 -0.09
N LEU A 25 -8.37 2.64 -0.12
CA LEU A 25 -7.27 1.82 0.37
C LEU A 25 -7.13 1.95 1.89
N LEU A 26 -8.12 2.58 2.51
CA LEU A 26 -8.12 2.77 3.96
C LEU A 26 -8.35 1.44 4.68
N VAL A 27 -8.14 1.45 5.99
CA VAL A 27 -8.32 0.25 6.80
C VAL A 27 -9.08 0.57 8.08
N THR A 28 -9.97 1.57 8.01
CA THR A 28 -10.75 1.97 9.17
C THR A 28 -11.25 0.77 9.95
N THR A 29 -10.83 0.64 11.20
CA THR A 29 -11.24 -0.47 12.04
C THR A 29 -12.74 -0.55 12.16
N ARG A 30 -13.42 0.56 11.85
CA ARG A 30 -14.87 0.61 11.91
C ARG A 30 -15.46 1.13 10.60
N GLY A 31 -15.04 2.34 10.21
CA GLY A 31 -15.53 2.92 8.98
C GLY A 31 -15.79 1.88 7.90
N ARG A 32 -16.79 2.13 7.07
CA ARG A 32 -17.14 1.21 5.99
C ARG A 32 -16.11 1.28 4.87
N ASN A 33 -14.98 0.62 5.07
CA ASN A 33 -13.91 0.60 4.08
C ASN A 33 -14.43 0.08 2.74
N ARG A 34 -13.76 0.45 1.66
CA ARG A 34 -14.15 0.02 0.32
C ARG A 34 -13.00 -0.73 -0.36
N LEU A 35 -12.20 -1.42 0.44
CA LEU A 35 -11.07 -2.19 -0.09
C LEU A 35 -11.53 -3.19 -1.14
N PRO A 36 -10.88 -3.18 -2.30
CA PRO A 36 -11.20 -4.08 -3.41
C PRO A 36 -10.81 -5.53 -3.11
N LYS A 37 -10.98 -6.40 -4.09
CA LYS A 37 -10.65 -7.81 -3.93
C LYS A 37 -9.30 -8.12 -4.57
N ASP A 38 -8.55 -7.08 -4.89
CA ASP A 38 -7.23 -7.25 -5.51
C ASP A 38 -6.16 -6.49 -4.72
N VAL A 39 -6.49 -6.13 -3.49
CA VAL A 39 -5.56 -5.41 -2.63
C VAL A 39 -4.93 -6.34 -1.60
N ASP A 40 -3.75 -5.96 -1.12
CA ASP A 40 -3.04 -6.76 -0.12
C ASP A 40 -3.06 -6.07 1.23
N ARG A 41 -3.82 -6.63 2.16
CA ARG A 41 -3.93 -6.07 3.51
C ARG A 41 -2.55 -5.86 4.12
N THR A 42 -1.54 -6.48 3.52
CA THR A 42 -0.17 -6.37 4.00
C THR A 42 0.64 -5.39 3.15
N ARG A 43 0.20 -5.20 1.91
CA ARG A 43 0.88 -4.30 0.99
C ARG A 43 -0.08 -3.25 0.46
N LEU A 44 -1.08 -2.89 1.25
CA LEU A 44 -2.07 -1.90 0.86
C LEU A 44 -1.40 -0.60 0.42
N GLU A 45 -0.34 -0.22 1.14
CA GLU A 45 0.39 0.99 0.82
C GLU A 45 1.02 0.91 -0.56
N ARG A 46 1.40 -0.30 -0.95
CA ARG A 46 2.02 -0.53 -2.26
C ARG A 46 1.03 -0.27 -3.38
N HIS A 47 -0.25 -0.24 -3.04
CA HIS A 47 -1.32 -0.01 -4.02
C HIS A 47 -1.48 1.48 -4.30
N LEU A 48 -0.76 2.30 -3.54
CA LEU A 48 -0.84 3.75 -3.69
C LEU A 48 0.18 4.24 -4.72
N SER A 49 -0.28 5.06 -5.66
CA SER A 49 0.58 5.59 -6.70
C SER A 49 1.69 6.45 -6.09
N GLN A 50 2.91 6.29 -6.60
CA GLN A 50 4.06 7.04 -6.10
C GLN A 50 3.65 8.49 -5.80
N GLU A 51 2.62 8.97 -6.47
CA GLU A 51 2.13 10.33 -6.28
C GLU A 51 1.36 10.45 -4.98
N GLU A 52 0.47 9.49 -4.73
CA GLU A 52 -0.34 9.48 -3.52
C GLU A 52 0.43 8.87 -2.35
N PHE A 53 0.96 7.68 -2.56
CA PHE A 53 1.72 6.99 -1.52
C PHE A 53 2.59 7.97 -0.74
N TYR A 54 3.06 9.01 -1.42
CA TYR A 54 3.92 10.02 -0.79
C TYR A 54 3.06 11.06 -0.08
N GLN A 55 1.95 11.43 -0.70
CA GLN A 55 1.04 12.43 -0.13
C GLN A 55 0.42 11.91 1.16
N VAL A 56 0.51 10.60 1.38
CA VAL A 56 -0.05 9.99 2.57
C VAL A 56 1.02 9.77 3.64
N PHE A 57 2.07 9.04 3.27
CA PHE A 57 3.17 8.76 4.18
C PHE A 57 4.15 9.92 4.24
N GLY A 58 4.30 10.62 3.11
CA GLY A 58 5.20 11.74 3.05
C GLY A 58 6.56 11.37 2.49
N MET A 59 6.60 10.30 1.71
CA MET A 59 7.85 9.84 1.11
C MET A 59 7.57 8.85 -0.02
N THR A 60 8.62 8.46 -0.72
CA THR A 60 8.50 7.51 -1.83
C THR A 60 8.75 6.09 -1.36
N ILE A 61 7.97 5.14 -1.89
CA ILE A 61 8.11 3.74 -1.53
C ILE A 61 9.57 3.36 -1.36
N SER A 62 10.43 3.88 -2.24
CA SER A 62 11.85 3.60 -2.19
C SER A 62 12.43 3.97 -0.84
N GLU A 63 12.03 5.13 -0.33
CA GLU A 63 12.51 5.61 0.97
C GLU A 63 11.79 4.91 2.11
N PHE A 64 10.52 4.59 1.90
CA PHE A 64 9.71 3.92 2.91
C PHE A 64 10.33 2.57 3.28
N ASP A 65 10.62 1.77 2.26
CA ASP A 65 11.21 0.46 2.47
C ASP A 65 12.56 0.57 3.17
N ARG A 66 13.10 1.78 3.21
CA ARG A 66 14.39 2.02 3.85
C ARG A 66 14.21 2.42 5.31
N LEU A 67 12.96 2.41 5.78
CA LEU A 67 12.67 2.78 7.16
C LEU A 67 12.76 1.57 8.07
N ALA A 68 12.56 1.78 9.36
CA ALA A 68 12.63 0.71 10.34
C ALA A 68 11.32 -0.07 10.39
N LEU A 69 11.41 -1.39 10.52
CA LEU A 69 10.24 -2.25 10.57
C LEU A 69 9.12 -1.59 11.37
N TRP A 70 9.45 -1.12 12.56
CA TRP A 70 8.47 -0.46 13.42
C TRP A 70 7.87 0.76 12.73
N LYS A 71 8.72 1.50 12.02
CA LYS A 71 8.27 2.70 11.32
C LYS A 71 7.38 2.33 10.14
N ARG A 72 7.80 1.34 9.36
CA ARG A 72 7.04 0.88 8.21
C ARG A 72 5.68 0.31 8.64
N ASN A 73 5.64 -0.24 9.84
CA ASN A 73 4.41 -0.83 10.37
C ASN A 73 3.65 0.18 11.22
N GLU A 74 4.35 1.22 11.66
CA GLU A 74 3.74 2.26 12.49
C GLU A 74 3.04 3.31 11.62
N LEU A 75 3.70 3.70 10.54
CA LEU A 75 3.15 4.70 9.62
C LEU A 75 1.83 4.21 9.03
N LYS A 76 1.85 3.03 8.43
CA LYS A 76 0.67 2.44 7.82
C LYS A 76 -0.51 2.45 8.80
N LYS A 77 -0.22 2.14 10.06
CA LYS A 77 -1.24 2.12 11.10
C LYS A 77 -1.89 3.49 11.26
N GLN A 78 -1.09 4.54 11.10
CA GLN A 78 -1.58 5.90 11.23
C GLN A 78 -2.26 6.36 9.94
N ALA A 79 -1.96 5.68 8.84
CA ALA A 79 -2.52 6.02 7.55
C ALA A 79 -3.65 5.05 7.18
N ARG A 80 -4.12 4.28 8.16
CA ARG A 80 -5.19 3.32 7.94
C ARG A 80 -4.86 2.41 6.76
N LEU A 81 -3.58 2.13 6.57
CA LEU A 81 -3.13 1.27 5.47
C LEU A 81 -2.50 -0.01 6.01
N PHE A 82 -2.67 -0.24 7.32
CA PHE A 82 -2.10 -1.43 7.95
C PHE A 82 -3.22 -2.35 8.45
N SER A 83 -3.00 -3.66 8.33
CA SER A 83 -3.99 -4.64 8.77
C SER A 83 -3.33 -5.72 9.63
N GLY A 84 -2.11 -6.12 9.24
CA GLY A 84 -1.41 -7.14 9.98
C GLY A 84 -1.39 -8.48 9.27
N PRO A 85 -0.24 -9.17 9.32
CA PRO A 85 -0.07 -10.48 8.68
C PRO A 85 -0.88 -11.57 9.37
N SER A 86 -1.74 -12.23 8.60
CA SER A 86 -2.58 -13.30 9.14
C SER A 86 -1.74 -14.53 9.48
N SER A 87 -1.17 -14.53 10.68
CA SER A 87 -0.34 -15.64 11.12
C SER A 87 -1.06 -16.49 12.15
N GLY A 88 -0.54 -17.68 12.42
CA GLY A 88 -1.16 -18.57 13.39
C GLY A 88 -0.89 -20.03 13.09
N GLY A 1 1.75 -17.23 -9.53
CA GLY A 1 0.99 -17.62 -10.70
C GLY A 1 1.30 -16.76 -11.90
N SER A 2 1.09 -17.31 -13.10
CA SER A 2 1.35 -16.58 -14.33
C SER A 2 0.74 -15.19 -14.28
N SER A 3 1.58 -14.17 -14.19
CA SER A 3 1.13 -12.79 -14.14
C SER A 3 2.23 -11.82 -14.59
N GLY A 4 1.90 -10.93 -15.50
CA GLY A 4 2.86 -9.97 -16.00
C GLY A 4 2.47 -9.40 -17.35
N SER A 5 3.47 -8.99 -18.12
CA SER A 5 3.23 -8.42 -19.44
C SER A 5 2.02 -7.48 -19.41
N SER A 6 1.92 -6.68 -18.35
CA SER A 6 0.81 -5.76 -18.20
C SER A 6 1.31 -4.40 -17.70
N GLY A 7 0.52 -3.36 -17.93
CA GLY A 7 0.90 -2.03 -17.50
C GLY A 7 -0.13 -1.41 -16.56
N ASN A 8 -0.19 -0.08 -16.53
CA ASN A 8 -1.13 0.62 -15.68
C ASN A 8 -1.15 0.01 -14.28
N ALA A 9 0.02 -0.31 -13.75
CA ALA A 9 0.14 -0.89 -12.43
C ALA A 9 1.58 -0.87 -11.94
N VAL A 10 1.80 -1.40 -10.73
CA VAL A 10 3.13 -1.43 -10.14
C VAL A 10 4.07 -2.33 -10.96
N ASN A 11 5.30 -2.46 -10.50
CA ASN A 11 6.29 -3.29 -11.18
C ASN A 11 6.91 -4.30 -10.22
N TRP A 12 6.11 -4.80 -9.29
CA TRP A 12 6.58 -5.77 -8.32
C TRP A 12 6.54 -7.19 -8.89
N GLY A 13 7.70 -7.83 -8.92
CA GLY A 13 7.78 -9.19 -9.44
C GLY A 13 6.97 -10.18 -8.62
N MET A 14 7.05 -10.05 -7.30
CA MET A 14 6.32 -10.94 -6.39
C MET A 14 4.86 -11.07 -6.84
N ARG A 15 4.09 -10.01 -6.65
CA ARG A 15 2.68 -10.01 -7.02
C ARG A 15 2.31 -8.71 -7.73
N GLU A 16 1.06 -8.63 -8.17
CA GLU A 16 0.56 -7.45 -8.87
C GLU A 16 -0.46 -6.70 -8.01
N TYR A 17 -0.05 -5.58 -7.45
CA TYR A 17 -0.94 -4.77 -6.61
C TYR A 17 -1.57 -3.64 -7.42
N LYS A 18 -2.83 -3.84 -7.80
CA LYS A 18 -3.56 -2.84 -8.58
C LYS A 18 -3.52 -1.48 -7.89
N ILE A 19 -3.26 -0.44 -8.67
CA ILE A 19 -3.21 0.92 -8.12
C ILE A 19 -4.56 1.36 -7.58
N TYR A 20 -4.67 1.47 -6.27
CA TYR A 20 -5.91 1.88 -5.63
C TYR A 20 -5.72 3.18 -4.84
N PRO A 21 -6.77 4.00 -4.80
CA PRO A 21 -6.74 5.28 -4.08
C PRO A 21 -6.69 5.10 -2.56
N TYR A 22 -5.92 5.94 -1.90
CA TYR A 22 -5.80 5.88 -0.44
C TYR A 22 -7.17 5.76 0.23
N GLU A 23 -8.09 6.61 -0.20
CA GLU A 23 -9.44 6.61 0.35
C GLU A 23 -9.95 5.18 0.55
N LEU A 24 -10.19 4.50 -0.57
CA LEU A 24 -10.67 3.12 -0.52
C LEU A 24 -9.62 2.18 0.07
N LEU A 25 -8.36 2.61 0.01
CA LEU A 25 -7.26 1.82 0.53
C LEU A 25 -7.13 2.00 2.04
N LEU A 26 -8.11 2.64 2.64
CA LEU A 26 -8.11 2.88 4.08
C LEU A 26 -8.39 1.60 4.84
N VAL A 27 -8.21 1.65 6.16
CA VAL A 27 -8.45 0.49 7.01
C VAL A 27 -9.25 0.86 8.24
N THR A 28 -10.22 1.76 8.06
CA THR A 28 -11.07 2.20 9.16
C THR A 28 -11.80 1.04 9.81
N THR A 29 -11.36 0.65 11.00
CA THR A 29 -11.97 -0.46 11.72
C THR A 29 -13.48 -0.46 11.53
N ARG A 30 -14.15 0.51 12.15
CA ARG A 30 -15.60 0.62 12.06
C ARG A 30 -15.99 1.84 11.22
N GLY A 31 -15.19 2.16 10.21
CA GLY A 31 -15.48 3.29 9.36
C GLY A 31 -16.20 2.90 8.09
N ARG A 32 -15.84 3.54 6.99
CA ARG A 32 -16.46 3.26 5.70
C ARG A 32 -15.43 2.74 4.71
N ASN A 33 -14.49 1.94 5.20
CA ASN A 33 -13.44 1.38 4.34
C ASN A 33 -14.05 0.63 3.16
N ARG A 34 -13.45 0.79 1.99
CA ARG A 34 -13.93 0.12 0.78
C ARG A 34 -12.80 -0.63 0.09
N LEU A 35 -12.01 -1.36 0.88
CA LEU A 35 -10.89 -2.12 0.35
C LEU A 35 -11.39 -3.20 -0.62
N PRO A 36 -10.75 -3.27 -1.80
CA PRO A 36 -11.11 -4.25 -2.84
C PRO A 36 -10.72 -5.67 -2.44
N LYS A 37 -10.89 -6.60 -3.38
CA LYS A 37 -10.54 -8.00 -3.12
C LYS A 37 -9.21 -8.36 -3.77
N ASP A 38 -8.47 -7.34 -4.19
CA ASP A 38 -7.17 -7.54 -4.82
C ASP A 38 -6.08 -6.75 -4.11
N VAL A 39 -6.38 -6.30 -2.89
CA VAL A 39 -5.43 -5.53 -2.10
C VAL A 39 -4.77 -6.39 -1.04
N ASP A 40 -3.57 -5.99 -0.62
CA ASP A 40 -2.83 -6.73 0.40
C ASP A 40 -2.79 -5.95 1.71
N ARG A 41 -3.56 -6.39 2.68
CA ARG A 41 -3.60 -5.74 3.99
C ARG A 41 -2.20 -5.50 4.52
N THR A 42 -1.23 -6.22 3.97
CA THR A 42 0.16 -6.08 4.40
C THR A 42 0.94 -5.18 3.45
N ARG A 43 0.45 -5.05 2.22
CA ARG A 43 1.10 -4.22 1.22
C ARG A 43 0.13 -3.21 0.63
N LEU A 44 -0.82 -2.77 1.45
CA LEU A 44 -1.82 -1.80 1.02
C LEU A 44 -1.15 -0.53 0.50
N GLU A 45 -0.14 -0.06 1.22
CA GLU A 45 0.58 1.14 0.84
C GLU A 45 1.15 1.01 -0.57
N ARG A 46 1.53 -0.22 -0.94
CA ARG A 46 2.09 -0.48 -2.26
C ARG A 46 1.06 -0.22 -3.34
N HIS A 47 -0.22 -0.30 -2.98
CA HIS A 47 -1.30 -0.08 -3.93
C HIS A 47 -1.49 1.42 -4.21
N LEU A 48 -0.72 2.25 -3.52
CA LEU A 48 -0.79 3.69 -3.69
C LEU A 48 0.24 4.17 -4.71
N SER A 49 -0.22 4.94 -5.68
CA SER A 49 0.67 5.47 -6.72
C SER A 49 1.74 6.37 -6.12
N GLN A 50 2.97 6.24 -6.61
CA GLN A 50 4.08 7.04 -6.13
C GLN A 50 3.64 8.46 -5.84
N GLU A 51 2.60 8.91 -6.53
CA GLU A 51 2.07 10.26 -6.36
C GLU A 51 1.31 10.38 -5.05
N GLU A 52 0.42 9.42 -4.79
CA GLU A 52 -0.38 9.43 -3.57
C GLU A 52 0.41 8.85 -2.41
N PHE A 53 0.95 7.64 -2.59
CA PHE A 53 1.73 6.99 -1.55
C PHE A 53 2.57 8.00 -0.78
N TYR A 54 3.02 9.03 -1.47
CA TYR A 54 3.85 10.07 -0.86
C TYR A 54 2.99 11.09 -0.14
N GLN A 55 1.87 11.46 -0.76
CA GLN A 55 0.95 12.43 -0.18
C GLN A 55 0.35 11.92 1.12
N VAL A 56 0.46 10.60 1.33
CA VAL A 56 -0.07 9.98 2.54
C VAL A 56 1.02 9.79 3.59
N PHE A 57 2.06 9.06 3.21
CA PHE A 57 3.18 8.80 4.12
C PHE A 57 4.15 9.98 4.15
N GLY A 58 4.29 10.65 3.01
CA GLY A 58 5.18 11.79 2.93
C GLY A 58 6.53 11.43 2.35
N MET A 59 6.57 10.36 1.56
CA MET A 59 7.81 9.91 0.95
C MET A 59 7.53 8.90 -0.17
N THR A 60 8.60 8.46 -0.83
CA THR A 60 8.46 7.49 -1.92
C THR A 60 8.74 6.07 -1.42
N ILE A 61 7.97 5.12 -1.92
CA ILE A 61 8.12 3.72 -1.54
C ILE A 61 9.61 3.36 -1.39
N SER A 62 10.43 3.90 -2.28
CA SER A 62 11.87 3.64 -2.24
C SER A 62 12.45 4.02 -0.88
N GLU A 63 12.04 5.17 -0.37
CA GLU A 63 12.53 5.65 0.93
C GLU A 63 11.83 4.94 2.07
N PHE A 64 10.55 4.63 1.87
CA PHE A 64 9.76 3.94 2.89
C PHE A 64 10.36 2.58 3.22
N ASP A 65 10.63 1.80 2.19
CA ASP A 65 11.20 0.47 2.35
C ASP A 65 12.55 0.55 3.08
N ARG A 66 13.11 1.76 3.14
CA ARG A 66 14.39 1.97 3.80
C ARG A 66 14.20 2.30 5.28
N LEU A 67 12.94 2.28 5.72
CA LEU A 67 12.61 2.59 7.11
C LEU A 67 12.71 1.34 7.98
N ALA A 68 12.49 1.51 9.28
CA ALA A 68 12.55 0.39 10.21
C ALA A 68 11.20 -0.31 10.32
N LEU A 69 11.22 -1.63 10.42
CA LEU A 69 9.99 -2.41 10.54
C LEU A 69 8.94 -1.66 11.36
N TRP A 70 9.33 -1.24 12.56
CA TRP A 70 8.42 -0.51 13.43
C TRP A 70 7.86 0.73 12.73
N LYS A 71 8.71 1.42 11.99
CA LYS A 71 8.31 2.62 11.27
C LYS A 71 7.38 2.26 10.12
N ARG A 72 7.78 1.28 9.31
CA ARG A 72 6.98 0.86 8.17
C ARG A 72 5.63 0.30 8.64
N ASN A 73 5.61 -0.28 9.84
CA ASN A 73 4.40 -0.85 10.38
C ASN A 73 3.66 0.16 11.25
N GLU A 74 4.37 1.22 11.64
CA GLU A 74 3.78 2.27 12.48
C GLU A 74 3.06 3.30 11.62
N LEU A 75 3.69 3.71 10.53
CA LEU A 75 3.11 4.70 9.63
C LEU A 75 1.78 4.20 9.07
N LYS A 76 1.80 3.00 8.50
CA LYS A 76 0.59 2.42 7.93
C LYS A 76 -0.56 2.45 8.92
N LYS A 77 -0.25 2.13 10.18
CA LYS A 77 -1.27 2.13 11.23
C LYS A 77 -1.89 3.51 11.39
N GLN A 78 -1.09 4.55 11.15
CA GLN A 78 -1.56 5.93 11.28
C GLN A 78 -2.26 6.37 9.98
N ALA A 79 -1.85 5.78 8.86
CA ALA A 79 -2.43 6.11 7.57
C ALA A 79 -3.62 5.21 7.25
N ARG A 80 -4.08 4.46 8.25
CA ARG A 80 -5.20 3.56 8.07
C ARG A 80 -4.95 2.59 6.92
N LEU A 81 -3.69 2.20 6.74
CA LEU A 81 -3.31 1.28 5.68
C LEU A 81 -2.73 -0.01 6.25
N PHE A 82 -2.92 -0.21 7.55
CA PHE A 82 -2.42 -1.41 8.22
C PHE A 82 -3.56 -2.18 8.87
N SER A 83 -3.62 -3.48 8.59
CA SER A 83 -4.66 -4.34 9.12
C SER A 83 -4.11 -5.22 10.24
N GLY A 84 -3.02 -5.91 9.96
CA GLY A 84 -2.41 -6.78 10.95
C GLY A 84 -2.42 -8.24 10.52
N PRO A 85 -1.32 -8.67 9.88
CA PRO A 85 -1.17 -10.05 9.40
C PRO A 85 -1.00 -11.05 10.54
N SER A 86 -1.06 -10.53 11.77
CA SER A 86 -0.91 -11.38 12.95
C SER A 86 -2.25 -11.98 13.36
N SER A 87 -3.06 -12.36 12.38
CA SER A 87 -4.37 -12.93 12.64
C SER A 87 -4.62 -14.14 11.73
N GLY A 88 -4.93 -15.28 12.35
CA GLY A 88 -5.19 -16.49 11.59
C GLY A 88 -4.69 -17.74 12.30
N GLY A 1 7.12 -13.27 -16.52
CA GLY A 1 6.51 -13.17 -17.83
C GLY A 1 7.54 -12.90 -18.92
N SER A 2 7.21 -13.30 -20.15
CA SER A 2 8.11 -13.10 -21.28
C SER A 2 8.20 -11.61 -21.65
N SER A 3 7.04 -10.97 -21.76
CA SER A 3 7.00 -9.55 -22.10
C SER A 3 5.71 -8.91 -21.58
N GLY A 4 5.67 -7.58 -21.59
CA GLY A 4 4.50 -6.87 -21.12
C GLY A 4 4.42 -5.46 -21.66
N SER A 5 3.71 -5.31 -22.78
CA SER A 5 3.56 -4.00 -23.42
C SER A 5 2.86 -3.02 -22.48
N SER A 6 1.76 -3.46 -21.88
CA SER A 6 1.01 -2.62 -20.96
C SER A 6 1.61 -2.67 -19.57
N GLY A 7 1.39 -1.59 -18.80
CA GLY A 7 1.92 -1.53 -17.45
C GLY A 7 0.98 -0.83 -16.49
N ASN A 8 1.09 0.49 -16.39
CA ASN A 8 0.25 1.27 -15.51
C ASN A 8 -0.02 0.51 -14.20
N ALA A 9 1.02 -0.12 -13.67
CA ALA A 9 0.89 -0.88 -12.44
C ALA A 9 2.26 -1.16 -11.81
N VAL A 10 2.34 -1.08 -10.49
CA VAL A 10 3.58 -1.33 -9.78
C VAL A 10 4.43 -2.38 -10.49
N ASN A 11 5.72 -2.10 -10.62
CA ASN A 11 6.64 -3.03 -11.27
C ASN A 11 7.08 -4.13 -10.32
N TRP A 12 6.14 -4.62 -9.51
CA TRP A 12 6.43 -5.68 -8.55
C TRP A 12 6.31 -7.05 -9.20
N GLY A 13 7.41 -7.81 -9.18
CA GLY A 13 7.41 -9.13 -9.77
C GLY A 13 6.66 -10.15 -8.92
N MET A 14 6.83 -10.05 -7.61
CA MET A 14 6.16 -10.97 -6.69
C MET A 14 4.67 -11.04 -6.97
N ARG A 15 3.98 -9.91 -6.78
CA ARG A 15 2.54 -9.85 -7.01
C ARG A 15 2.18 -8.63 -7.86
N GLU A 16 0.90 -8.48 -8.15
CA GLU A 16 0.43 -7.36 -8.96
C GLU A 16 -0.55 -6.50 -8.17
N TYR A 17 -0.03 -5.48 -7.50
CA TYR A 17 -0.85 -4.59 -6.70
C TYR A 17 -1.41 -3.45 -7.56
N LYS A 18 -2.68 -3.56 -7.92
CA LYS A 18 -3.33 -2.54 -8.74
C LYS A 18 -3.30 -1.18 -8.04
N ILE A 19 -3.06 -0.13 -8.80
CA ILE A 19 -3.00 1.22 -8.26
C ILE A 19 -4.38 1.66 -7.74
N TYR A 20 -4.49 1.78 -6.42
CA TYR A 20 -5.74 2.18 -5.80
C TYR A 20 -5.55 3.44 -4.96
N PRO A 21 -6.59 4.27 -4.89
CA PRO A 21 -6.57 5.52 -4.12
C PRO A 21 -6.55 5.28 -2.62
N TYR A 22 -5.78 6.09 -1.90
CA TYR A 22 -5.67 5.96 -0.45
C TYR A 22 -7.04 5.86 0.20
N GLU A 23 -7.95 6.74 -0.23
CA GLU A 23 -9.30 6.75 0.31
C GLU A 23 -9.86 5.33 0.44
N LEU A 24 -10.05 4.67 -0.69
CA LEU A 24 -10.57 3.31 -0.71
C LEU A 24 -9.55 2.33 -0.15
N LEU A 25 -8.27 2.73 -0.17
CA LEU A 25 -7.20 1.88 0.33
C LEU A 25 -7.08 2.02 1.85
N LEU A 26 -8.06 2.65 2.47
CA LEU A 26 -8.07 2.85 3.92
C LEU A 26 -8.36 1.54 4.63
N VAL A 27 -8.17 1.53 5.95
CA VAL A 27 -8.41 0.33 6.75
C VAL A 27 -9.18 0.68 8.02
N THR A 28 -10.02 1.70 7.94
CA THR A 28 -10.81 2.13 9.08
C THR A 28 -11.41 0.94 9.82
N THR A 29 -11.00 0.75 11.07
CA THR A 29 -11.50 -0.35 11.88
C THR A 29 -13.01 -0.31 12.00
N ARG A 30 -13.60 0.82 11.63
CA ARG A 30 -15.05 1.00 11.70
C ARG A 30 -15.60 1.49 10.37
N GLY A 31 -15.12 2.65 9.92
CA GLY A 31 -15.58 3.22 8.68
C GLY A 31 -15.86 2.16 7.62
N ARG A 32 -16.84 2.41 6.77
CA ARG A 32 -17.21 1.47 5.72
C ARG A 32 -16.15 1.45 4.63
N ASN A 33 -14.99 0.89 4.94
CA ASN A 33 -13.89 0.79 3.98
C ASN A 33 -14.40 0.27 2.64
N ARG A 34 -13.71 0.65 1.56
CA ARG A 34 -14.08 0.21 0.23
C ARG A 34 -12.93 -0.56 -0.43
N LEU A 35 -12.17 -1.27 0.38
CA LEU A 35 -11.04 -2.06 -0.12
C LEU A 35 -11.50 -3.07 -1.16
N PRO A 36 -10.83 -3.07 -2.32
CA PRO A 36 -11.15 -3.99 -3.42
C PRO A 36 -10.79 -5.44 -3.08
N LYS A 37 -10.92 -6.32 -4.06
CA LYS A 37 -10.61 -7.73 -3.88
C LYS A 37 -9.26 -8.08 -4.50
N ASP A 38 -8.50 -7.06 -4.88
CA ASP A 38 -7.19 -7.25 -5.48
C ASP A 38 -6.12 -6.50 -4.71
N VAL A 39 -6.43 -6.13 -3.46
CA VAL A 39 -5.50 -5.41 -2.62
C VAL A 39 -4.85 -6.33 -1.59
N ASP A 40 -3.69 -5.93 -1.08
CA ASP A 40 -2.97 -6.72 -0.09
C ASP A 40 -3.00 -6.04 1.27
N ARG A 41 -3.83 -6.56 2.18
CA ARG A 41 -3.95 -6.00 3.51
C ARG A 41 -2.58 -5.82 4.15
N THR A 42 -1.58 -6.50 3.60
CA THR A 42 -0.22 -6.40 4.11
C THR A 42 0.62 -5.43 3.30
N ARG A 43 0.20 -5.21 2.05
CA ARG A 43 0.92 -4.30 1.16
C ARG A 43 -0.03 -3.27 0.56
N LEU A 44 -1.04 -2.88 1.32
CA LEU A 44 -2.02 -1.91 0.86
C LEU A 44 -1.33 -0.61 0.41
N GLU A 45 -0.32 -0.21 1.16
CA GLU A 45 0.42 1.01 0.83
C GLU A 45 1.07 0.90 -0.55
N ARG A 46 1.49 -0.30 -0.90
CA ARG A 46 2.12 -0.54 -2.20
C ARG A 46 1.15 -0.26 -3.33
N HIS A 47 -0.14 -0.27 -3.02
CA HIS A 47 -1.17 -0.01 -4.01
C HIS A 47 -1.33 1.48 -4.27
N LEU A 48 -0.59 2.29 -3.52
CA LEU A 48 -0.64 3.74 -3.68
C LEU A 48 0.41 4.23 -4.66
N SER A 49 -0.03 4.97 -5.67
CA SER A 49 0.87 5.50 -6.69
C SER A 49 1.89 6.45 -6.06
N GLN A 50 3.13 6.37 -6.54
CA GLN A 50 4.20 7.23 -6.03
C GLN A 50 3.69 8.64 -5.77
N GLU A 51 2.63 9.02 -6.48
CA GLU A 51 2.05 10.35 -6.32
C GLU A 51 1.32 10.46 -4.98
N GLU A 52 0.42 9.52 -4.71
CA GLU A 52 -0.34 9.52 -3.47
C GLU A 52 0.48 8.90 -2.33
N PHE A 53 0.98 7.69 -2.55
CA PHE A 53 1.78 7.00 -1.55
C PHE A 53 2.64 7.98 -0.76
N TYR A 54 3.06 9.06 -1.43
CA TYR A 54 3.90 10.07 -0.80
C TYR A 54 3.04 11.10 -0.07
N GLN A 55 1.94 11.50 -0.70
CA GLN A 55 1.04 12.48 -0.11
C GLN A 55 0.41 11.95 1.17
N VAL A 56 0.49 10.64 1.36
CA VAL A 56 -0.06 10.00 2.56
C VAL A 56 1.01 9.78 3.61
N PHE A 57 2.05 9.03 3.23
CA PHE A 57 3.15 8.74 4.14
C PHE A 57 4.13 9.91 4.22
N GLY A 58 4.30 10.59 3.08
CA GLY A 58 5.22 11.72 3.04
C GLY A 58 6.57 11.35 2.47
N MET A 59 6.60 10.29 1.66
CA MET A 59 7.83 9.83 1.04
C MET A 59 7.55 8.84 -0.08
N THR A 60 8.61 8.43 -0.78
CA THR A 60 8.47 7.48 -1.88
C THR A 60 8.70 6.06 -1.40
N ILE A 61 7.93 5.12 -1.95
CA ILE A 61 8.05 3.72 -1.59
C ILE A 61 9.51 3.32 -1.45
N SER A 62 10.37 3.91 -2.27
CA SER A 62 11.80 3.61 -2.23
C SER A 62 12.40 3.97 -0.88
N GLU A 63 11.98 5.12 -0.34
CA GLU A 63 12.48 5.57 0.96
C GLU A 63 11.76 4.86 2.10
N PHE A 64 10.49 4.54 1.89
CA PHE A 64 9.70 3.86 2.90
C PHE A 64 10.28 2.49 3.23
N ASP A 65 10.66 1.76 2.19
CA ASP A 65 11.24 0.42 2.37
C ASP A 65 12.58 0.52 3.09
N ARG A 66 13.15 1.72 3.11
CA ARG A 66 14.44 1.93 3.77
C ARG A 66 14.24 2.33 5.24
N LEU A 67 13.00 2.34 5.68
CA LEU A 67 12.68 2.70 7.06
C LEU A 67 12.77 1.49 7.97
N ALA A 68 12.56 1.70 9.26
CA ALA A 68 12.62 0.62 10.24
C ALA A 68 11.28 -0.11 10.32
N LEU A 69 11.35 -1.43 10.48
CA LEU A 69 10.14 -2.25 10.56
C LEU A 69 9.06 -1.53 11.36
N TRP A 70 9.39 -1.10 12.56
CA TRP A 70 8.45 -0.40 13.42
C TRP A 70 7.86 0.82 12.70
N LYS A 71 8.70 1.54 11.98
CA LYS A 71 8.27 2.71 11.25
C LYS A 71 7.35 2.33 10.09
N ARG A 72 7.77 1.34 9.31
CA ARG A 72 6.99 0.88 8.17
C ARG A 72 5.67 0.28 8.63
N ASN A 73 5.67 -0.27 9.83
CA ASN A 73 4.46 -0.89 10.39
C ASN A 73 3.70 0.11 11.27
N GLU A 74 4.38 1.19 11.64
CA GLU A 74 3.78 2.21 12.48
C GLU A 74 3.05 3.26 11.64
N LEU A 75 3.70 3.68 10.56
CA LEU A 75 3.13 4.68 9.66
C LEU A 75 1.80 4.21 9.09
N LYS A 76 1.82 3.04 8.46
CA LYS A 76 0.62 2.45 7.87
C LYS A 76 -0.53 2.46 8.86
N LYS A 77 -0.22 2.16 10.12
CA LYS A 77 -1.23 2.13 11.17
C LYS A 77 -1.90 3.51 11.33
N GLN A 78 -1.12 4.56 11.11
CA GLN A 78 -1.63 5.92 11.22
C GLN A 78 -2.30 6.35 9.92
N ALA A 79 -1.96 5.68 8.82
CA ALA A 79 -2.53 6.00 7.52
C ALA A 79 -3.67 5.05 7.18
N ARG A 80 -4.10 4.27 8.16
CA ARG A 80 -5.19 3.32 7.95
C ARG A 80 -4.87 2.37 6.81
N LEU A 81 -3.59 2.06 6.64
CA LEU A 81 -3.15 1.16 5.58
C LEU A 81 -2.49 -0.08 6.17
N PHE A 82 -2.69 -0.31 7.45
CA PHE A 82 -2.12 -1.46 8.13
C PHE A 82 -3.20 -2.39 8.65
N SER A 83 -3.04 -3.68 8.40
CA SER A 83 -4.02 -4.68 8.83
C SER A 83 -3.36 -5.72 9.73
N GLY A 84 -2.15 -6.14 9.36
CA GLY A 84 -1.43 -7.13 10.13
C GLY A 84 -1.28 -8.44 9.40
N PRO A 85 -0.11 -9.08 9.53
CA PRO A 85 0.18 -10.35 8.88
C PRO A 85 -0.62 -11.51 9.47
N SER A 86 -0.33 -12.72 9.00
CA SER A 86 -1.03 -13.91 9.49
C SER A 86 -0.04 -14.99 9.90
N SER A 87 -0.43 -15.80 10.88
CA SER A 87 0.42 -16.87 11.37
C SER A 87 -0.08 -18.23 10.90
N GLY A 88 0.78 -19.23 10.98
CA GLY A 88 0.40 -20.57 10.55
C GLY A 88 1.59 -21.45 10.25
N GLY A 1 9.16 -6.31 -16.30
CA GLY A 1 8.91 -7.67 -16.72
C GLY A 1 7.48 -8.10 -16.48
N SER A 2 6.53 -7.38 -17.08
CA SER A 2 5.12 -7.69 -16.93
C SER A 2 4.62 -8.58 -18.06
N SER A 3 3.60 -9.37 -17.78
CA SER A 3 3.03 -10.27 -18.78
C SER A 3 1.74 -9.70 -19.36
N GLY A 4 1.85 -9.00 -20.48
CA GLY A 4 0.70 -8.41 -21.11
C GLY A 4 -0.10 -7.53 -20.17
N SER A 5 0.14 -6.23 -20.23
CA SER A 5 -0.55 -5.28 -19.38
C SER A 5 -0.56 -3.88 -19.99
N SER A 6 -1.36 -2.99 -19.43
CA SER A 6 -1.46 -1.62 -19.93
C SER A 6 -2.18 -0.73 -18.92
N GLY A 7 -1.55 0.40 -18.59
CA GLY A 7 -2.15 1.33 -17.64
C GLY A 7 -1.42 1.32 -16.31
N ASN A 8 -1.62 2.39 -15.53
CA ASN A 8 -0.98 2.51 -14.22
C ASN A 8 -1.21 1.25 -13.39
N ALA A 9 -0.12 0.55 -13.08
CA ALA A 9 -0.20 -0.66 -12.28
C ALA A 9 1.19 -1.20 -11.95
N VAL A 10 1.37 -1.63 -10.71
CA VAL A 10 2.65 -2.17 -10.27
C VAL A 10 2.65 -3.70 -10.30
N ASN A 11 3.73 -4.27 -10.81
CA ASN A 11 3.85 -5.72 -10.90
C ASN A 11 5.02 -6.23 -10.06
N TRP A 12 5.09 -5.75 -8.82
CA TRP A 12 6.16 -6.15 -7.90
C TRP A 12 6.58 -7.59 -8.15
N GLY A 13 7.88 -7.84 -8.17
CA GLY A 13 8.38 -9.18 -8.41
C GLY A 13 7.57 -10.23 -7.66
N MET A 14 7.00 -9.85 -6.53
CA MET A 14 6.19 -10.77 -5.73
C MET A 14 4.79 -10.89 -6.30
N ARG A 15 4.05 -9.79 -6.32
CA ARG A 15 2.70 -9.79 -6.84
C ARG A 15 2.38 -8.46 -7.54
N GLU A 16 1.22 -8.40 -8.19
CA GLU A 16 0.82 -7.20 -8.89
C GLU A 16 -0.25 -6.44 -8.09
N TYR A 17 0.17 -5.40 -7.40
CA TYR A 17 -0.75 -4.59 -6.59
C TYR A 17 -1.31 -3.43 -7.40
N LYS A 18 -2.53 -3.57 -7.87
CA LYS A 18 -3.18 -2.53 -8.66
C LYS A 18 -3.09 -1.19 -7.96
N ILE A 19 -3.17 -0.11 -8.74
CA ILE A 19 -3.08 1.24 -8.19
C ILE A 19 -4.45 1.70 -7.66
N TYR A 20 -4.58 1.74 -6.35
CA TYR A 20 -5.83 2.15 -5.71
C TYR A 20 -5.62 3.43 -4.89
N PRO A 21 -6.66 4.26 -4.83
CA PRO A 21 -6.62 5.52 -4.07
C PRO A 21 -6.60 5.29 -2.57
N TYR A 22 -5.81 6.10 -1.87
CA TYR A 22 -5.70 5.99 -0.42
C TYR A 22 -7.07 5.89 0.24
N GLU A 23 -7.98 6.77 -0.18
CA GLU A 23 -9.34 6.78 0.36
C GLU A 23 -9.88 5.36 0.51
N LEU A 24 -10.10 4.70 -0.62
CA LEU A 24 -10.62 3.33 -0.62
C LEU A 24 -9.59 2.36 -0.06
N LEU A 25 -8.33 2.76 -0.09
CA LEU A 25 -7.25 1.93 0.43
C LEU A 25 -7.12 2.07 1.94
N LEU A 26 -8.10 2.71 2.55
CA LEU A 26 -8.10 2.92 4.00
C LEU A 26 -8.40 1.61 4.73
N VAL A 27 -8.18 1.61 6.04
CA VAL A 27 -8.43 0.42 6.86
C VAL A 27 -9.24 0.78 8.10
N THR A 28 -10.23 1.64 7.94
CA THR A 28 -11.06 2.07 9.05
C THR A 28 -11.78 0.88 9.68
N THR A 29 -11.41 0.57 10.92
CA THR A 29 -12.02 -0.55 11.64
C THR A 29 -13.54 -0.50 11.57
N ARG A 30 -14.12 0.57 12.09
CA ARG A 30 -15.56 0.74 12.08
C ARG A 30 -16.03 1.40 10.79
N GLY A 31 -15.27 2.39 10.33
CA GLY A 31 -15.62 3.07 9.09
C GLY A 31 -16.02 2.12 7.99
N ARG A 32 -16.63 2.66 6.94
CA ARG A 32 -17.07 1.85 5.81
C ARG A 32 -15.99 1.78 4.74
N ASN A 33 -14.91 1.08 5.04
CA ASN A 33 -13.80 0.94 4.10
C ASN A 33 -14.28 0.43 2.75
N ARG A 34 -13.59 0.81 1.69
CA ARG A 34 -13.95 0.39 0.34
C ARG A 34 -12.82 -0.40 -0.31
N LEU A 35 -12.11 -1.18 0.51
CA LEU A 35 -11.00 -1.99 0.02
C LEU A 35 -11.48 -3.02 -1.00
N PRO A 36 -10.83 -3.05 -2.17
CA PRO A 36 -11.17 -3.98 -3.25
C PRO A 36 -10.81 -5.42 -2.90
N LYS A 37 -10.95 -6.31 -3.88
CA LYS A 37 -10.65 -7.72 -3.68
C LYS A 37 -9.31 -8.08 -4.31
N ASP A 38 -8.56 -7.06 -4.72
CA ASP A 38 -7.25 -7.26 -5.34
C ASP A 38 -6.17 -6.50 -4.59
N VAL A 39 -6.47 -6.13 -3.33
CA VAL A 39 -5.52 -5.40 -2.51
C VAL A 39 -4.87 -6.32 -1.48
N ASP A 40 -3.69 -5.92 -1.02
CA ASP A 40 -2.95 -6.70 -0.02
C ASP A 40 -2.98 -6.02 1.34
N ARG A 41 -3.76 -6.58 2.26
CA ARG A 41 -3.88 -6.02 3.60
C ARG A 41 -2.51 -5.80 4.23
N THR A 42 -1.49 -6.44 3.64
CA THR A 42 -0.12 -6.32 4.13
C THR A 42 0.70 -5.37 3.26
N ARG A 43 0.23 -5.15 2.04
CA ARG A 43 0.92 -4.27 1.11
C ARG A 43 -0.02 -3.22 0.55
N LEU A 44 -1.04 -2.87 1.33
CA LEU A 44 -2.03 -1.88 0.90
C LEU A 44 -1.34 -0.60 0.45
N GLU A 45 -0.27 -0.22 1.16
CA GLU A 45 0.48 0.98 0.82
C GLU A 45 1.09 0.89 -0.58
N ARG A 46 1.50 -0.32 -0.95
CA ARG A 46 2.10 -0.56 -2.26
C ARG A 46 1.10 -0.29 -3.37
N HIS A 47 -0.18 -0.28 -3.01
CA HIS A 47 -1.25 -0.03 -3.98
C HIS A 47 -1.41 1.47 -4.24
N LEU A 48 -0.65 2.28 -3.51
CA LEU A 48 -0.71 3.73 -3.66
C LEU A 48 0.31 4.21 -4.67
N SER A 49 -0.15 4.97 -5.67
CA SER A 49 0.73 5.50 -6.70
C SER A 49 1.79 6.42 -6.08
N GLN A 50 3.02 6.29 -6.59
CA GLN A 50 4.12 7.11 -6.10
C GLN A 50 3.67 8.54 -5.82
N GLU A 51 2.62 8.96 -6.52
CA GLU A 51 2.08 10.31 -6.34
C GLU A 51 1.31 10.43 -5.03
N GLU A 52 0.47 9.45 -4.76
CA GLU A 52 -0.33 9.44 -3.54
C GLU A 52 0.46 8.85 -2.38
N PHE A 53 0.99 7.65 -2.58
CA PHE A 53 1.76 6.98 -1.54
C PHE A 53 2.62 7.97 -0.76
N TYR A 54 3.04 9.04 -1.44
CA TYR A 54 3.86 10.06 -0.81
C TYR A 54 3.00 11.10 -0.10
N GLN A 55 1.89 11.46 -0.73
CA GLN A 55 0.97 12.44 -0.16
C GLN A 55 0.36 11.93 1.14
N VAL A 56 0.46 10.62 1.35
CA VAL A 56 -0.09 10.00 2.56
C VAL A 56 0.99 9.81 3.61
N PHE A 57 2.05 9.08 3.25
CA PHE A 57 3.14 8.82 4.17
C PHE A 57 4.11 10.01 4.21
N GLY A 58 4.28 10.67 3.07
CA GLY A 58 5.17 11.81 2.99
C GLY A 58 6.53 11.45 2.42
N MET A 59 6.58 10.35 1.68
CA MET A 59 7.83 9.89 1.06
C MET A 59 7.55 8.90 -0.06
N THR A 60 8.62 8.47 -0.74
CA THR A 60 8.49 7.52 -1.84
C THR A 60 8.75 6.10 -1.36
N ILE A 61 7.96 5.16 -1.89
CA ILE A 61 8.11 3.76 -1.52
C ILE A 61 9.58 3.38 -1.37
N SER A 62 10.42 3.91 -2.24
CA SER A 62 11.85 3.63 -2.20
C SER A 62 12.44 4.00 -0.85
N GLU A 63 12.03 5.16 -0.32
CA GLU A 63 12.52 5.62 0.97
C GLU A 63 11.81 4.90 2.11
N PHE A 64 10.52 4.61 1.91
CA PHE A 64 9.73 3.94 2.93
C PHE A 64 10.30 2.56 3.24
N ASP A 65 10.57 1.78 2.19
CA ASP A 65 11.13 0.44 2.36
C ASP A 65 12.47 0.50 3.08
N ARG A 66 13.10 1.68 3.08
CA ARG A 66 14.39 1.87 3.73
C ARG A 66 14.21 2.24 5.19
N LEU A 67 12.95 2.27 5.65
CA LEU A 67 12.65 2.62 7.02
C LEU A 67 12.74 1.39 7.93
N ALA A 68 12.55 1.61 9.23
CA ALA A 68 12.60 0.52 10.20
C ALA A 68 11.26 -0.19 10.29
N LEU A 69 11.31 -1.51 10.44
CA LEU A 69 10.10 -2.32 10.53
C LEU A 69 9.02 -1.59 11.33
N TRP A 70 9.37 -1.17 12.54
CA TRP A 70 8.44 -0.47 13.40
C TRP A 70 7.86 0.76 12.70
N LYS A 71 8.71 1.47 11.97
CA LYS A 71 8.28 2.65 11.24
C LYS A 71 7.36 2.29 10.08
N ARG A 72 7.77 1.31 9.29
CA ARG A 72 6.97 0.85 8.15
C ARG A 72 5.64 0.27 8.62
N ASN A 73 5.63 -0.30 9.83
CA ASN A 73 4.43 -0.89 10.38
C ASN A 73 3.69 0.10 11.26
N GLU A 74 4.38 1.18 11.64
CA GLU A 74 3.79 2.22 12.48
C GLU A 74 3.07 3.27 11.64
N LEU A 75 3.72 3.69 10.56
CA LEU A 75 3.15 4.70 9.67
C LEU A 75 1.83 4.22 9.08
N LYS A 76 1.84 3.03 8.50
CA LYS A 76 0.64 2.46 7.90
C LYS A 76 -0.52 2.48 8.89
N LYS A 77 -0.22 2.20 10.16
CA LYS A 77 -1.23 2.18 11.20
C LYS A 77 -1.88 3.56 11.35
N GLN A 78 -1.09 4.61 11.13
CA GLN A 78 -1.57 5.98 11.24
C GLN A 78 -2.24 6.42 9.95
N ALA A 79 -1.92 5.74 8.85
CA ALA A 79 -2.49 6.06 7.55
C ALA A 79 -3.65 5.13 7.21
N ARG A 80 -4.08 4.34 8.19
CA ARG A 80 -5.18 3.41 8.00
C ARG A 80 -4.89 2.46 6.84
N LEU A 81 -3.61 2.14 6.66
CA LEU A 81 -3.19 1.24 5.58
C LEU A 81 -2.57 -0.03 6.15
N PHE A 82 -2.67 -0.21 7.46
CA PHE A 82 -2.12 -1.37 8.13
C PHE A 82 -3.23 -2.30 8.62
N SER A 83 -3.04 -3.60 8.41
CA SER A 83 -4.02 -4.59 8.82
C SER A 83 -3.36 -5.72 9.61
N GLY A 84 -2.17 -6.11 9.19
CA GLY A 84 -1.45 -7.18 9.87
C GLY A 84 -1.74 -8.54 9.28
N PRO A 85 -0.67 -9.26 8.90
CA PRO A 85 -0.80 -10.60 8.30
C PRO A 85 -1.25 -11.64 9.32
N SER A 86 -1.49 -12.85 8.86
CA SER A 86 -1.93 -13.94 9.72
C SER A 86 -0.84 -14.32 10.71
N SER A 87 -1.20 -14.40 11.98
CA SER A 87 -0.26 -14.76 13.03
C SER A 87 0.63 -15.92 12.60
N GLY A 88 0.00 -16.99 12.13
CA GLY A 88 0.74 -18.16 11.68
C GLY A 88 0.45 -19.39 12.51
N GLY A 1 3.67 -12.18 -23.61
CA GLY A 1 3.71 -11.54 -24.91
C GLY A 1 3.47 -10.04 -24.82
N SER A 2 2.39 -9.66 -24.15
CA SER A 2 2.04 -8.25 -24.01
C SER A 2 2.84 -7.60 -22.88
N SER A 3 3.87 -6.85 -23.26
CA SER A 3 4.73 -6.19 -22.29
C SER A 3 4.29 -4.73 -22.09
N GLY A 4 4.90 -4.07 -21.12
CA GLY A 4 4.56 -2.69 -20.83
C GLY A 4 5.60 -2.00 -19.97
N SER A 5 5.35 -0.74 -19.63
CA SER A 5 6.27 0.03 -18.81
C SER A 5 5.55 0.61 -17.59
N SER A 6 6.33 0.87 -16.53
CA SER A 6 5.77 1.43 -15.30
C SER A 6 4.88 2.62 -15.60
N GLY A 7 4.14 3.07 -14.59
CA GLY A 7 3.26 4.21 -14.76
C GLY A 7 1.80 3.84 -14.65
N ASN A 8 1.45 2.66 -15.17
CA ASN A 8 0.07 2.18 -15.13
C ASN A 8 -0.16 1.30 -13.91
N ALA A 9 0.83 0.48 -13.58
CA ALA A 9 0.73 -0.43 -12.44
C ALA A 9 2.11 -0.81 -11.94
N VAL A 10 2.27 -0.80 -10.61
CA VAL A 10 3.55 -1.16 -10.00
C VAL A 10 4.28 -2.24 -10.80
N ASN A 11 5.58 -2.05 -11.00
CA ASN A 11 6.37 -3.01 -11.75
C ASN A 11 6.97 -4.07 -10.82
N TRP A 12 6.31 -4.30 -9.69
CA TRP A 12 6.77 -5.28 -8.72
C TRP A 12 6.85 -6.67 -9.35
N GLY A 13 8.02 -7.29 -9.27
CA GLY A 13 8.21 -8.61 -9.83
C GLY A 13 7.56 -9.69 -8.99
N MET A 14 7.43 -9.44 -7.69
CA MET A 14 6.82 -10.40 -6.79
C MET A 14 5.34 -10.58 -7.09
N ARG A 15 4.55 -9.56 -6.82
CA ARG A 15 3.11 -9.61 -7.07
C ARG A 15 2.67 -8.40 -7.92
N GLU A 16 1.37 -8.35 -8.22
CA GLU A 16 0.82 -7.27 -9.01
C GLU A 16 -0.21 -6.47 -8.21
N TYR A 17 0.26 -5.40 -7.58
CA TYR A 17 -0.62 -4.55 -6.78
C TYR A 17 -1.21 -3.42 -7.62
N LYS A 18 -2.47 -3.59 -8.02
CA LYS A 18 -3.15 -2.58 -8.83
C LYS A 18 -3.14 -1.22 -8.14
N ILE A 19 -2.89 -0.17 -8.90
CA ILE A 19 -2.86 1.18 -8.35
C ILE A 19 -4.23 1.60 -7.85
N TYR A 20 -4.37 1.73 -6.53
CA TYR A 20 -5.63 2.13 -5.93
C TYR A 20 -5.46 3.39 -5.09
N PRO A 21 -6.52 4.21 -5.04
CA PRO A 21 -6.51 5.46 -4.28
C PRO A 21 -6.51 5.23 -2.77
N TYR A 22 -5.73 6.03 -2.05
CA TYR A 22 -5.63 5.91 -0.60
C TYR A 22 -7.01 5.76 0.02
N GLU A 23 -7.94 6.63 -0.36
CA GLU A 23 -9.30 6.59 0.17
C GLU A 23 -9.79 5.15 0.28
N LEU A 24 -10.03 4.52 -0.86
CA LEU A 24 -10.50 3.14 -0.88
C LEU A 24 -9.45 2.19 -0.33
N LEU A 25 -8.19 2.62 -0.36
CA LEU A 25 -7.09 1.80 0.14
C LEU A 25 -6.98 1.91 1.65
N LEU A 26 -7.96 2.56 2.28
CA LEU A 26 -7.98 2.74 3.72
C LEU A 26 -8.25 1.41 4.42
N VAL A 27 -8.07 1.39 5.74
CA VAL A 27 -8.30 0.19 6.53
C VAL A 27 -9.14 0.49 7.76
N THR A 28 -9.96 1.53 7.66
CA THR A 28 -10.83 1.93 8.77
C THR A 28 -11.46 0.70 9.44
N THR A 29 -11.27 0.59 10.75
CA THR A 29 -11.82 -0.52 11.51
C THR A 29 -13.34 -0.49 11.51
N ARG A 30 -13.91 0.66 11.86
CA ARG A 30 -15.36 0.82 11.90
C ARG A 30 -15.80 1.97 10.99
N GLY A 31 -15.10 2.14 9.88
CA GLY A 31 -15.43 3.20 8.94
C GLY A 31 -16.13 2.68 7.70
N ARG A 32 -15.91 3.35 6.57
CA ARG A 32 -16.53 2.95 5.31
C ARG A 32 -15.46 2.63 4.26
N ASN A 33 -14.63 1.64 4.56
CA ASN A 33 -13.57 1.23 3.65
C ASN A 33 -14.13 0.46 2.47
N ARG A 34 -13.56 0.68 1.29
CA ARG A 34 -14.01 0.01 0.08
C ARG A 34 -12.85 -0.73 -0.60
N LEU A 35 -12.04 -1.40 0.20
CA LEU A 35 -10.89 -2.14 -0.31
C LEU A 35 -11.33 -3.17 -1.35
N PRO A 36 -10.64 -3.18 -2.50
CA PRO A 36 -10.94 -4.11 -3.59
C PRO A 36 -10.58 -5.55 -3.25
N LYS A 37 -10.69 -6.44 -4.22
CA LYS A 37 -10.37 -7.85 -4.02
C LYS A 37 -9.01 -8.19 -4.63
N ASP A 38 -8.25 -7.15 -4.98
CA ASP A 38 -6.93 -7.35 -5.57
C ASP A 38 -5.87 -6.57 -4.79
N VAL A 39 -6.21 -6.20 -3.56
CA VAL A 39 -5.29 -5.45 -2.70
C VAL A 39 -4.66 -6.36 -1.66
N ASP A 40 -3.50 -5.96 -1.15
CA ASP A 40 -2.79 -6.73 -0.14
C ASP A 40 -2.90 -6.06 1.23
N ARG A 41 -3.71 -6.65 2.11
CA ARG A 41 -3.90 -6.10 3.45
C ARG A 41 -2.55 -5.85 4.13
N THR A 42 -1.50 -6.46 3.59
CA THR A 42 -0.16 -6.30 4.15
C THR A 42 0.67 -5.34 3.31
N ARG A 43 0.28 -5.17 2.05
CA ARG A 43 0.99 -4.28 1.15
C ARG A 43 0.05 -3.23 0.56
N LEU A 44 -1.02 -2.93 1.29
CA LEU A 44 -2.00 -1.95 0.83
C LEU A 44 -1.32 -0.66 0.40
N GLU A 45 -0.29 -0.25 1.15
CA GLU A 45 0.44 0.97 0.84
C GLU A 45 1.12 0.86 -0.52
N ARG A 46 1.53 -0.34 -0.88
CA ARG A 46 2.20 -0.58 -2.15
C ARG A 46 1.24 -0.34 -3.32
N HIS A 47 -0.05 -0.28 -3.01
CA HIS A 47 -1.07 -0.05 -4.03
C HIS A 47 -1.25 1.44 -4.29
N LEU A 48 -0.55 2.26 -3.52
CA LEU A 48 -0.63 3.70 -3.68
C LEU A 48 0.43 4.21 -4.66
N SER A 49 -0.01 4.98 -5.66
CA SER A 49 0.90 5.52 -6.65
C SER A 49 1.89 6.49 -6.01
N GLN A 50 3.14 6.43 -6.46
CA GLN A 50 4.19 7.30 -5.93
C GLN A 50 3.64 8.71 -5.67
N GLU A 51 2.59 9.08 -6.40
CA GLU A 51 1.98 10.39 -6.25
C GLU A 51 1.23 10.49 -4.92
N GLU A 52 0.39 9.51 -4.65
CA GLU A 52 -0.38 9.49 -3.42
C GLU A 52 0.43 8.89 -2.27
N PHE A 53 0.95 7.69 -2.49
CA PHE A 53 1.75 7.01 -1.48
C PHE A 53 2.60 8.01 -0.70
N TYR A 54 3.04 9.06 -1.38
CA TYR A 54 3.86 10.09 -0.75
C TYR A 54 3.00 11.11 -0.02
N GLN A 55 1.89 11.48 -0.64
CA GLN A 55 0.98 12.46 -0.05
C GLN A 55 0.36 11.93 1.24
N VAL A 56 0.48 10.61 1.45
CA VAL A 56 -0.06 9.98 2.64
C VAL A 56 1.03 9.77 3.69
N PHE A 57 2.08 9.05 3.30
CA PHE A 57 3.19 8.77 4.20
C PHE A 57 4.17 9.95 4.25
N GLY A 58 4.32 10.62 3.11
CA GLY A 58 5.22 11.75 3.04
C GLY A 58 6.58 11.39 2.45
N MET A 59 6.61 10.31 1.67
CA MET A 59 7.84 9.86 1.05
C MET A 59 7.56 8.88 -0.08
N THR A 60 8.61 8.43 -0.75
CA THR A 60 8.47 7.48 -1.85
C THR A 60 8.71 6.06 -1.38
N ILE A 61 7.93 5.11 -1.93
CA ILE A 61 8.08 3.71 -1.57
C ILE A 61 9.54 3.32 -1.43
N SER A 62 10.38 3.88 -2.30
CA SER A 62 11.81 3.58 -2.27
C SER A 62 12.42 3.93 -0.91
N GLU A 63 12.00 5.08 -0.36
CA GLU A 63 12.50 5.53 0.92
C GLU A 63 11.78 4.82 2.06
N PHE A 64 10.50 4.54 1.87
CA PHE A 64 9.70 3.87 2.88
C PHE A 64 10.27 2.49 3.20
N ASP A 65 10.55 1.72 2.14
CA ASP A 65 11.11 0.38 2.31
C ASP A 65 12.46 0.42 3.02
N ARG A 66 13.07 1.60 3.02
CA ARG A 66 14.37 1.79 3.66
C ARG A 66 14.21 2.18 5.12
N LEU A 67 12.97 2.20 5.60
CA LEU A 67 12.67 2.56 6.98
C LEU A 67 12.74 1.34 7.88
N ALA A 68 12.55 1.55 9.18
CA ALA A 68 12.59 0.46 10.15
C ALA A 68 11.23 -0.23 10.25
N LEU A 69 11.25 -1.55 10.40
CA LEU A 69 10.03 -2.33 10.50
C LEU A 69 8.97 -1.58 11.31
N TRP A 70 9.34 -1.17 12.50
CA TRP A 70 8.43 -0.44 13.38
C TRP A 70 7.87 0.80 12.68
N LYS A 71 8.74 1.49 11.95
CA LYS A 71 8.32 2.69 11.22
C LYS A 71 7.38 2.34 10.08
N ARG A 72 7.76 1.34 9.29
CA ARG A 72 6.96 0.91 8.16
C ARG A 72 5.61 0.35 8.62
N ASN A 73 5.61 -0.22 9.83
CA ASN A 73 4.39 -0.79 10.39
C ASN A 73 3.67 0.23 11.28
N GLU A 74 4.38 1.30 11.64
CA GLU A 74 3.81 2.34 12.49
C GLU A 74 3.09 3.38 11.64
N LEU A 75 3.71 3.77 10.54
CA LEU A 75 3.12 4.77 9.65
C LEU A 75 1.81 4.26 9.05
N LYS A 76 1.86 3.08 8.45
CA LYS A 76 0.68 2.49 7.85
C LYS A 76 -0.50 2.49 8.82
N LYS A 77 -0.22 2.18 10.08
CA LYS A 77 -1.24 2.15 11.11
C LYS A 77 -1.91 3.52 11.25
N GLN A 78 -1.13 4.58 11.07
CA GLN A 78 -1.64 5.94 11.17
C GLN A 78 -2.30 6.38 9.86
N ALA A 79 -1.96 5.68 8.78
CA ALA A 79 -2.52 6.00 7.48
C ALA A 79 -3.65 5.04 7.12
N ARG A 80 -4.09 4.26 8.09
CA ARG A 80 -5.16 3.29 7.88
C ARG A 80 -4.82 2.35 6.73
N LEU A 81 -3.53 2.06 6.56
CA LEU A 81 -3.08 1.17 5.50
C LEU A 81 -2.41 -0.07 6.08
N PHE A 82 -2.60 -0.29 7.38
CA PHE A 82 -2.03 -1.45 8.04
C PHE A 82 -3.12 -2.37 8.57
N SER A 83 -2.99 -3.67 8.27
CA SER A 83 -3.95 -4.65 8.71
C SER A 83 -3.27 -5.81 9.44
N GLY A 84 -2.35 -5.46 10.34
CA GLY A 84 -1.64 -6.47 11.09
C GLY A 84 -2.51 -7.66 11.44
N PRO A 85 -2.20 -8.83 10.85
CA PRO A 85 -2.96 -10.06 11.08
C PRO A 85 -2.74 -10.61 12.49
N SER A 86 -1.93 -9.91 13.27
CA SER A 86 -1.64 -10.34 14.64
C SER A 86 -2.67 -9.77 15.61
N SER A 87 -3.62 -10.61 16.01
CA SER A 87 -4.67 -10.19 16.93
C SER A 87 -4.07 -9.52 18.16
N GLY A 88 -4.90 -8.75 18.87
CA GLY A 88 -4.43 -8.06 20.06
C GLY A 88 -4.29 -6.57 19.85
N GLY A 1 14.85 -8.67 -11.52
CA GLY A 1 13.64 -8.48 -12.29
C GLY A 1 13.46 -9.52 -13.38
N SER A 2 12.99 -10.70 -12.99
CA SER A 2 12.79 -11.79 -13.93
C SER A 2 11.56 -11.54 -14.79
N SER A 3 10.45 -11.18 -14.15
CA SER A 3 9.21 -10.91 -14.85
C SER A 3 8.78 -9.46 -14.67
N GLY A 4 8.02 -8.95 -15.63
CA GLY A 4 7.56 -7.57 -15.56
C GLY A 4 6.35 -7.32 -16.45
N SER A 5 5.26 -6.87 -15.85
CA SER A 5 4.04 -6.58 -16.60
C SER A 5 3.68 -5.11 -16.50
N SER A 6 4.68 -4.24 -16.63
CA SER A 6 4.46 -2.81 -16.55
C SER A 6 3.27 -2.39 -17.41
N GLY A 7 2.13 -2.20 -16.76
CA GLY A 7 0.93 -1.81 -17.48
C GLY A 7 -0.08 -1.13 -16.58
N ASN A 8 -0.05 0.20 -16.56
CA ASN A 8 -0.98 0.97 -15.73
C ASN A 8 -1.04 0.41 -14.31
N ALA A 9 0.11 0.04 -13.77
CA ALA A 9 0.19 -0.52 -12.43
C ALA A 9 1.63 -0.58 -11.94
N VAL A 10 1.82 -1.13 -10.74
CA VAL A 10 3.15 -1.26 -10.16
C VAL A 10 4.00 -2.25 -10.95
N ASN A 11 5.25 -2.43 -10.51
CA ASN A 11 6.16 -3.35 -11.17
C ASN A 11 6.71 -4.37 -10.19
N TRP A 12 5.84 -4.84 -9.29
CA TRP A 12 6.24 -5.83 -8.29
C TRP A 12 6.27 -7.24 -8.90
N GLY A 13 7.43 -7.87 -8.85
CA GLY A 13 7.57 -9.21 -9.40
C GLY A 13 6.77 -10.23 -8.61
N MET A 14 6.76 -10.10 -7.30
CA MET A 14 6.04 -11.03 -6.44
C MET A 14 4.57 -11.11 -6.85
N ARG A 15 3.85 -10.01 -6.66
CA ARG A 15 2.43 -9.95 -7.00
C ARG A 15 2.10 -8.65 -7.74
N GLU A 16 0.85 -8.53 -8.18
CA GLU A 16 0.42 -7.34 -8.90
C GLU A 16 -0.61 -6.56 -8.08
N TYR A 17 -0.15 -5.48 -7.46
CA TYR A 17 -1.03 -4.65 -6.64
C TYR A 17 -1.62 -3.50 -7.45
N LYS A 18 -2.89 -3.65 -7.83
CA LYS A 18 -3.58 -2.63 -8.61
C LYS A 18 -3.49 -1.27 -7.93
N ILE A 19 -3.35 -0.21 -8.73
CA ILE A 19 -3.26 1.14 -8.20
C ILE A 19 -4.60 1.61 -7.66
N TYR A 20 -4.70 1.73 -6.34
CA TYR A 20 -5.93 2.17 -5.69
C TYR A 20 -5.69 3.43 -4.88
N PRO A 21 -6.72 4.29 -4.80
CA PRO A 21 -6.66 5.55 -4.06
C PRO A 21 -6.62 5.33 -2.55
N TYR A 22 -5.83 6.13 -1.86
CA TYR A 22 -5.70 6.02 -0.41
C TYR A 22 -7.07 5.93 0.25
N GLU A 23 -7.97 6.83 -0.14
CA GLU A 23 -9.32 6.85 0.42
C GLU A 23 -9.86 5.43 0.57
N LEU A 24 -10.14 4.79 -0.56
CA LEU A 24 -10.68 3.44 -0.56
C LEU A 24 -9.65 2.45 0.00
N LEU A 25 -8.38 2.83 -0.04
CA LEU A 25 -7.30 1.99 0.46
C LEU A 25 -7.16 2.13 1.98
N LEU A 26 -8.13 2.78 2.60
CA LEU A 26 -8.13 2.98 4.04
C LEU A 26 -8.47 1.69 4.77
N VAL A 27 -8.26 1.68 6.09
CA VAL A 27 -8.56 0.51 6.90
C VAL A 27 -9.30 0.90 8.17
N THR A 28 -10.03 2.01 8.11
CA THR A 28 -10.79 2.49 9.27
C THR A 28 -11.30 1.33 10.11
N THR A 29 -11.09 1.42 11.42
CA THR A 29 -11.52 0.38 12.34
C THR A 29 -13.04 0.37 12.48
N ARG A 30 -13.67 1.45 12.04
CA ARG A 30 -15.12 1.56 12.11
C ARG A 30 -15.72 1.88 10.74
N GLY A 31 -15.36 3.05 10.20
CA GLY A 31 -15.86 3.45 8.91
C GLY A 31 -15.93 2.30 7.93
N ARG A 32 -16.88 2.36 7.00
CA ARG A 32 -17.05 1.31 6.01
C ARG A 32 -16.01 1.45 4.89
N ASN A 33 -14.82 0.91 5.14
CA ASN A 33 -13.75 0.97 4.16
C ASN A 33 -14.21 0.43 2.80
N ARG A 34 -13.67 1.01 1.74
CA ARG A 34 -14.02 0.59 0.39
C ARG A 34 -12.89 -0.21 -0.25
N LEU A 35 -12.15 -0.95 0.58
CA LEU A 35 -11.04 -1.76 0.09
C LEU A 35 -11.54 -2.86 -0.85
N PRO A 36 -10.89 -2.95 -2.03
CA PRO A 36 -11.25 -3.95 -3.04
C PRO A 36 -10.89 -5.37 -2.61
N LYS A 37 -11.05 -6.32 -3.52
CA LYS A 37 -10.74 -7.72 -3.23
C LYS A 37 -9.39 -8.11 -3.84
N ASP A 38 -8.65 -7.12 -4.31
CA ASP A 38 -7.34 -7.36 -4.91
C ASP A 38 -6.26 -6.58 -4.19
N VAL A 39 -6.57 -6.12 -2.98
CA VAL A 39 -5.62 -5.35 -2.18
C VAL A 39 -5.02 -6.21 -1.07
N ASP A 40 -3.80 -5.88 -0.67
CA ASP A 40 -3.11 -6.62 0.38
C ASP A 40 -3.08 -5.81 1.68
N ARG A 41 -3.85 -6.26 2.66
CA ARG A 41 -3.91 -5.57 3.96
C ARG A 41 -2.51 -5.34 4.51
N THR A 42 -1.53 -6.06 3.97
CA THR A 42 -0.15 -5.95 4.41
C THR A 42 0.67 -5.11 3.44
N ARG A 43 0.16 -4.97 2.22
CA ARG A 43 0.85 -4.20 1.18
C ARG A 43 -0.06 -3.12 0.61
N LEU A 44 -1.04 -2.69 1.41
CA LEU A 44 -1.98 -1.67 0.98
C LEU A 44 -1.25 -0.43 0.47
N GLU A 45 -0.20 -0.04 1.19
CA GLU A 45 0.59 1.13 0.81
C GLU A 45 1.15 0.97 -0.61
N ARG A 46 1.48 -0.25 -0.97
CA ARG A 46 2.04 -0.53 -2.28
C ARG A 46 1.00 -0.27 -3.37
N HIS A 47 -0.27 -0.28 -2.99
CA HIS A 47 -1.36 -0.03 -3.93
C HIS A 47 -1.52 1.46 -4.20
N LEU A 48 -0.72 2.27 -3.51
CA LEU A 48 -0.76 3.72 -3.68
C LEU A 48 0.26 4.19 -4.70
N SER A 49 -0.19 5.00 -5.66
CA SER A 49 0.68 5.50 -6.71
C SER A 49 1.77 6.39 -6.11
N GLN A 50 2.99 6.25 -6.61
CA GLN A 50 4.12 7.03 -6.13
C GLN A 50 3.69 8.48 -5.85
N GLU A 51 2.64 8.93 -6.54
CA GLU A 51 2.14 10.28 -6.36
C GLU A 51 1.35 10.40 -5.05
N GLU A 52 0.48 9.44 -4.80
CA GLU A 52 -0.33 9.44 -3.59
C GLU A 52 0.44 8.85 -2.41
N PHE A 53 0.98 7.65 -2.61
CA PHE A 53 1.74 6.98 -1.56
C PHE A 53 2.59 7.97 -0.78
N TYR A 54 3.03 9.03 -1.45
CA TYR A 54 3.86 10.06 -0.83
C TYR A 54 2.98 11.08 -0.11
N GLN A 55 1.87 11.45 -0.73
CA GLN A 55 0.95 12.42 -0.15
C GLN A 55 0.33 11.88 1.14
N VAL A 56 0.44 10.57 1.34
CA VAL A 56 -0.11 9.94 2.53
C VAL A 56 0.97 9.73 3.58
N PHE A 57 2.03 9.03 3.21
CA PHE A 57 3.13 8.76 4.13
C PHE A 57 4.09 9.94 4.18
N GLY A 58 4.26 10.61 3.05
CA GLY A 58 5.16 11.75 2.99
C GLY A 58 6.51 11.39 2.42
N MET A 59 6.56 10.33 1.63
CA MET A 59 7.81 9.89 1.02
C MET A 59 7.54 8.89 -0.11
N THR A 60 8.60 8.44 -0.76
CA THR A 60 8.49 7.48 -1.85
C THR A 60 8.74 6.06 -1.38
N ILE A 61 7.98 5.11 -1.92
CA ILE A 61 8.13 3.71 -1.54
C ILE A 61 9.60 3.32 -1.41
N SER A 62 10.44 3.93 -2.25
CA SER A 62 11.87 3.64 -2.23
C SER A 62 12.47 4.01 -0.87
N GLU A 63 12.04 5.14 -0.33
CA GLU A 63 12.54 5.61 0.97
C GLU A 63 11.82 4.90 2.12
N PHE A 64 10.54 4.60 1.91
CA PHE A 64 9.74 3.93 2.93
C PHE A 64 10.34 2.57 3.28
N ASP A 65 10.67 1.80 2.26
CA ASP A 65 11.25 0.47 2.46
C ASP A 65 12.58 0.58 3.19
N ARG A 66 13.15 1.77 3.22
CA ARG A 66 14.43 2.01 3.88
C ARG A 66 14.22 2.37 5.35
N LEU A 67 12.96 2.37 5.78
CA LEU A 67 12.63 2.70 7.16
C LEU A 67 12.74 1.47 8.05
N ALA A 68 12.52 1.67 9.35
CA ALA A 68 12.60 0.59 10.31
C ALA A 68 11.28 -0.18 10.39
N LEU A 69 11.37 -1.50 10.48
CA LEU A 69 10.19 -2.35 10.55
C LEU A 69 9.08 -1.67 11.35
N TRP A 70 9.43 -1.21 12.55
CA TRP A 70 8.46 -0.53 13.41
C TRP A 70 7.89 0.70 12.72
N LYS A 71 8.74 1.44 12.03
CA LYS A 71 8.30 2.64 11.33
C LYS A 71 7.39 2.29 10.16
N ARG A 72 7.81 1.30 9.37
CA ARG A 72 7.04 0.86 8.21
C ARG A 72 5.69 0.29 8.65
N ASN A 73 5.64 -0.24 9.87
CA ASN A 73 4.41 -0.83 10.40
C ASN A 73 3.65 0.20 11.25
N GLU A 74 4.36 1.23 11.70
CA GLU A 74 3.76 2.27 12.51
C GLU A 74 3.04 3.30 11.65
N LEU A 75 3.68 3.69 10.55
CA LEU A 75 3.10 4.67 9.64
C LEU A 75 1.78 4.17 9.06
N LYS A 76 1.82 2.99 8.46
CA LYS A 76 0.63 2.39 7.86
C LYS A 76 -0.54 2.41 8.85
N LYS A 77 -0.24 2.15 10.12
CA LYS A 77 -1.27 2.15 11.16
C LYS A 77 -1.90 3.52 11.31
N GLN A 78 -1.10 4.57 11.10
CA GLN A 78 -1.59 5.94 11.20
C GLN A 78 -2.24 6.38 9.89
N ALA A 79 -1.95 5.67 8.81
CA ALA A 79 -2.50 5.99 7.50
C ALA A 79 -3.67 5.07 7.16
N ARG A 80 -4.13 4.32 8.15
CA ARG A 80 -5.25 3.40 7.96
C ARG A 80 -4.95 2.41 6.83
N LEU A 81 -3.68 2.07 6.67
CA LEU A 81 -3.26 1.15 5.62
C LEU A 81 -2.64 -0.12 6.23
N PHE A 82 -2.82 -0.29 7.53
CA PHE A 82 -2.29 -1.46 8.23
C PHE A 82 -3.40 -2.24 8.91
N SER A 83 -3.38 -3.56 8.74
CA SER A 83 -4.39 -4.42 9.35
C SER A 83 -3.74 -5.64 9.99
N GLY A 84 -3.31 -5.49 11.24
CA GLY A 84 -2.69 -6.59 11.95
C GLY A 84 -3.33 -7.93 11.64
N PRO A 85 -2.71 -8.71 10.74
CA PRO A 85 -3.22 -10.02 10.34
C PRO A 85 -3.10 -11.05 11.46
N SER A 86 -2.60 -10.61 12.61
CA SER A 86 -2.44 -11.50 13.76
C SER A 86 -3.28 -11.03 14.94
N SER A 87 -3.93 -11.98 15.61
CA SER A 87 -4.78 -11.66 16.75
C SER A 87 -4.36 -12.47 17.97
N GLY A 88 -4.19 -13.77 17.79
CA GLY A 88 -3.80 -14.63 18.89
C GLY A 88 -3.03 -15.86 18.41
N GLY A 1 11.77 -12.28 -19.05
CA GLY A 1 11.27 -11.79 -20.32
C GLY A 1 9.97 -11.02 -20.18
N SER A 2 9.35 -10.68 -21.29
CA SER A 2 8.10 -9.93 -21.28
C SER A 2 7.18 -10.38 -22.42
N SER A 3 5.88 -10.34 -22.18
CA SER A 3 4.90 -10.75 -23.18
C SER A 3 4.68 -9.64 -24.21
N GLY A 4 4.51 -8.41 -23.72
CA GLY A 4 4.29 -7.29 -24.60
C GLY A 4 3.91 -6.03 -23.85
N SER A 5 2.65 -5.95 -23.43
CA SER A 5 2.16 -4.79 -22.70
C SER A 5 2.04 -5.09 -21.21
N SER A 6 2.17 -4.06 -20.37
CA SER A 6 2.07 -4.22 -18.93
C SER A 6 0.82 -3.53 -18.39
N GLY A 7 0.67 -2.25 -18.71
CA GLY A 7 -0.48 -1.49 -18.25
C GLY A 7 -0.14 -0.52 -17.15
N ASN A 8 -1.04 0.41 -16.88
CA ASN A 8 -0.83 1.41 -15.84
C ASN A 8 -1.03 0.80 -14.46
N ALA A 9 0.06 0.34 -13.85
CA ALA A 9 0.01 -0.27 -12.53
C ALA A 9 1.41 -0.55 -11.99
N VAL A 10 1.54 -0.53 -10.67
CA VAL A 10 2.83 -0.78 -10.03
C VAL A 10 3.64 -1.82 -10.81
N ASN A 11 4.90 -1.49 -11.07
CA ASN A 11 5.78 -2.39 -11.80
C ASN A 11 6.49 -3.35 -10.86
N TRP A 12 5.77 -3.81 -9.83
CA TRP A 12 6.32 -4.74 -8.87
C TRP A 12 6.63 -6.08 -9.50
N GLY A 13 7.19 -7.00 -8.71
CA GLY A 13 7.52 -8.32 -9.22
C GLY A 13 6.83 -9.42 -8.43
N MET A 14 6.93 -9.34 -7.11
CA MET A 14 6.31 -10.35 -6.25
C MET A 14 4.85 -10.57 -6.61
N ARG A 15 4.15 -9.48 -6.90
CA ARG A 15 2.74 -9.55 -7.26
C ARG A 15 2.32 -8.32 -8.07
N GLU A 16 1.04 -8.25 -8.41
CA GLU A 16 0.52 -7.13 -9.18
C GLU A 16 -0.51 -6.34 -8.37
N TYR A 17 -0.05 -5.32 -7.67
CA TYR A 17 -0.92 -4.50 -6.84
C TYR A 17 -1.48 -3.33 -7.65
N LYS A 18 -2.73 -3.46 -8.08
CA LYS A 18 -3.39 -2.41 -8.85
C LYS A 18 -3.37 -1.08 -8.12
N ILE A 19 -3.21 0.00 -8.87
CA ILE A 19 -3.17 1.34 -8.29
C ILE A 19 -4.54 1.74 -7.75
N TYR A 20 -4.66 1.78 -6.42
CA TYR A 20 -5.91 2.16 -5.78
C TYR A 20 -5.74 3.43 -4.95
N PRO A 21 -6.81 4.23 -4.88
CA PRO A 21 -6.81 5.48 -4.12
C PRO A 21 -6.76 5.25 -2.61
N TYR A 22 -5.97 6.05 -1.91
CA TYR A 22 -5.84 5.93 -0.47
C TYR A 22 -7.21 5.79 0.20
N GLU A 23 -8.14 6.66 -0.20
CA GLU A 23 -9.49 6.62 0.36
C GLU A 23 -9.99 5.19 0.50
N LEU A 24 -10.21 4.53 -0.63
CA LEU A 24 -10.69 3.15 -0.64
C LEU A 24 -9.63 2.20 -0.10
N LEU A 25 -8.37 2.65 -0.14
CA LEU A 25 -7.26 1.83 0.35
C LEU A 25 -7.12 1.97 1.87
N LEU A 26 -8.12 2.58 2.50
CA LEU A 26 -8.12 2.76 3.95
C LEU A 26 -8.36 1.44 4.66
N VAL A 27 -8.16 1.44 5.98
CA VAL A 27 -8.37 0.24 6.78
C VAL A 27 -9.14 0.57 8.07
N THR A 28 -9.79 1.73 8.08
CA THR A 28 -10.55 2.16 9.24
C THR A 28 -11.78 1.27 9.46
N THR A 29 -11.71 0.41 10.47
CA THR A 29 -12.81 -0.49 10.78
C THR A 29 -14.14 0.25 10.83
N ARG A 30 -14.28 1.15 11.78
CA ARG A 30 -15.51 1.92 11.94
C ARG A 30 -15.53 3.09 10.96
N GLY A 31 -15.18 2.82 9.70
CA GLY A 31 -15.17 3.86 8.69
C GLY A 31 -15.75 3.40 7.38
N ARG A 32 -15.34 4.06 6.29
CA ARG A 32 -15.83 3.71 4.96
C ARG A 32 -14.72 3.11 4.11
N ASN A 33 -14.28 1.91 4.48
CA ASN A 33 -13.22 1.23 3.75
C ASN A 33 -13.78 0.43 2.59
N ARG A 34 -13.48 0.85 1.37
CA ARG A 34 -13.96 0.16 0.18
C ARG A 34 -12.86 -0.71 -0.43
N LEU A 35 -11.99 -1.21 0.43
CA LEU A 35 -10.88 -2.06 -0.02
C LEU A 35 -11.37 -3.12 -1.01
N PRO A 36 -10.76 -3.15 -2.20
CA PRO A 36 -11.11 -4.10 -3.25
C PRO A 36 -10.73 -5.54 -2.89
N LYS A 37 -10.93 -6.45 -3.83
CA LYS A 37 -10.60 -7.85 -3.62
C LYS A 37 -9.27 -8.21 -4.26
N ASP A 38 -8.55 -7.19 -4.72
CA ASP A 38 -7.25 -7.40 -5.35
C ASP A 38 -6.16 -6.62 -4.61
N VAL A 39 -6.45 -6.25 -3.37
CA VAL A 39 -5.49 -5.51 -2.56
C VAL A 39 -4.84 -6.41 -1.51
N ASP A 40 -3.67 -6.02 -1.04
CA ASP A 40 -2.95 -6.79 -0.04
C ASP A 40 -2.98 -6.09 1.32
N ARG A 41 -3.76 -6.64 2.24
CA ARG A 41 -3.88 -6.06 3.58
C ARG A 41 -2.49 -5.82 4.20
N THR A 42 -1.48 -6.48 3.62
CA THR A 42 -0.12 -6.35 4.11
C THR A 42 0.70 -5.39 3.24
N ARG A 43 0.25 -5.21 2.01
CA ARG A 43 0.94 -4.33 1.07
C ARG A 43 -0.01 -3.28 0.51
N LEU A 44 -1.03 -2.93 1.30
CA LEU A 44 -2.01 -1.94 0.88
C LEU A 44 -1.33 -0.65 0.43
N GLU A 45 -0.31 -0.23 1.18
CA GLU A 45 0.42 0.98 0.85
C GLU A 45 1.07 0.87 -0.54
N ARG A 46 1.41 -0.34 -0.93
CA ARG A 46 2.03 -0.58 -2.23
C ARG A 46 1.03 -0.35 -3.36
N HIS A 47 -0.25 -0.28 -3.00
CA HIS A 47 -1.30 -0.07 -3.99
C HIS A 47 -1.49 1.42 -4.26
N LEU A 48 -0.75 2.26 -3.53
CA LEU A 48 -0.84 3.70 -3.69
C LEU A 48 0.17 4.19 -4.72
N SER A 49 -0.29 5.03 -5.64
CA SER A 49 0.58 5.58 -6.69
C SER A 49 1.68 6.44 -6.08
N GLN A 50 2.90 6.28 -6.58
CA GLN A 50 4.03 7.04 -6.09
C GLN A 50 3.64 8.48 -5.79
N GLU A 51 2.59 8.95 -6.47
CA GLU A 51 2.11 10.32 -6.28
C GLU A 51 1.35 10.45 -4.96
N GLU A 52 0.46 9.49 -4.71
CA GLU A 52 -0.35 9.49 -3.50
C GLU A 52 0.44 8.89 -2.32
N PHE A 53 0.95 7.68 -2.53
CA PHE A 53 1.72 7.00 -1.49
C PHE A 53 2.59 7.98 -0.73
N TYR A 54 3.06 9.02 -1.41
CA TYR A 54 3.91 10.03 -0.79
C TYR A 54 3.06 11.08 -0.08
N GLN A 55 1.95 11.46 -0.70
CA GLN A 55 1.06 12.46 -0.13
C GLN A 55 0.44 11.95 1.17
N VAL A 56 0.51 10.65 1.39
CA VAL A 56 -0.05 10.03 2.59
C VAL A 56 1.03 9.81 3.64
N PHE A 57 2.07 9.06 3.27
CA PHE A 57 3.16 8.77 4.19
C PHE A 57 4.15 9.94 4.23
N GLY A 58 4.30 10.63 3.11
CA GLY A 58 5.22 11.76 3.05
C GLY A 58 6.57 11.38 2.49
N MET A 59 6.61 10.31 1.69
CA MET A 59 7.85 9.84 1.09
C MET A 59 7.57 8.85 -0.03
N THR A 60 8.62 8.45 -0.74
CA THR A 60 8.48 7.51 -1.84
C THR A 60 8.74 6.07 -1.37
N ILE A 61 7.97 5.13 -1.91
CA ILE A 61 8.12 3.73 -1.54
C ILE A 61 9.59 3.36 -1.38
N SER A 62 10.42 3.89 -2.26
CA SER A 62 11.86 3.61 -2.20
C SER A 62 12.44 3.99 -0.85
N GLU A 63 12.02 5.15 -0.33
CA GLU A 63 12.50 5.63 0.95
C GLU A 63 11.77 4.92 2.11
N PHE A 64 10.50 4.61 1.89
CA PHE A 64 9.71 3.93 2.91
C PHE A 64 10.31 2.58 3.27
N ASP A 65 10.59 1.77 2.25
CA ASP A 65 11.17 0.45 2.46
C ASP A 65 12.54 0.57 3.14
N ARG A 66 13.06 1.78 3.19
CA ARG A 66 14.36 2.02 3.82
C ARG A 66 14.20 2.40 5.29
N LEU A 67 12.95 2.42 5.75
CA LEU A 67 12.66 2.77 7.13
C LEU A 67 12.76 1.55 8.04
N ALA A 68 12.55 1.76 9.34
CA ALA A 68 12.62 0.68 10.31
C ALA A 68 11.31 -0.09 10.37
N LEU A 69 11.41 -1.41 10.47
CA LEU A 69 10.22 -2.27 10.53
C LEU A 69 9.10 -1.60 11.32
N TRP A 70 9.42 -1.19 12.55
CA TRP A 70 8.45 -0.53 13.40
C TRP A 70 7.85 0.70 12.72
N LYS A 71 8.71 1.46 12.04
CA LYS A 71 8.27 2.66 11.34
C LYS A 71 7.37 2.30 10.16
N ARG A 72 7.80 1.34 9.36
CA ARG A 72 7.02 0.90 8.21
C ARG A 72 5.67 0.34 8.63
N ASN A 73 5.63 -0.23 9.83
CA ASN A 73 4.39 -0.81 10.35
C ASN A 73 3.63 0.21 11.20
N GLU A 74 4.34 1.25 11.65
CA GLU A 74 3.73 2.28 12.48
C GLU A 74 3.04 3.33 11.59
N LEU A 75 3.70 3.72 10.52
CA LEU A 75 3.14 4.70 9.60
C LEU A 75 1.82 4.23 9.01
N LYS A 76 1.84 3.05 8.40
CA LYS A 76 0.65 2.48 7.79
C LYS A 76 -0.52 2.49 8.79
N LYS A 77 -0.22 2.16 10.04
CA LYS A 77 -1.24 2.12 11.09
C LYS A 77 -1.89 3.49 11.24
N GLN A 78 -1.09 4.55 11.08
CA GLN A 78 -1.59 5.91 11.21
C GLN A 78 -2.28 6.36 9.92
N ALA A 79 -1.97 5.68 8.82
CA ALA A 79 -2.56 6.02 7.53
C ALA A 79 -3.70 5.07 7.19
N ARG A 80 -4.10 4.26 8.16
CA ARG A 80 -5.19 3.30 7.97
C ARG A 80 -4.88 2.37 6.80
N LEU A 81 -3.60 2.07 6.60
CA LEU A 81 -3.17 1.19 5.52
C LEU A 81 -2.49 -0.06 6.08
N PHE A 82 -2.67 -0.30 7.37
CA PHE A 82 -2.09 -1.47 8.03
C PHE A 82 -3.18 -2.40 8.55
N SER A 83 -2.92 -3.70 8.48
CA SER A 83 -3.87 -4.70 8.94
C SER A 83 -3.19 -5.75 9.81
N GLY A 84 -1.96 -6.11 9.43
CA GLY A 84 -1.22 -7.10 10.19
C GLY A 84 -1.26 -8.47 9.55
N PRO A 85 -0.13 -9.19 9.60
CA PRO A 85 -0.01 -10.52 9.02
C PRO A 85 -0.81 -11.57 9.79
N SER A 86 -1.85 -12.11 9.17
CA SER A 86 -2.71 -13.10 9.81
C SER A 86 -2.22 -14.51 9.48
N SER A 87 -2.20 -15.37 10.48
CA SER A 87 -1.76 -16.75 10.30
C SER A 87 -2.95 -17.69 10.23
N GLY A 88 -3.22 -18.22 9.04
CA GLY A 88 -4.33 -19.13 8.86
C GLY A 88 -4.08 -20.14 7.76
#